data_1VJX
# 
_entry.id   1VJX 
# 
_audit_conform.dict_name       mmcif_pdbx.dic 
_audit_conform.dict_version    5.397 
_audit_conform.dict_location   http://mmcif.pdb.org/dictionaries/ascii/mmcif_pdbx.dic 
# 
loop_
_database_2.database_id 
_database_2.database_code 
_database_2.pdbx_database_accession 
_database_2.pdbx_DOI 
PDB   1VJX         pdb_00001vjx 10.2210/pdb1vjx/pdb 
RCSB  RCSB001932   ?            ?                   
WWPDB D_1000001932 ?            ?                   
# 
loop_
_pdbx_audit_revision_history.ordinal 
_pdbx_audit_revision_history.data_content_type 
_pdbx_audit_revision_history.major_revision 
_pdbx_audit_revision_history.minor_revision 
_pdbx_audit_revision_history.revision_date 
1 'Structure model' 1 0 2004-04-13 
2 'Structure model' 1 1 2008-04-26 
3 'Structure model' 1 2 2011-07-13 
4 'Structure model' 1 3 2023-12-27 
5 'Structure model' 1 4 2024-10-30 
# 
_pdbx_audit_revision_details.ordinal             1 
_pdbx_audit_revision_details.revision_ordinal    1 
_pdbx_audit_revision_details.data_content_type   'Structure model' 
_pdbx_audit_revision_details.provider            repository 
_pdbx_audit_revision_details.type                'Initial release' 
_pdbx_audit_revision_details.description         ? 
_pdbx_audit_revision_details.details             ? 
# 
loop_
_pdbx_audit_revision_group.ordinal 
_pdbx_audit_revision_group.revision_ordinal 
_pdbx_audit_revision_group.data_content_type 
_pdbx_audit_revision_group.group 
1 2 'Structure model' 'Version format compliance' 
2 3 'Structure model' Advisory                    
3 3 'Structure model' 'Version format compliance' 
4 4 'Structure model' 'Data collection'           
5 4 'Structure model' 'Database references'       
6 4 'Structure model' 'Derived calculations'      
7 5 'Structure model' 'Structure summary'         
# 
loop_
_pdbx_audit_revision_category.ordinal 
_pdbx_audit_revision_category.revision_ordinal 
_pdbx_audit_revision_category.data_content_type 
_pdbx_audit_revision_category.category 
1 4 'Structure model' chem_comp_atom            
2 4 'Structure model' chem_comp_bond            
3 4 'Structure model' database_2                
4 4 'Structure model' struct_conn               
5 4 'Structure model' struct_ref_seq_dif        
6 5 'Structure model' pdbx_entry_details        
7 5 'Structure model' pdbx_modification_feature 
# 
loop_
_pdbx_audit_revision_item.ordinal 
_pdbx_audit_revision_item.revision_ordinal 
_pdbx_audit_revision_item.data_content_type 
_pdbx_audit_revision_item.item 
1 4 'Structure model' '_database_2.pdbx_DOI'                
2 4 'Structure model' '_database_2.pdbx_database_accession' 
3 4 'Structure model' '_struct_conn.pdbx_leaving_atom_flag' 
4 4 'Structure model' '_struct_ref_seq_dif.details'         
# 
_pdbx_database_status.entry_id                        1VJX 
_pdbx_database_status.status_code                     REL 
_pdbx_database_status.deposit_site                    RCSB 
_pdbx_database_status.process_site                    RCSB 
_pdbx_database_status.recvd_initial_deposition_date   2004-04-01 
_pdbx_database_status.SG_entry                        Y 
_pdbx_database_status.status_code_sf                  REL 
_pdbx_database_status.status_code_cs                  ? 
_pdbx_database_status.pdb_format_compatible           Y 
_pdbx_database_status.status_code_mr                  ? 
_pdbx_database_status.status_code_nmr_data            ? 
_pdbx_database_status.methods_development_category    ? 
# 
_pdbx_database_related.db_name        TargetDB 
_pdbx_database_related.db_id          283383 
_pdbx_database_related.details        . 
_pdbx_database_related.content_type   unspecified 
# 
_audit_author.name           'Joint Center for Structural Genomics (JCSG)' 
_audit_author.pdbx_ordinal   1 
# 
_citation.id                        primary 
_citation.title                     
'Crystal structure of putative ferritin-like diiron-carboxylate protein (TM1526) from Thermotoga maritima at 2.30 A resolution' 
_citation.journal_abbrev            'To be published' 
_citation.journal_volume            ? 
_citation.page_first                ? 
_citation.page_last                 ? 
_citation.year                      ? 
_citation.journal_id_ASTM           ? 
_citation.country                   ? 
_citation.journal_id_ISSN           ? 
_citation.journal_id_CSD            0353 
_citation.book_publisher            ? 
_citation.pdbx_database_id_PubMed   ? 
_citation.pdbx_database_id_DOI      ? 
# 
_citation_author.citation_id        primary 
_citation_author.name               'Joint Center for Structural Genomics (JCSG)' 
_citation_author.ordinal            1 
_citation_author.identifier_ORCID   ? 
# 
loop_
_entity.id 
_entity.type 
_entity.src_method 
_entity.pdbx_description 
_entity.formula_weight 
_entity.pdbx_number_of_molecules 
_entity.pdbx_ec 
_entity.pdbx_mutation 
_entity.pdbx_fragment 
_entity.details 
1 polymer man 'putative ferritin-like diiron-carboxylate protein TM1526' 18821.848 1  ? ? ? ? 
2 water   nat water                                                      18.015    60 ? ? ? ? 
# 
_entity_poly.entity_id                      1 
_entity_poly.type                           'polypeptide(L)' 
_entity_poly.nstd_linkage                   no 
_entity_poly.nstd_monomer                   yes 
_entity_poly.pdbx_seq_one_letter_code       
;MGSDKIHHHHHH(MSE)KVSDILTVAIRLEEEGERFYRELSEHFNGEIKKTFLELADQERIHAEIFRK(MSE)SDQENWD
EVDSYLAGYAFYEVFPDTSEILRRKDLTLKEVLDIAISVEKDSIILYYELKDGLVNSDAQKTVKKIIDQEKEHLRKLLE
(MSE)KREST
;
_entity_poly.pdbx_seq_one_letter_code_can   
;MGSDKIHHHHHHMKVSDILTVAIRLEEEGERFYRELSEHFNGEIKKTFLELADQERIHAEIFRKMSDQENWDEVDSYLAG
YAFYEVFPDTSEILRRKDLTLKEVLDIAISVEKDSIILYYELKDGLVNSDAQKTVKKIIDQEKEHLRKLLEMKREST
;
_entity_poly.pdbx_strand_id                 A 
_entity_poly.pdbx_target_identifier         283383 
# 
_pdbx_entity_nonpoly.entity_id   2 
_pdbx_entity_nonpoly.name        water 
_pdbx_entity_nonpoly.comp_id     HOH 
# 
loop_
_entity_poly_seq.entity_id 
_entity_poly_seq.num 
_entity_poly_seq.mon_id 
_entity_poly_seq.hetero 
1 1   MET n 
1 2   GLY n 
1 3   SER n 
1 4   ASP n 
1 5   LYS n 
1 6   ILE n 
1 7   HIS n 
1 8   HIS n 
1 9   HIS n 
1 10  HIS n 
1 11  HIS n 
1 12  HIS n 
1 13  MSE n 
1 14  LYS n 
1 15  VAL n 
1 16  SER n 
1 17  ASP n 
1 18  ILE n 
1 19  LEU n 
1 20  THR n 
1 21  VAL n 
1 22  ALA n 
1 23  ILE n 
1 24  ARG n 
1 25  LEU n 
1 26  GLU n 
1 27  GLU n 
1 28  GLU n 
1 29  GLY n 
1 30  GLU n 
1 31  ARG n 
1 32  PHE n 
1 33  TYR n 
1 34  ARG n 
1 35  GLU n 
1 36  LEU n 
1 37  SER n 
1 38  GLU n 
1 39  HIS n 
1 40  PHE n 
1 41  ASN n 
1 42  GLY n 
1 43  GLU n 
1 44  ILE n 
1 45  LYS n 
1 46  LYS n 
1 47  THR n 
1 48  PHE n 
1 49  LEU n 
1 50  GLU n 
1 51  LEU n 
1 52  ALA n 
1 53  ASP n 
1 54  GLN n 
1 55  GLU n 
1 56  ARG n 
1 57  ILE n 
1 58  HIS n 
1 59  ALA n 
1 60  GLU n 
1 61  ILE n 
1 62  PHE n 
1 63  ARG n 
1 64  LYS n 
1 65  MSE n 
1 66  SER n 
1 67  ASP n 
1 68  GLN n 
1 69  GLU n 
1 70  ASN n 
1 71  TRP n 
1 72  ASP n 
1 73  GLU n 
1 74  VAL n 
1 75  ASP n 
1 76  SER n 
1 77  TYR n 
1 78  LEU n 
1 79  ALA n 
1 80  GLY n 
1 81  TYR n 
1 82  ALA n 
1 83  PHE n 
1 84  TYR n 
1 85  GLU n 
1 86  VAL n 
1 87  PHE n 
1 88  PRO n 
1 89  ASP n 
1 90  THR n 
1 91  SER n 
1 92  GLU n 
1 93  ILE n 
1 94  LEU n 
1 95  ARG n 
1 96  ARG n 
1 97  LYS n 
1 98  ASP n 
1 99  LEU n 
1 100 THR n 
1 101 LEU n 
1 102 LYS n 
1 103 GLU n 
1 104 VAL n 
1 105 LEU n 
1 106 ASP n 
1 107 ILE n 
1 108 ALA n 
1 109 ILE n 
1 110 SER n 
1 111 VAL n 
1 112 GLU n 
1 113 LYS n 
1 114 ASP n 
1 115 SER n 
1 116 ILE n 
1 117 ILE n 
1 118 LEU n 
1 119 TYR n 
1 120 TYR n 
1 121 GLU n 
1 122 LEU n 
1 123 LYS n 
1 124 ASP n 
1 125 GLY n 
1 126 LEU n 
1 127 VAL n 
1 128 ASN n 
1 129 SER n 
1 130 ASP n 
1 131 ALA n 
1 132 GLN n 
1 133 LYS n 
1 134 THR n 
1 135 VAL n 
1 136 LYS n 
1 137 LYS n 
1 138 ILE n 
1 139 ILE n 
1 140 ASP n 
1 141 GLN n 
1 142 GLU n 
1 143 LYS n 
1 144 GLU n 
1 145 HIS n 
1 146 LEU n 
1 147 ARG n 
1 148 LYS n 
1 149 LEU n 
1 150 LEU n 
1 151 GLU n 
1 152 MSE n 
1 153 LYS n 
1 154 ARG n 
1 155 GLU n 
1 156 SER n 
1 157 THR n 
# 
_entity_src_gen.entity_id                          1 
_entity_src_gen.pdbx_src_id                        1 
_entity_src_gen.pdbx_alt_source_flag               sample 
_entity_src_gen.pdbx_seq_type                      ? 
_entity_src_gen.pdbx_beg_seq_num                   ? 
_entity_src_gen.pdbx_end_seq_num                   ? 
_entity_src_gen.gene_src_common_name               ? 
_entity_src_gen.gene_src_genus                     Thermotoga 
_entity_src_gen.pdbx_gene_src_gene                 TM1526 
_entity_src_gen.gene_src_species                   ? 
_entity_src_gen.gene_src_strain                    ? 
_entity_src_gen.gene_src_tissue                    ? 
_entity_src_gen.gene_src_tissue_fraction           ? 
_entity_src_gen.gene_src_details                   ? 
_entity_src_gen.pdbx_gene_src_fragment             ? 
_entity_src_gen.pdbx_gene_src_scientific_name      'Thermotoga maritima' 
_entity_src_gen.pdbx_gene_src_ncbi_taxonomy_id     2336 
_entity_src_gen.pdbx_gene_src_variant              ? 
_entity_src_gen.pdbx_gene_src_cell_line            ? 
_entity_src_gen.pdbx_gene_src_atcc                 ? 
_entity_src_gen.pdbx_gene_src_organ                ? 
_entity_src_gen.pdbx_gene_src_organelle            ? 
_entity_src_gen.pdbx_gene_src_cell                 ? 
_entity_src_gen.pdbx_gene_src_cellular_location    ? 
_entity_src_gen.host_org_common_name               ? 
_entity_src_gen.pdbx_host_org_scientific_name      'Escherichia coli' 
_entity_src_gen.pdbx_host_org_ncbi_taxonomy_id     562 
_entity_src_gen.host_org_genus                     Escherichia 
_entity_src_gen.pdbx_host_org_gene                 ? 
_entity_src_gen.pdbx_host_org_organ                ? 
_entity_src_gen.host_org_species                   ? 
_entity_src_gen.pdbx_host_org_tissue               ? 
_entity_src_gen.pdbx_host_org_tissue_fraction      ? 
_entity_src_gen.pdbx_host_org_strain               ? 
_entity_src_gen.pdbx_host_org_variant              ? 
_entity_src_gen.pdbx_host_org_cell_line            ? 
_entity_src_gen.pdbx_host_org_atcc                 ? 
_entity_src_gen.pdbx_host_org_culture_collection   ? 
_entity_src_gen.pdbx_host_org_cell                 ? 
_entity_src_gen.pdbx_host_org_organelle            ? 
_entity_src_gen.pdbx_host_org_cellular_location    ? 
_entity_src_gen.pdbx_host_org_vector_type          Plasmid 
_entity_src_gen.pdbx_host_org_vector               ? 
_entity_src_gen.host_org_details                   ? 
_entity_src_gen.expression_system_id               ? 
_entity_src_gen.plasmid_name                       ? 
_entity_src_gen.plasmid_details                    ? 
_entity_src_gen.pdbx_description                   ? 
# 
loop_
_chem_comp.id 
_chem_comp.type 
_chem_comp.mon_nstd_flag 
_chem_comp.name 
_chem_comp.pdbx_synonyms 
_chem_comp.formula 
_chem_comp.formula_weight 
ALA 'L-peptide linking' y ALANINE          ? 'C3 H7 N O2'     89.093  
ARG 'L-peptide linking' y ARGININE         ? 'C6 H15 N4 O2 1' 175.209 
ASN 'L-peptide linking' y ASPARAGINE       ? 'C4 H8 N2 O3'    132.118 
ASP 'L-peptide linking' y 'ASPARTIC ACID'  ? 'C4 H7 N O4'     133.103 
GLN 'L-peptide linking' y GLUTAMINE        ? 'C5 H10 N2 O3'   146.144 
GLU 'L-peptide linking' y 'GLUTAMIC ACID'  ? 'C5 H9 N O4'     147.129 
GLY 'peptide linking'   y GLYCINE          ? 'C2 H5 N O2'     75.067  
HIS 'L-peptide linking' y HISTIDINE        ? 'C6 H10 N3 O2 1' 156.162 
HOH non-polymer         . WATER            ? 'H2 O'           18.015  
ILE 'L-peptide linking' y ISOLEUCINE       ? 'C6 H13 N O2'    131.173 
LEU 'L-peptide linking' y LEUCINE          ? 'C6 H13 N O2'    131.173 
LYS 'L-peptide linking' y LYSINE           ? 'C6 H15 N2 O2 1' 147.195 
MET 'L-peptide linking' y METHIONINE       ? 'C5 H11 N O2 S'  149.211 
MSE 'L-peptide linking' n SELENOMETHIONINE ? 'C5 H11 N O2 Se' 196.106 
PHE 'L-peptide linking' y PHENYLALANINE    ? 'C9 H11 N O2'    165.189 
PRO 'L-peptide linking' y PROLINE          ? 'C5 H9 N O2'     115.130 
SER 'L-peptide linking' y SERINE           ? 'C3 H7 N O3'     105.093 
THR 'L-peptide linking' y THREONINE        ? 'C4 H9 N O3'     119.119 
TRP 'L-peptide linking' y TRYPTOPHAN       ? 'C11 H12 N2 O2'  204.225 
TYR 'L-peptide linking' y TYROSINE         ? 'C9 H11 N O3'    181.189 
VAL 'L-peptide linking' y VALINE           ? 'C5 H11 N O2'    117.146 
# 
loop_
_pdbx_poly_seq_scheme.asym_id 
_pdbx_poly_seq_scheme.entity_id 
_pdbx_poly_seq_scheme.seq_id 
_pdbx_poly_seq_scheme.mon_id 
_pdbx_poly_seq_scheme.ndb_seq_num 
_pdbx_poly_seq_scheme.pdb_seq_num 
_pdbx_poly_seq_scheme.auth_seq_num 
_pdbx_poly_seq_scheme.pdb_mon_id 
_pdbx_poly_seq_scheme.auth_mon_id 
_pdbx_poly_seq_scheme.pdb_strand_id 
_pdbx_poly_seq_scheme.pdb_ins_code 
_pdbx_poly_seq_scheme.hetero 
A 1 1   MET 1   -11 ?   ?   ?   A . n 
A 1 2   GLY 2   -10 ?   ?   ?   A . n 
A 1 3   SER 3   -9  ?   ?   ?   A . n 
A 1 4   ASP 4   -8  ?   ?   ?   A . n 
A 1 5   LYS 5   -7  ?   ?   ?   A . n 
A 1 6   ILE 6   -6  ?   ?   ?   A . n 
A 1 7   HIS 7   -5  ?   ?   ?   A . n 
A 1 8   HIS 8   -4  ?   ?   ?   A . n 
A 1 9   HIS 9   -3  -3  HIS HIS A . n 
A 1 10  HIS 10  -2  -2  HIS HIS A . n 
A 1 11  HIS 11  -1  -1  HIS HIS A . n 
A 1 12  HIS 12  0   0   HIS HIS A . n 
A 1 13  MSE 13  1   1   MSE MSE A . n 
A 1 14  LYS 14  2   2   LYS LYS A . n 
A 1 15  VAL 15  3   3   VAL VAL A . n 
A 1 16  SER 16  4   4   SER SER A . n 
A 1 17  ASP 17  5   5   ASP ASP A . n 
A 1 18  ILE 18  6   6   ILE ILE A . n 
A 1 19  LEU 19  7   7   LEU LEU A . n 
A 1 20  THR 20  8   8   THR THR A . n 
A 1 21  VAL 21  9   9   VAL VAL A . n 
A 1 22  ALA 22  10  10  ALA ALA A . n 
A 1 23  ILE 23  11  11  ILE ILE A . n 
A 1 24  ARG 24  12  12  ARG ARG A . n 
A 1 25  LEU 25  13  13  LEU LEU A . n 
A 1 26  GLU 26  14  14  GLU GLU A . n 
A 1 27  GLU 27  15  15  GLU GLU A . n 
A 1 28  GLU 28  16  16  GLU GLU A . n 
A 1 29  GLY 29  17  17  GLY GLY A . n 
A 1 30  GLU 30  18  18  GLU GLU A . n 
A 1 31  ARG 31  19  19  ARG ARG A . n 
A 1 32  PHE 32  20  20  PHE PHE A . n 
A 1 33  TYR 33  21  21  TYR TYR A . n 
A 1 34  ARG 34  22  22  ARG ARG A . n 
A 1 35  GLU 35  23  23  GLU GLU A . n 
A 1 36  LEU 36  24  24  LEU LEU A . n 
A 1 37  SER 37  25  25  SER SER A . n 
A 1 38  GLU 38  26  26  GLU GLU A . n 
A 1 39  HIS 39  27  27  HIS HIS A . n 
A 1 40  PHE 40  28  28  PHE PHE A . n 
A 1 41  ASN 41  29  29  ASN ASN A . n 
A 1 42  GLY 42  30  30  GLY GLY A . n 
A 1 43  GLU 43  31  31  GLU GLU A . n 
A 1 44  ILE 44  32  32  ILE ILE A . n 
A 1 45  LYS 45  33  33  LYS LYS A . n 
A 1 46  LYS 46  34  34  LYS LYS A . n 
A 1 47  THR 47  35  35  THR THR A . n 
A 1 48  PHE 48  36  36  PHE PHE A . n 
A 1 49  LEU 49  37  37  LEU LEU A . n 
A 1 50  GLU 50  38  38  GLU GLU A . n 
A 1 51  LEU 51  39  39  LEU LEU A . n 
A 1 52  ALA 52  40  40  ALA ALA A . n 
A 1 53  ASP 53  41  41  ASP ASP A . n 
A 1 54  GLN 54  42  42  GLN GLN A . n 
A 1 55  GLU 55  43  43  GLU GLU A . n 
A 1 56  ARG 56  44  44  ARG ARG A . n 
A 1 57  ILE 57  45  45  ILE ILE A . n 
A 1 58  HIS 58  46  46  HIS HIS A . n 
A 1 59  ALA 59  47  47  ALA ALA A . n 
A 1 60  GLU 60  48  48  GLU GLU A . n 
A 1 61  ILE 61  49  49  ILE ILE A . n 
A 1 62  PHE 62  50  50  PHE PHE A . n 
A 1 63  ARG 63  51  51  ARG ARG A . n 
A 1 64  LYS 64  52  52  LYS LYS A . n 
A 1 65  MSE 65  53  53  MSE MSE A . n 
A 1 66  SER 66  54  54  SER SER A . n 
A 1 67  ASP 67  55  55  ASP ASP A . n 
A 1 68  GLN 68  56  56  GLN GLN A . n 
A 1 69  GLU 69  57  57  GLU GLU A . n 
A 1 70  ASN 70  58  58  ASN ASN A . n 
A 1 71  TRP 71  59  59  TRP TRP A . n 
A 1 72  ASP 72  60  60  ASP ASP A . n 
A 1 73  GLU 73  61  61  GLU GLU A . n 
A 1 74  VAL 74  62  62  VAL VAL A . n 
A 1 75  ASP 75  63  63  ASP ASP A . n 
A 1 76  SER 76  64  64  SER SER A . n 
A 1 77  TYR 77  65  65  TYR TYR A . n 
A 1 78  LEU 78  66  66  LEU LEU A . n 
A 1 79  ALA 79  67  67  ALA ALA A . n 
A 1 80  GLY 80  68  68  GLY GLY A . n 
A 1 81  TYR 81  69  69  TYR TYR A . n 
A 1 82  ALA 82  70  70  ALA ALA A . n 
A 1 83  PHE 83  71  71  PHE PHE A . n 
A 1 84  TYR 84  72  72  TYR TYR A . n 
A 1 85  GLU 85  73  73  GLU GLU A . n 
A 1 86  VAL 86  74  74  VAL VAL A . n 
A 1 87  PHE 87  75  75  PHE PHE A . n 
A 1 88  PRO 88  76  76  PRO PRO A . n 
A 1 89  ASP 89  77  77  ASP ASP A . n 
A 1 90  THR 90  78  78  THR THR A . n 
A 1 91  SER 91  79  79  SER SER A . n 
A 1 92  GLU 92  80  80  GLU GLU A . n 
A 1 93  ILE 93  81  81  ILE ILE A . n 
A 1 94  LEU 94  82  82  LEU LEU A . n 
A 1 95  ARG 95  83  83  ARG ARG A . n 
A 1 96  ARG 96  84  84  ARG ARG A . n 
A 1 97  LYS 97  85  85  LYS LYS A . n 
A 1 98  ASP 98  86  86  ASP ASP A . n 
A 1 99  LEU 99  87  87  LEU LEU A . n 
A 1 100 THR 100 88  88  THR THR A . n 
A 1 101 LEU 101 89  89  LEU LEU A . n 
A 1 102 LYS 102 90  90  LYS LYS A . n 
A 1 103 GLU 103 91  91  GLU GLU A . n 
A 1 104 VAL 104 92  92  VAL VAL A . n 
A 1 105 LEU 105 93  93  LEU LEU A . n 
A 1 106 ASP 106 94  94  ASP ASP A . n 
A 1 107 ILE 107 95  95  ILE ILE A . n 
A 1 108 ALA 108 96  96  ALA ALA A . n 
A 1 109 ILE 109 97  97  ILE ILE A . n 
A 1 110 SER 110 98  98  SER SER A . n 
A 1 111 VAL 111 99  99  VAL VAL A . n 
A 1 112 GLU 112 100 100 GLU GLU A . n 
A 1 113 LYS 113 101 101 LYS LYS A . n 
A 1 114 ASP 114 102 102 ASP ASP A . n 
A 1 115 SER 115 103 103 SER SER A . n 
A 1 116 ILE 116 104 104 ILE ILE A . n 
A 1 117 ILE 117 105 105 ILE ILE A . n 
A 1 118 LEU 118 106 106 LEU LEU A . n 
A 1 119 TYR 119 107 107 TYR TYR A . n 
A 1 120 TYR 120 108 108 TYR TYR A . n 
A 1 121 GLU 121 109 109 GLU GLU A . n 
A 1 122 LEU 122 110 110 LEU LEU A . n 
A 1 123 LYS 123 111 111 LYS LYS A . n 
A 1 124 ASP 124 112 112 ASP ASP A . n 
A 1 125 GLY 125 113 113 GLY GLY A . n 
A 1 126 LEU 126 114 114 LEU LEU A . n 
A 1 127 VAL 127 115 115 VAL VAL A . n 
A 1 128 ASN 128 116 116 ASN ASN A . n 
A 1 129 SER 129 117 117 SER SER A . n 
A 1 130 ASP 130 118 118 ASP ASP A . n 
A 1 131 ALA 131 119 119 ALA ALA A . n 
A 1 132 GLN 132 120 120 GLN GLN A . n 
A 1 133 LYS 133 121 121 LYS LYS A . n 
A 1 134 THR 134 122 122 THR THR A . n 
A 1 135 VAL 135 123 123 VAL VAL A . n 
A 1 136 LYS 136 124 124 LYS LYS A . n 
A 1 137 LYS 137 125 125 LYS LYS A . n 
A 1 138 ILE 138 126 126 ILE ILE A . n 
A 1 139 ILE 139 127 127 ILE ILE A . n 
A 1 140 ASP 140 128 128 ASP ASP A . n 
A 1 141 GLN 141 129 129 GLN GLN A . n 
A 1 142 GLU 142 130 130 GLU GLU A . n 
A 1 143 LYS 143 131 131 LYS LYS A . n 
A 1 144 GLU 144 132 132 GLU GLU A . n 
A 1 145 HIS 145 133 133 HIS HIS A . n 
A 1 146 LEU 146 134 134 LEU LEU A . n 
A 1 147 ARG 147 135 135 ARG ARG A . n 
A 1 148 LYS 148 136 136 LYS LYS A . n 
A 1 149 LEU 149 137 137 LEU LEU A . n 
A 1 150 LEU 150 138 138 LEU LEU A . n 
A 1 151 GLU 151 139 139 GLU GLU A . n 
A 1 152 MSE 152 140 140 MSE MSE A . n 
A 1 153 LYS 153 141 141 LYS LYS A . n 
A 1 154 ARG 154 142 142 ARG ARG A . n 
A 1 155 GLU 155 143 143 GLU GLU A . n 
A 1 156 SER 156 144 144 SER SER A . n 
A 1 157 THR 157 145 145 THR THR A . n 
# 
loop_
_pdbx_nonpoly_scheme.asym_id 
_pdbx_nonpoly_scheme.entity_id 
_pdbx_nonpoly_scheme.mon_id 
_pdbx_nonpoly_scheme.ndb_seq_num 
_pdbx_nonpoly_scheme.pdb_seq_num 
_pdbx_nonpoly_scheme.auth_seq_num 
_pdbx_nonpoly_scheme.pdb_mon_id 
_pdbx_nonpoly_scheme.auth_mon_id 
_pdbx_nonpoly_scheme.pdb_strand_id 
_pdbx_nonpoly_scheme.pdb_ins_code 
B 2 HOH 1  146 1  HOH HOH A . 
B 2 HOH 2  147 2  HOH HOH A . 
B 2 HOH 3  148 3  HOH HOH A . 
B 2 HOH 4  149 4  HOH HOH A . 
B 2 HOH 5  150 5  HOH HOH A . 
B 2 HOH 6  151 6  HOH HOH A . 
B 2 HOH 7  152 7  HOH HOH A . 
B 2 HOH 8  153 8  HOH HOH A . 
B 2 HOH 9  154 9  HOH HOH A . 
B 2 HOH 10 155 10 HOH HOH A . 
B 2 HOH 11 156 11 HOH HOH A . 
B 2 HOH 12 157 12 HOH HOH A . 
B 2 HOH 13 158 13 HOH HOH A . 
B 2 HOH 14 159 14 HOH HOH A . 
B 2 HOH 15 160 15 HOH HOH A . 
B 2 HOH 16 161 16 HOH HOH A . 
B 2 HOH 17 162 17 HOH HOH A . 
B 2 HOH 18 163 18 HOH HOH A . 
B 2 HOH 19 164 19 HOH HOH A . 
B 2 HOH 20 165 20 HOH HOH A . 
B 2 HOH 21 166 21 HOH HOH A . 
B 2 HOH 22 167 22 HOH HOH A . 
B 2 HOH 23 168 23 HOH HOH A . 
B 2 HOH 24 169 24 HOH HOH A . 
B 2 HOH 25 170 25 HOH HOH A . 
B 2 HOH 26 171 26 HOH HOH A . 
B 2 HOH 27 172 27 HOH HOH A . 
B 2 HOH 28 173 28 HOH HOH A . 
B 2 HOH 29 174 29 HOH HOH A . 
B 2 HOH 30 175 30 HOH HOH A . 
B 2 HOH 31 176 31 HOH HOH A . 
B 2 HOH 32 177 32 HOH HOH A . 
B 2 HOH 33 178 33 HOH HOH A . 
B 2 HOH 34 179 34 HOH HOH A . 
B 2 HOH 35 180 35 HOH HOH A . 
B 2 HOH 36 181 36 HOH HOH A . 
B 2 HOH 37 182 37 HOH HOH A . 
B 2 HOH 38 183 38 HOH HOH A . 
B 2 HOH 39 184 39 HOH HOH A . 
B 2 HOH 40 185 40 HOH HOH A . 
B 2 HOH 41 186 41 HOH HOH A . 
B 2 HOH 42 187 42 HOH HOH A . 
B 2 HOH 43 188 43 HOH HOH A . 
B 2 HOH 44 189 44 HOH HOH A . 
B 2 HOH 45 190 45 HOH HOH A . 
B 2 HOH 46 191 46 HOH HOH A . 
B 2 HOH 47 192 47 HOH HOH A . 
B 2 HOH 48 193 48 HOH HOH A . 
B 2 HOH 49 194 49 HOH HOH A . 
B 2 HOH 50 195 50 HOH HOH A . 
B 2 HOH 51 196 51 HOH HOH A . 
B 2 HOH 52 197 52 HOH HOH A . 
B 2 HOH 53 198 53 HOH HOH A . 
B 2 HOH 54 199 54 HOH HOH A . 
B 2 HOH 55 200 55 HOH HOH A . 
B 2 HOH 56 201 56 HOH HOH A . 
B 2 HOH 57 202 57 HOH HOH A . 
B 2 HOH 58 203 58 HOH HOH A . 
B 2 HOH 59 204 59 HOH HOH A . 
B 2 HOH 60 205 60 HOH HOH A . 
# 
loop_
_pdbx_unobs_or_zero_occ_atoms.id 
_pdbx_unobs_or_zero_occ_atoms.PDB_model_num 
_pdbx_unobs_or_zero_occ_atoms.polymer_flag 
_pdbx_unobs_or_zero_occ_atoms.occupancy_flag 
_pdbx_unobs_or_zero_occ_atoms.auth_asym_id 
_pdbx_unobs_or_zero_occ_atoms.auth_comp_id 
_pdbx_unobs_or_zero_occ_atoms.auth_seq_id 
_pdbx_unobs_or_zero_occ_atoms.PDB_ins_code 
_pdbx_unobs_or_zero_occ_atoms.auth_atom_id 
_pdbx_unobs_or_zero_occ_atoms.label_alt_id 
_pdbx_unobs_or_zero_occ_atoms.label_asym_id 
_pdbx_unobs_or_zero_occ_atoms.label_comp_id 
_pdbx_unobs_or_zero_occ_atoms.label_seq_id 
_pdbx_unobs_or_zero_occ_atoms.label_atom_id 
1 1 Y 1 A HIS -3  ? N   ? A HIS 9   N   
2 1 Y 1 A HIS -3  ? CB  ? A HIS 9   CB  
3 1 Y 1 A HIS -3  ? CG  ? A HIS 9   CG  
4 1 Y 1 A HIS -3  ? ND1 ? A HIS 9   ND1 
5 1 Y 1 A HIS -3  ? CD2 ? A HIS 9   CD2 
6 1 Y 1 A HIS -3  ? CE1 ? A HIS 9   CE1 
7 1 Y 1 A HIS -3  ? NE2 ? A HIS 9   NE2 
8 1 Y 1 A LYS 121 ? CE  ? A LYS 133 CE  
9 1 Y 1 A LYS 121 ? NZ  ? A LYS 133 NZ  
# 
loop_
_software.name 
_software.classification 
_software.version 
_software.citation_id 
_software.pdbx_ordinal 
DENZO     'data reduction' .        ? 1 
SCALEPACK 'data scaling'   .        ? 2 
SOLVE     phasing          .        ? 3 
SHARP     phasing          .        ? 4 
REFMAC    refinement       5.2.0000 ? 5 
# 
_cell.length_a           82.333 
_cell.length_b           82.333 
_cell.length_c           121.641 
_cell.angle_alpha        90.00 
_cell.angle_beta         90.00 
_cell.angle_gamma        90.00 
_cell.entry_id           1VJX 
_cell.pdbx_unique_axis   ? 
_cell.Z_PDB              16 
# 
_symmetry.space_group_name_H-M             'I 41 2 2' 
_symmetry.entry_id                         1VJX 
_symmetry.pdbx_full_space_group_name_H-M   ? 
_symmetry.Int_Tables_number                98 
_symmetry.cell_setting                     ? 
_symmetry.space_group_name_Hall            ? 
# 
_exptl.crystals_number   1 
_exptl.method            'X-RAY DIFFRACTION' 
_exptl.entry_id          1VJX 
# 
_exptl_crystal.id                    1 
_exptl_crystal.density_percent_sol   55.78 
_exptl_crystal.density_Matthews      2.80 
_exptl_crystal.density_meas          ? 
_exptl_crystal.description           ? 
_exptl_crystal.F_000                 ? 
_exptl_crystal.preparation           ? 
# 
_exptl_crystal_grow.crystal_id      1 
_exptl_crystal_grow.method          'VAPOR DIFFUSION,SITTING DROP,NANODROP' 
_exptl_crystal_grow.pH              4.2 
_exptl_crystal_grow.temp            277 
_exptl_crystal_grow.pdbx_details    
'Phosphate Citrate pH 4.2, 10% 2-propanol, 0.2M Li2SO4 , VAPOR DIFFUSION,SITTING DROP,NANODROP, temperature 277K' 
_exptl_crystal_grow.temp_details    ? 
_exptl_crystal_grow.pdbx_pH_range   . 
# 
_diffrn.id                     1 
_diffrn.ambient_temp           100 
_diffrn.ambient_temp_details   ? 
_diffrn.crystal_id             1 
# 
_diffrn_detector.diffrn_id              1 
_diffrn_detector.detector               CCD 
_diffrn_detector.type                   APS-1 
_diffrn_detector.details                'water cooled; sagitally focusing 2nd crystal, Rosenbaum-Rock vertical focusing mirror' 
_diffrn_detector.pdbx_collection_date   2004-02-20 
# 
_diffrn_radiation.diffrn_id                        1 
_diffrn_radiation.pdbx_monochromatic_or_laue_m_l   M 
_diffrn_radiation.monochromator                    'Rosenbaum-Rock double-crystal monochromator' 
_diffrn_radiation.pdbx_diffrn_protocol             MAD 
_diffrn_radiation.wavelength_id                    1 
_diffrn_radiation.pdbx_scattering_type             x-ray 
# 
loop_
_diffrn_radiation_wavelength.id 
_diffrn_radiation_wavelength.wavelength 
_diffrn_radiation_wavelength.wt 
1 0.979292 1.0 
2 0.964063 1.0 
3 0.979127 1.0 
# 
_diffrn_source.diffrn_id                   1 
_diffrn_source.source                      SYNCHROTRON 
_diffrn_source.pdbx_synchrotron_site       APS 
_diffrn_source.pdbx_synchrotron_beamline   19-BM 
_diffrn_source.type                        'APS BEAMLINE 19-BM' 
_diffrn_source.pdbx_wavelength_list        '0.979292, 0.964063, 0.979127' 
_diffrn_source.pdbx_wavelength             ? 
# 
_reflns.observed_criterion_sigma_F   ? 
_reflns.observed_criterion_sigma_I   ? 
_reflns.d_resolution_high            2.30 
_reflns.d_resolution_low             50.00 
_reflns.number_obs                   9150 
_reflns.percent_possible_obs         94.75 
_reflns.pdbx_Rmerge_I_obs            ? 
_reflns.pdbx_netI_over_sigmaI        22.69 
_reflns.B_iso_Wilson_estimate        51.21 
_reflns.pdbx_redundancy              8.82 
_reflns.pdbx_Rsym_value              0.077 
_reflns.entry_id                     1VJX 
_reflns.number_all                   ? 
_reflns.R_free_details               ? 
_reflns.limit_h_max                  ? 
_reflns.limit_h_min                  ? 
_reflns.limit_k_max                  ? 
_reflns.limit_k_min                  ? 
_reflns.limit_l_max                  ? 
_reflns.limit_l_min                  ? 
_reflns.observed_criterion_F_max     ? 
_reflns.observed_criterion_F_min     ? 
_reflns.pdbx_chi_squared             ? 
_reflns.pdbx_scaling_rejects         ? 
_reflns.pdbx_ordinal                 1 
_reflns.pdbx_diffrn_id               1 
# 
_reflns_shell.d_res_high             2.30 
_reflns_shell.d_res_low              2.38 
_reflns_shell.percent_possible_all   95.43 
_reflns_shell.pdbx_Rsym_value        0.681 
_reflns_shell.pdbx_redundancy        7.40 
_reflns_shell.number_unique_all      897 
_reflns_shell.meanI_over_sigI_obs    3.45 
_reflns_shell.Rmerge_I_obs           ? 
_reflns_shell.percent_possible_obs   ? 
_reflns_shell.number_measured_all    ? 
_reflns_shell.number_measured_obs    ? 
_reflns_shell.number_unique_obs      ? 
_reflns_shell.pdbx_chi_squared       ? 
_reflns_shell.pdbx_ordinal           1 
_reflns_shell.pdbx_diffrn_id         1 
# 
_refine.ls_d_res_high                            2.30 
_refine.ls_d_res_low                             42.06 
_refine.pdbx_ls_sigma_F                          ? 
_refine.pdbx_ls_sigma_I                          ? 
_refine.ls_number_reflns_obs                     8537 
_refine.ls_number_reflns_R_free                  596 
_refine.ls_percent_reflns_R_free                 6.5 
_refine.ls_percent_reflns_obs                    94.70 
_refine.ls_R_factor_obs                          0.21979 
_refine.ls_R_factor_R_work                       0.21727 
_refine.ls_R_factor_R_free                       0.25652 
_refine.pdbx_R_Free_selection_details            RANDOM 
_refine.pdbx_stereochemistry_target_values       'MAXIMUM LIKELIHOOD WITH PHASES' 
_refine.pdbx_method_to_determine_struct          MAD 
_refine.pdbx_starting_model                      ? 
_refine.pdbx_ls_cross_valid_method               THROUGHOUT 
_refine.B_iso_mean                               44.678 
_refine.aniso_B[1][1]                            1.79 
_refine.aniso_B[2][2]                            1.79 
_refine.aniso_B[3][3]                            -3.58 
_refine.aniso_B[1][2]                            0.00 
_refine.aniso_B[1][3]                            0.00 
_refine.aniso_B[2][3]                            0.00 
_refine.details                                  'HYDROGENS HAVE BEEN ADDED IN THE RIDING POSITIONS' 
_refine.pdbx_overall_ESU_R                       0.329 
_refine.pdbx_overall_ESU_R_Free                  0.241 
_refine.overall_SU_ML                            0.202 
_refine.overall_SU_B                             16.424 
_refine.correlation_coeff_Fo_to_Fc               0.939 
_refine.correlation_coeff_Fo_to_Fc_free          0.924 
_refine.solvent_model_details                    'BABINET MODEL WITH MASK' 
_refine.pdbx_solvent_vdw_probe_radii             1.20 
_refine.pdbx_solvent_ion_probe_radii             0.80 
_refine.pdbx_solvent_shrinkage_radii             0.80 
_refine.entry_id                                 1VJX 
_refine.ls_R_factor_all                          ? 
_refine.ls_number_reflns_all                     ? 
_refine.ls_redundancy_reflns_obs                 ? 
_refine.pdbx_data_cutoff_high_absF               ? 
_refine.pdbx_data_cutoff_low_absF                ? 
_refine.ls_number_parameters                     ? 
_refine.ls_number_restraints                     ? 
_refine.ls_R_factor_R_free_error                 ? 
_refine.ls_R_factor_R_free_error_details         ? 
_refine.pdbx_isotropic_thermal_model             ? 
_refine.pdbx_stereochem_target_val_spec_case     ? 
_refine.solvent_model_param_bsol                 ? 
_refine.solvent_model_param_ksol                 ? 
_refine.occupancy_max                            ? 
_refine.occupancy_min                            ? 
_refine.pdbx_data_cutoff_high_rms_absF           ? 
_refine.B_iso_min                                ? 
_refine.B_iso_max                                ? 
_refine.overall_SU_R_Cruickshank_DPI             ? 
_refine.overall_SU_R_free                        ? 
_refine.ls_wR_factor_R_free                      ? 
_refine.ls_wR_factor_R_work                      ? 
_refine.overall_FOM_free_R_set                   ? 
_refine.overall_FOM_work_R_set                   ? 
_refine.pdbx_refine_id                           'X-RAY DIFFRACTION' 
_refine.pdbx_TLS_residual_ADP_flag               'LIKELY RESIDUAL' 
_refine.pdbx_diffrn_id                           1 
_refine.pdbx_overall_phase_error                 ? 
_refine.pdbx_overall_SU_R_free_Cruickshank_DPI   ? 
_refine.pdbx_overall_SU_R_Blow_DPI               ? 
_refine.pdbx_overall_SU_R_free_Blow_DPI          ? 
# 
_refine_hist.pdbx_refine_id                   'X-RAY DIFFRACTION' 
_refine_hist.cycle_id                         LAST 
_refine_hist.pdbx_number_atoms_protein        1242 
_refine_hist.pdbx_number_atoms_nucleic_acid   0 
_refine_hist.pdbx_number_atoms_ligand         0 
_refine_hist.number_atoms_solvent             60 
_refine_hist.number_atoms_total               1302 
_refine_hist.d_res_high                       2.30 
_refine_hist.d_res_low                        42.06 
# 
loop_
_refine_ls_restr.type 
_refine_ls_restr.number 
_refine_ls_restr.dev_ideal 
_refine_ls_restr.dev_ideal_target 
_refine_ls_restr.weight 
_refine_ls_restr.pdbx_refine_id 
_refine_ls_restr.pdbx_restraint_function 
r_bond_refined_d         1274 0.017  0.021  ? 'X-RAY DIFFRACTION' ? 
r_bond_other_d           1160 0.002  0.020  ? 'X-RAY DIFFRACTION' ? 
r_angle_refined_deg      1711 1.469  1.960  ? 'X-RAY DIFFRACTION' ? 
r_angle_other_deg        2704 0.829  3.000  ? 'X-RAY DIFFRACTION' ? 
r_dihedral_angle_1_deg   150  6.743  5.000  ? 'X-RAY DIFFRACTION' ? 
r_dihedral_angle_2_deg   69   36.034 24.348 ? 'X-RAY DIFFRACTION' ? 
r_dihedral_angle_3_deg   256  17.398 15.000 ? 'X-RAY DIFFRACTION' ? 
r_dihedral_angle_4_deg   10   22.784 15.000 ? 'X-RAY DIFFRACTION' ? 
r_chiral_restr           187  0.082  0.200  ? 'X-RAY DIFFRACTION' ? 
r_gen_planes_refined     1401 0.005  0.020  ? 'X-RAY DIFFRACTION' ? 
r_gen_planes_other       260  0.001  0.020  ? 'X-RAY DIFFRACTION' ? 
r_nbd_refined            293  0.223  0.200  ? 'X-RAY DIFFRACTION' ? 
r_nbd_other              1180 0.175  0.200  ? 'X-RAY DIFFRACTION' ? 
r_nbtor_other            747  0.089  0.200  ? 'X-RAY DIFFRACTION' ? 
r_xyhbond_nbd_refined    44   0.151  0.200  ? 'X-RAY DIFFRACTION' ? 
r_symmetry_vdw_refined   10   0.176  0.200  ? 'X-RAY DIFFRACTION' ? 
r_symmetry_vdw_other     20   0.281  0.200  ? 'X-RAY DIFFRACTION' ? 
r_symmetry_hbond_refined 3    0.202  0.200  ? 'X-RAY DIFFRACTION' ? 
r_mcbond_it              822  0.966  1.500  ? 'X-RAY DIFFRACTION' ? 
r_mcbond_other           302  0.186  1.500  ? 'X-RAY DIFFRACTION' ? 
r_mcangle_it             1208 1.234  2.000  ? 'X-RAY DIFFRACTION' ? 
r_scbond_it              572  2.072  3.000  ? 'X-RAY DIFFRACTION' ? 
r_scangle_it             503  3.216  4.500  ? 'X-RAY DIFFRACTION' ? 
# 
_refine_ls_shell.pdbx_total_number_of_bins_used   20 
_refine_ls_shell.d_res_high                       2.299 
_refine_ls_shell.d_res_low                        2.359 
_refine_ls_shell.percent_reflns_obs               ? 
_refine_ls_shell.number_reflns_R_work             613 
_refine_ls_shell.R_factor_R_work                  0.301 
_refine_ls_shell.percent_reflns_R_free            7.26 
_refine_ls_shell.number_reflns_R_free             48 
_refine_ls_shell.R_factor_R_free                  0.333 
_refine_ls_shell.R_factor_R_free_error            ? 
_refine_ls_shell.redundancy_reflns_obs            ? 
_refine_ls_shell.number_reflns_all                ? 
_refine_ls_shell.number_reflns_obs                ? 
_refine_ls_shell.pdbx_refine_id                   'X-RAY DIFFRACTION' 
_refine_ls_shell.R_factor_all                     ? 
# 
_struct.entry_id                  1VJX 
_struct.title                     
'Crystal structure of a putative ferritin-like diiron-carboxylate protein (tm1526) from thermotoga maritima at 2.30 A resolution' 
_struct.pdbx_model_details        ? 
_struct.pdbx_CASP_flag            ? 
_struct.pdbx_model_type_details   ? 
# 
_struct_keywords.text            
'Structural genomics, Joint Center for Structural Genomics, JCSG, Protein Structure Initiative, PSI, unknown function' 
_struct_keywords.pdbx_keywords   'UNKNOWN FUNCTION' 
_struct_keywords.entry_id        1VJX 
# 
loop_
_struct_asym.id 
_struct_asym.pdbx_blank_PDB_chainid_flag 
_struct_asym.pdbx_modified 
_struct_asym.entity_id 
_struct_asym.details 
A N N 1 ? 
B N N 2 ? 
# 
_struct_ref.id                         1 
_struct_ref.db_name                    UNP 
_struct_ref.db_code                    Q9X1L2_THEMA 
_struct_ref.pdbx_db_accession          Q9X1L2 
_struct_ref.entity_id                  1 
_struct_ref.pdbx_seq_one_letter_code   
;MKVSDILTVAIRLEEEGERFYRELSEHFNGEIKKTFLELADQERIHAEIFRKMSDQENWDEVDSYLAGYAFYEVFPDTSE
ILRRKDLTLKEVLDIAISVEKDSIILYYELKDGLVNSDAQKTVKKIIDQEKEHLRKLLEMKREST
;
_struct_ref.pdbx_align_begin           1 
_struct_ref.pdbx_db_isoform            ? 
# 
_struct_ref_seq.align_id                      1 
_struct_ref_seq.ref_id                        1 
_struct_ref_seq.pdbx_PDB_id_code              1VJX 
_struct_ref_seq.pdbx_strand_id                A 
_struct_ref_seq.seq_align_beg                 13 
_struct_ref_seq.pdbx_seq_align_beg_ins_code   ? 
_struct_ref_seq.seq_align_end                 157 
_struct_ref_seq.pdbx_seq_align_end_ins_code   ? 
_struct_ref_seq.pdbx_db_accession             Q9X1L2 
_struct_ref_seq.db_align_beg                  1 
_struct_ref_seq.pdbx_db_align_beg_ins_code    ? 
_struct_ref_seq.db_align_end                  145 
_struct_ref_seq.pdbx_db_align_end_ins_code    ? 
_struct_ref_seq.pdbx_auth_seq_align_beg       1 
_struct_ref_seq.pdbx_auth_seq_align_end       145 
# 
loop_
_struct_ref_seq_dif.align_id 
_struct_ref_seq_dif.pdbx_pdb_id_code 
_struct_ref_seq_dif.mon_id 
_struct_ref_seq_dif.pdbx_pdb_strand_id 
_struct_ref_seq_dif.seq_num 
_struct_ref_seq_dif.pdbx_pdb_ins_code 
_struct_ref_seq_dif.pdbx_seq_db_name 
_struct_ref_seq_dif.pdbx_seq_db_accession_code 
_struct_ref_seq_dif.db_mon_id 
_struct_ref_seq_dif.pdbx_seq_db_seq_num 
_struct_ref_seq_dif.details 
_struct_ref_seq_dif.pdbx_auth_seq_num 
_struct_ref_seq_dif.pdbx_ordinal 
1 1VJX MET A 1   ? UNP Q9X1L2 ?   ?   'cloning artifact' -11 1  
1 1VJX GLY A 2   ? UNP Q9X1L2 ?   ?   'cloning artifact' -10 2  
1 1VJX SER A 3   ? UNP Q9X1L2 ?   ?   'cloning artifact' -9  3  
1 1VJX ASP A 4   ? UNP Q9X1L2 ?   ?   'cloning artifact' -8  4  
1 1VJX LYS A 5   ? UNP Q9X1L2 ?   ?   'cloning artifact' -7  5  
1 1VJX ILE A 6   ? UNP Q9X1L2 ?   ?   'cloning artifact' -6  6  
1 1VJX HIS A 7   ? UNP Q9X1L2 ?   ?   'cloning artifact' -5  7  
1 1VJX HIS A 8   ? UNP Q9X1L2 ?   ?   'cloning artifact' -4  8  
1 1VJX HIS A 9   ? UNP Q9X1L2 ?   ?   'cloning artifact' -3  9  
1 1VJX HIS A 10  ? UNP Q9X1L2 ?   ?   'cloning artifact' -2  10 
1 1VJX HIS A 11  ? UNP Q9X1L2 ?   ?   'cloning artifact' -1  11 
1 1VJX HIS A 12  ? UNP Q9X1L2 ?   ?   'cloning artifact' 0   12 
1 1VJX MSE A 13  ? UNP Q9X1L2 MET 1   'modified residue' 1   13 
1 1VJX MSE A 65  ? UNP Q9X1L2 MET 53  'modified residue' 53  14 
1 1VJX MSE A 152 ? UNP Q9X1L2 MET 140 'modified residue' 140 15 
# 
_pdbx_struct_assembly.id                   1 
_pdbx_struct_assembly.details              author_defined_assembly 
_pdbx_struct_assembly.method_details       ? 
_pdbx_struct_assembly.oligomeric_details   monomeric 
_pdbx_struct_assembly.oligomeric_count     1 
# 
_pdbx_struct_assembly_gen.assembly_id       1 
_pdbx_struct_assembly_gen.oper_expression   1 
_pdbx_struct_assembly_gen.asym_id_list      A,B 
# 
_pdbx_struct_oper_list.id                   1 
_pdbx_struct_oper_list.type                 'identity operation' 
_pdbx_struct_oper_list.name                 1_555 
_pdbx_struct_oper_list.symmetry_operation   x,y,z 
_pdbx_struct_oper_list.matrix[1][1]         1.0000000000 
_pdbx_struct_oper_list.matrix[1][2]         0.0000000000 
_pdbx_struct_oper_list.matrix[1][3]         0.0000000000 
_pdbx_struct_oper_list.vector[1]            0.0000000000 
_pdbx_struct_oper_list.matrix[2][1]         0.0000000000 
_pdbx_struct_oper_list.matrix[2][2]         1.0000000000 
_pdbx_struct_oper_list.matrix[2][3]         0.0000000000 
_pdbx_struct_oper_list.vector[2]            0.0000000000 
_pdbx_struct_oper_list.matrix[3][1]         0.0000000000 
_pdbx_struct_oper_list.matrix[3][2]         0.0000000000 
_pdbx_struct_oper_list.matrix[3][3]         1.0000000000 
_pdbx_struct_oper_list.vector[3]            0.0000000000 
# 
_struct_biol.id   1 
# 
loop_
_struct_conf.conf_type_id 
_struct_conf.id 
_struct_conf.pdbx_PDB_helix_id 
_struct_conf.beg_label_comp_id 
_struct_conf.beg_label_asym_id 
_struct_conf.beg_label_seq_id 
_struct_conf.pdbx_beg_PDB_ins_code 
_struct_conf.end_label_comp_id 
_struct_conf.end_label_asym_id 
_struct_conf.end_label_seq_id 
_struct_conf.pdbx_end_PDB_ins_code 
_struct_conf.beg_auth_comp_id 
_struct_conf.beg_auth_asym_id 
_struct_conf.beg_auth_seq_id 
_struct_conf.end_auth_comp_id 
_struct_conf.end_auth_asym_id 
_struct_conf.end_auth_seq_id 
_struct_conf.pdbx_PDB_helix_class 
_struct_conf.details 
_struct_conf.pdbx_PDB_helix_length 
HELX_P HELX_P1 1 LYS A 14  ? SER A 37  ? LYS A 2   SER A 25  1 ? 24 
HELX_P HELX_P2 2 GLY A 42  ? GLU A 69  ? GLY A 30  GLU A 57  1 ? 28 
HELX_P HELX_P3 3 ASN A 70  ? ASP A 75  ? ASN A 58  ASP A 63  1 ? 6  
HELX_P HELX_P4 4 GLU A 92  ? ARG A 96  ? GLU A 80  ARG A 84  5 ? 5  
HELX_P HELX_P5 5 THR A 100 ? LEU A 126 ? THR A 88  LEU A 114 1 ? 27 
HELX_P HELX_P6 6 ASN A 128 ? THR A 157 ? ASN A 116 THR A 145 1 ? 30 
# 
_struct_conf_type.id          HELX_P 
_struct_conf_type.criteria    ? 
_struct_conf_type.reference   ? 
# 
loop_
_struct_conn.id 
_struct_conn.conn_type_id 
_struct_conn.pdbx_leaving_atom_flag 
_struct_conn.pdbx_PDB_id 
_struct_conn.ptnr1_label_asym_id 
_struct_conn.ptnr1_label_comp_id 
_struct_conn.ptnr1_label_seq_id 
_struct_conn.ptnr1_label_atom_id 
_struct_conn.pdbx_ptnr1_label_alt_id 
_struct_conn.pdbx_ptnr1_PDB_ins_code 
_struct_conn.pdbx_ptnr1_standard_comp_id 
_struct_conn.ptnr1_symmetry 
_struct_conn.ptnr2_label_asym_id 
_struct_conn.ptnr2_label_comp_id 
_struct_conn.ptnr2_label_seq_id 
_struct_conn.ptnr2_label_atom_id 
_struct_conn.pdbx_ptnr2_label_alt_id 
_struct_conn.pdbx_ptnr2_PDB_ins_code 
_struct_conn.ptnr1_auth_asym_id 
_struct_conn.ptnr1_auth_comp_id 
_struct_conn.ptnr1_auth_seq_id 
_struct_conn.ptnr2_auth_asym_id 
_struct_conn.ptnr2_auth_comp_id 
_struct_conn.ptnr2_auth_seq_id 
_struct_conn.ptnr2_symmetry 
_struct_conn.pdbx_ptnr3_label_atom_id 
_struct_conn.pdbx_ptnr3_label_seq_id 
_struct_conn.pdbx_ptnr3_label_comp_id 
_struct_conn.pdbx_ptnr3_label_asym_id 
_struct_conn.pdbx_ptnr3_label_alt_id 
_struct_conn.pdbx_ptnr3_PDB_ins_code 
_struct_conn.details 
_struct_conn.pdbx_dist_value 
_struct_conn.pdbx_value_order 
_struct_conn.pdbx_role 
covale1 covale both ? A HIS 12  C ? ? ? 1_555 A MSE 13  N ? ? A HIS 0   A MSE 1   1_555 ? ? ? ? ? ? ? 1.321 ? ? 
covale2 covale both ? A MSE 13  C ? ? ? 1_555 A LYS 14  N ? ? A MSE 1   A LYS 2   1_555 ? ? ? ? ? ? ? 1.330 ? ? 
covale3 covale both ? A LYS 64  C ? ? ? 1_555 A MSE 65  N ? ? A LYS 52  A MSE 53  1_555 ? ? ? ? ? ? ? 1.317 ? ? 
covale4 covale both ? A MSE 65  C ? ? ? 1_555 A SER 66  N ? ? A MSE 53  A SER 54  1_555 ? ? ? ? ? ? ? 1.335 ? ? 
covale5 covale both ? A GLU 151 C ? ? ? 1_555 A MSE 152 N ? ? A GLU 139 A MSE 140 1_555 ? ? ? ? ? ? ? 1.326 ? ? 
covale6 covale both ? A MSE 152 C ? ? ? 1_555 A LYS 153 N ? ? A MSE 140 A LYS 141 1_555 ? ? ? ? ? ? ? 1.331 ? ? 
# 
_struct_conn_type.id          covale 
_struct_conn_type.criteria    ? 
_struct_conn_type.reference   ? 
# 
loop_
_pdbx_modification_feature.ordinal 
_pdbx_modification_feature.label_comp_id 
_pdbx_modification_feature.label_asym_id 
_pdbx_modification_feature.label_seq_id 
_pdbx_modification_feature.label_alt_id 
_pdbx_modification_feature.modified_residue_label_comp_id 
_pdbx_modification_feature.modified_residue_label_asym_id 
_pdbx_modification_feature.modified_residue_label_seq_id 
_pdbx_modification_feature.modified_residue_label_alt_id 
_pdbx_modification_feature.auth_comp_id 
_pdbx_modification_feature.auth_asym_id 
_pdbx_modification_feature.auth_seq_id 
_pdbx_modification_feature.PDB_ins_code 
_pdbx_modification_feature.symmetry 
_pdbx_modification_feature.modified_residue_auth_comp_id 
_pdbx_modification_feature.modified_residue_auth_asym_id 
_pdbx_modification_feature.modified_residue_auth_seq_id 
_pdbx_modification_feature.modified_residue_PDB_ins_code 
_pdbx_modification_feature.modified_residue_symmetry 
_pdbx_modification_feature.comp_id_linking_atom 
_pdbx_modification_feature.modified_residue_id_linking_atom 
_pdbx_modification_feature.modified_residue_id 
_pdbx_modification_feature.ref_pcm_id 
_pdbx_modification_feature.ref_comp_id 
_pdbx_modification_feature.type 
_pdbx_modification_feature.category 
1 MSE A 13  ? . . . . MSE A 1   ? 1_555 . . . . . . . MET 1 MSE Selenomethionine 'Named protein modification' 
2 MSE A 65  ? . . . . MSE A 53  ? 1_555 . . . . . . . MET 1 MSE Selenomethionine 'Named protein modification' 
3 MSE A 152 ? . . . . MSE A 140 ? 1_555 . . . . . . . MET 1 MSE Selenomethionine 'Named protein modification' 
# 
_pdbx_entry_details.entry_id                   1VJX 
_pdbx_entry_details.compound_details           ? 
_pdbx_entry_details.source_details             ? 
_pdbx_entry_details.nonpolymer_details         ? 
_pdbx_entry_details.sequence_details           ? 
_pdbx_entry_details.has_ligand_of_interest     ? 
_pdbx_entry_details.has_protein_modification   Y 
# 
_pdbx_validate_rmsd_angle.id                         1 
_pdbx_validate_rmsd_angle.PDB_model_num              1 
_pdbx_validate_rmsd_angle.auth_atom_id_1             CB 
_pdbx_validate_rmsd_angle.auth_asym_id_1             A 
_pdbx_validate_rmsd_angle.auth_comp_id_1             ASP 
_pdbx_validate_rmsd_angle.auth_seq_id_1              86 
_pdbx_validate_rmsd_angle.PDB_ins_code_1             ? 
_pdbx_validate_rmsd_angle.label_alt_id_1             ? 
_pdbx_validate_rmsd_angle.auth_atom_id_2             CG 
_pdbx_validate_rmsd_angle.auth_asym_id_2             A 
_pdbx_validate_rmsd_angle.auth_comp_id_2             ASP 
_pdbx_validate_rmsd_angle.auth_seq_id_2              86 
_pdbx_validate_rmsd_angle.PDB_ins_code_2             ? 
_pdbx_validate_rmsd_angle.label_alt_id_2             ? 
_pdbx_validate_rmsd_angle.auth_atom_id_3             OD2 
_pdbx_validate_rmsd_angle.auth_asym_id_3             A 
_pdbx_validate_rmsd_angle.auth_comp_id_3             ASP 
_pdbx_validate_rmsd_angle.auth_seq_id_3              86 
_pdbx_validate_rmsd_angle.PDB_ins_code_3             ? 
_pdbx_validate_rmsd_angle.label_alt_id_3             ? 
_pdbx_validate_rmsd_angle.angle_value                123.75 
_pdbx_validate_rmsd_angle.angle_target_value         118.30 
_pdbx_validate_rmsd_angle.angle_deviation            5.45 
_pdbx_validate_rmsd_angle.angle_standard_deviation   0.90 
_pdbx_validate_rmsd_angle.linker_flag                N 
# 
_pdbx_validate_peptide_omega.id               1 
_pdbx_validate_peptide_omega.PDB_model_num    1 
_pdbx_validate_peptide_omega.auth_comp_id_1   PHE 
_pdbx_validate_peptide_omega.auth_asym_id_1   A 
_pdbx_validate_peptide_omega.auth_seq_id_1    28 
_pdbx_validate_peptide_omega.PDB_ins_code_1   ? 
_pdbx_validate_peptide_omega.label_alt_id_1   ? 
_pdbx_validate_peptide_omega.auth_comp_id_2   ASN 
_pdbx_validate_peptide_omega.auth_asym_id_2   A 
_pdbx_validate_peptide_omega.auth_seq_id_2    29 
_pdbx_validate_peptide_omega.PDB_ins_code_2   ? 
_pdbx_validate_peptide_omega.label_alt_id_2   ? 
_pdbx_validate_peptide_omega.omega            -146.48 
# 
_pdbx_SG_project.id                    1 
_pdbx_SG_project.project_name          'PSI, Protein Structure Initiative' 
_pdbx_SG_project.full_name_of_center   'Joint Center for Structural Genomics' 
_pdbx_SG_project.initial_of_center     JCSG 
# 
loop_
_pdbx_struct_mod_residue.id 
_pdbx_struct_mod_residue.label_asym_id 
_pdbx_struct_mod_residue.label_comp_id 
_pdbx_struct_mod_residue.label_seq_id 
_pdbx_struct_mod_residue.auth_asym_id 
_pdbx_struct_mod_residue.auth_comp_id 
_pdbx_struct_mod_residue.auth_seq_id 
_pdbx_struct_mod_residue.PDB_ins_code 
_pdbx_struct_mod_residue.parent_comp_id 
_pdbx_struct_mod_residue.details 
1 A MSE 13  A MSE 1   ? MET SELENOMETHIONINE 
2 A MSE 65  A MSE 53  ? MET SELENOMETHIONINE 
3 A MSE 152 A MSE 140 ? MET SELENOMETHIONINE 
# 
_pdbx_struct_special_symmetry.id              1 
_pdbx_struct_special_symmetry.PDB_model_num   1 
_pdbx_struct_special_symmetry.auth_asym_id    A 
_pdbx_struct_special_symmetry.auth_comp_id    HOH 
_pdbx_struct_special_symmetry.auth_seq_id     204 
_pdbx_struct_special_symmetry.PDB_ins_code    ? 
_pdbx_struct_special_symmetry.label_asym_id   B 
_pdbx_struct_special_symmetry.label_comp_id   HOH 
_pdbx_struct_special_symmetry.label_seq_id    . 
# 
_pdbx_refine_tls.id               1 
_pdbx_refine_tls.details          . 
_pdbx_refine_tls.method           refined 
_pdbx_refine_tls.origin_x         0.2121 
_pdbx_refine_tls.origin_y         0.3805 
_pdbx_refine_tls.origin_z         0.3050 
_pdbx_refine_tls.T[1][1]          -0.1899 
_pdbx_refine_tls.T[2][2]          -0.0509 
_pdbx_refine_tls.T[3][3]          -0.1230 
_pdbx_refine_tls.T[1][2]          0.1743 
_pdbx_refine_tls.T[1][3]          -0.1779 
_pdbx_refine_tls.T[2][3]          -0.0481 
_pdbx_refine_tls.L[1][1]          3.3040 
_pdbx_refine_tls.L[2][2]          3.5786 
_pdbx_refine_tls.L[3][3]          3.7802 
_pdbx_refine_tls.L[1][2]          0.9785 
_pdbx_refine_tls.L[1][3]          1.5204 
_pdbx_refine_tls.L[2][3]          1.9776 
_pdbx_refine_tls.S[1][1]          -0.2220 
_pdbx_refine_tls.S[2][2]          0.1241 
_pdbx_refine_tls.S[3][3]          0.0979 
_pdbx_refine_tls.S[1][2]          -0.0502 
_pdbx_refine_tls.S[1][3]          0.3411 
_pdbx_refine_tls.S[2][3]          0.0297 
_pdbx_refine_tls.S[2][1]          -0.0344 
_pdbx_refine_tls.S[3][1]          -0.4076 
_pdbx_refine_tls.S[3][2]          0.0670 
_pdbx_refine_tls.pdbx_refine_id   'X-RAY DIFFRACTION' 
# 
_pdbx_refine_tls_group.id                  1 
_pdbx_refine_tls_group.refine_tls_id       1 
_pdbx_refine_tls_group.beg_label_asym_id   A 
_pdbx_refine_tls_group.beg_label_seq_id    9 
_pdbx_refine_tls_group.end_label_asym_id   A 
_pdbx_refine_tls_group.end_label_seq_id    157 
_pdbx_refine_tls_group.selection           ALL 
_pdbx_refine_tls_group.beg_auth_asym_id    A 
_pdbx_refine_tls_group.beg_auth_seq_id     -3 
_pdbx_refine_tls_group.end_auth_asym_id    A 
_pdbx_refine_tls_group.end_auth_seq_id     145 
_pdbx_refine_tls_group.pdbx_refine_id      'X-RAY DIFFRACTION' 
_pdbx_refine_tls_group.selection_details   ? 
# 
loop_
_pdbx_unobs_or_zero_occ_residues.id 
_pdbx_unobs_or_zero_occ_residues.PDB_model_num 
_pdbx_unobs_or_zero_occ_residues.polymer_flag 
_pdbx_unobs_or_zero_occ_residues.occupancy_flag 
_pdbx_unobs_or_zero_occ_residues.auth_asym_id 
_pdbx_unobs_or_zero_occ_residues.auth_comp_id 
_pdbx_unobs_or_zero_occ_residues.auth_seq_id 
_pdbx_unobs_or_zero_occ_residues.PDB_ins_code 
_pdbx_unobs_or_zero_occ_residues.label_asym_id 
_pdbx_unobs_or_zero_occ_residues.label_comp_id 
_pdbx_unobs_or_zero_occ_residues.label_seq_id 
1 1 Y 1 A MET -11 ? A MET 1 
2 1 Y 1 A GLY -10 ? A GLY 2 
3 1 Y 1 A SER -9  ? A SER 3 
4 1 Y 1 A ASP -8  ? A ASP 4 
5 1 Y 1 A LYS -7  ? A LYS 5 
6 1 Y 1 A ILE -6  ? A ILE 6 
7 1 Y 1 A HIS -5  ? A HIS 7 
8 1 Y 1 A HIS -4  ? A HIS 8 
# 
loop_
_chem_comp_atom.comp_id 
_chem_comp_atom.atom_id 
_chem_comp_atom.type_symbol 
_chem_comp_atom.pdbx_aromatic_flag 
_chem_comp_atom.pdbx_stereo_config 
_chem_comp_atom.pdbx_ordinal 
ALA N    N  N N 1   
ALA CA   C  N S 2   
ALA C    C  N N 3   
ALA O    O  N N 4   
ALA CB   C  N N 5   
ALA OXT  O  N N 6   
ALA H    H  N N 7   
ALA H2   H  N N 8   
ALA HA   H  N N 9   
ALA HB1  H  N N 10  
ALA HB2  H  N N 11  
ALA HB3  H  N N 12  
ALA HXT  H  N N 13  
ARG N    N  N N 14  
ARG CA   C  N S 15  
ARG C    C  N N 16  
ARG O    O  N N 17  
ARG CB   C  N N 18  
ARG CG   C  N N 19  
ARG CD   C  N N 20  
ARG NE   N  N N 21  
ARG CZ   C  N N 22  
ARG NH1  N  N N 23  
ARG NH2  N  N N 24  
ARG OXT  O  N N 25  
ARG H    H  N N 26  
ARG H2   H  N N 27  
ARG HA   H  N N 28  
ARG HB2  H  N N 29  
ARG HB3  H  N N 30  
ARG HG2  H  N N 31  
ARG HG3  H  N N 32  
ARG HD2  H  N N 33  
ARG HD3  H  N N 34  
ARG HE   H  N N 35  
ARG HH11 H  N N 36  
ARG HH12 H  N N 37  
ARG HH21 H  N N 38  
ARG HH22 H  N N 39  
ARG HXT  H  N N 40  
ASN N    N  N N 41  
ASN CA   C  N S 42  
ASN C    C  N N 43  
ASN O    O  N N 44  
ASN CB   C  N N 45  
ASN CG   C  N N 46  
ASN OD1  O  N N 47  
ASN ND2  N  N N 48  
ASN OXT  O  N N 49  
ASN H    H  N N 50  
ASN H2   H  N N 51  
ASN HA   H  N N 52  
ASN HB2  H  N N 53  
ASN HB3  H  N N 54  
ASN HD21 H  N N 55  
ASN HD22 H  N N 56  
ASN HXT  H  N N 57  
ASP N    N  N N 58  
ASP CA   C  N S 59  
ASP C    C  N N 60  
ASP O    O  N N 61  
ASP CB   C  N N 62  
ASP CG   C  N N 63  
ASP OD1  O  N N 64  
ASP OD2  O  N N 65  
ASP OXT  O  N N 66  
ASP H    H  N N 67  
ASP H2   H  N N 68  
ASP HA   H  N N 69  
ASP HB2  H  N N 70  
ASP HB3  H  N N 71  
ASP HD2  H  N N 72  
ASP HXT  H  N N 73  
GLN N    N  N N 74  
GLN CA   C  N S 75  
GLN C    C  N N 76  
GLN O    O  N N 77  
GLN CB   C  N N 78  
GLN CG   C  N N 79  
GLN CD   C  N N 80  
GLN OE1  O  N N 81  
GLN NE2  N  N N 82  
GLN OXT  O  N N 83  
GLN H    H  N N 84  
GLN H2   H  N N 85  
GLN HA   H  N N 86  
GLN HB2  H  N N 87  
GLN HB3  H  N N 88  
GLN HG2  H  N N 89  
GLN HG3  H  N N 90  
GLN HE21 H  N N 91  
GLN HE22 H  N N 92  
GLN HXT  H  N N 93  
GLU N    N  N N 94  
GLU CA   C  N S 95  
GLU C    C  N N 96  
GLU O    O  N N 97  
GLU CB   C  N N 98  
GLU CG   C  N N 99  
GLU CD   C  N N 100 
GLU OE1  O  N N 101 
GLU OE2  O  N N 102 
GLU OXT  O  N N 103 
GLU H    H  N N 104 
GLU H2   H  N N 105 
GLU HA   H  N N 106 
GLU HB2  H  N N 107 
GLU HB3  H  N N 108 
GLU HG2  H  N N 109 
GLU HG3  H  N N 110 
GLU HE2  H  N N 111 
GLU HXT  H  N N 112 
GLY N    N  N N 113 
GLY CA   C  N N 114 
GLY C    C  N N 115 
GLY O    O  N N 116 
GLY OXT  O  N N 117 
GLY H    H  N N 118 
GLY H2   H  N N 119 
GLY HA2  H  N N 120 
GLY HA3  H  N N 121 
GLY HXT  H  N N 122 
HIS N    N  N N 123 
HIS CA   C  N S 124 
HIS C    C  N N 125 
HIS O    O  N N 126 
HIS CB   C  N N 127 
HIS CG   C  Y N 128 
HIS ND1  N  Y N 129 
HIS CD2  C  Y N 130 
HIS CE1  C  Y N 131 
HIS NE2  N  Y N 132 
HIS OXT  O  N N 133 
HIS H    H  N N 134 
HIS H2   H  N N 135 
HIS HA   H  N N 136 
HIS HB2  H  N N 137 
HIS HB3  H  N N 138 
HIS HD1  H  N N 139 
HIS HD2  H  N N 140 
HIS HE1  H  N N 141 
HIS HE2  H  N N 142 
HIS HXT  H  N N 143 
HOH O    O  N N 144 
HOH H1   H  N N 145 
HOH H2   H  N N 146 
ILE N    N  N N 147 
ILE CA   C  N S 148 
ILE C    C  N N 149 
ILE O    O  N N 150 
ILE CB   C  N S 151 
ILE CG1  C  N N 152 
ILE CG2  C  N N 153 
ILE CD1  C  N N 154 
ILE OXT  O  N N 155 
ILE H    H  N N 156 
ILE H2   H  N N 157 
ILE HA   H  N N 158 
ILE HB   H  N N 159 
ILE HG12 H  N N 160 
ILE HG13 H  N N 161 
ILE HG21 H  N N 162 
ILE HG22 H  N N 163 
ILE HG23 H  N N 164 
ILE HD11 H  N N 165 
ILE HD12 H  N N 166 
ILE HD13 H  N N 167 
ILE HXT  H  N N 168 
LEU N    N  N N 169 
LEU CA   C  N S 170 
LEU C    C  N N 171 
LEU O    O  N N 172 
LEU CB   C  N N 173 
LEU CG   C  N N 174 
LEU CD1  C  N N 175 
LEU CD2  C  N N 176 
LEU OXT  O  N N 177 
LEU H    H  N N 178 
LEU H2   H  N N 179 
LEU HA   H  N N 180 
LEU HB2  H  N N 181 
LEU HB3  H  N N 182 
LEU HG   H  N N 183 
LEU HD11 H  N N 184 
LEU HD12 H  N N 185 
LEU HD13 H  N N 186 
LEU HD21 H  N N 187 
LEU HD22 H  N N 188 
LEU HD23 H  N N 189 
LEU HXT  H  N N 190 
LYS N    N  N N 191 
LYS CA   C  N S 192 
LYS C    C  N N 193 
LYS O    O  N N 194 
LYS CB   C  N N 195 
LYS CG   C  N N 196 
LYS CD   C  N N 197 
LYS CE   C  N N 198 
LYS NZ   N  N N 199 
LYS OXT  O  N N 200 
LYS H    H  N N 201 
LYS H2   H  N N 202 
LYS HA   H  N N 203 
LYS HB2  H  N N 204 
LYS HB3  H  N N 205 
LYS HG2  H  N N 206 
LYS HG3  H  N N 207 
LYS HD2  H  N N 208 
LYS HD3  H  N N 209 
LYS HE2  H  N N 210 
LYS HE3  H  N N 211 
LYS HZ1  H  N N 212 
LYS HZ2  H  N N 213 
LYS HZ3  H  N N 214 
LYS HXT  H  N N 215 
MET N    N  N N 216 
MET CA   C  N S 217 
MET C    C  N N 218 
MET O    O  N N 219 
MET CB   C  N N 220 
MET CG   C  N N 221 
MET SD   S  N N 222 
MET CE   C  N N 223 
MET OXT  O  N N 224 
MET H    H  N N 225 
MET H2   H  N N 226 
MET HA   H  N N 227 
MET HB2  H  N N 228 
MET HB3  H  N N 229 
MET HG2  H  N N 230 
MET HG3  H  N N 231 
MET HE1  H  N N 232 
MET HE2  H  N N 233 
MET HE3  H  N N 234 
MET HXT  H  N N 235 
MSE N    N  N N 236 
MSE CA   C  N S 237 
MSE C    C  N N 238 
MSE O    O  N N 239 
MSE OXT  O  N N 240 
MSE CB   C  N N 241 
MSE CG   C  N N 242 
MSE SE   SE N N 243 
MSE CE   C  N N 244 
MSE H    H  N N 245 
MSE H2   H  N N 246 
MSE HA   H  N N 247 
MSE HXT  H  N N 248 
MSE HB2  H  N N 249 
MSE HB3  H  N N 250 
MSE HG2  H  N N 251 
MSE HG3  H  N N 252 
MSE HE1  H  N N 253 
MSE HE2  H  N N 254 
MSE HE3  H  N N 255 
PHE N    N  N N 256 
PHE CA   C  N S 257 
PHE C    C  N N 258 
PHE O    O  N N 259 
PHE CB   C  N N 260 
PHE CG   C  Y N 261 
PHE CD1  C  Y N 262 
PHE CD2  C  Y N 263 
PHE CE1  C  Y N 264 
PHE CE2  C  Y N 265 
PHE CZ   C  Y N 266 
PHE OXT  O  N N 267 
PHE H    H  N N 268 
PHE H2   H  N N 269 
PHE HA   H  N N 270 
PHE HB2  H  N N 271 
PHE HB3  H  N N 272 
PHE HD1  H  N N 273 
PHE HD2  H  N N 274 
PHE HE1  H  N N 275 
PHE HE2  H  N N 276 
PHE HZ   H  N N 277 
PHE HXT  H  N N 278 
PRO N    N  N N 279 
PRO CA   C  N S 280 
PRO C    C  N N 281 
PRO O    O  N N 282 
PRO CB   C  N N 283 
PRO CG   C  N N 284 
PRO CD   C  N N 285 
PRO OXT  O  N N 286 
PRO H    H  N N 287 
PRO HA   H  N N 288 
PRO HB2  H  N N 289 
PRO HB3  H  N N 290 
PRO HG2  H  N N 291 
PRO HG3  H  N N 292 
PRO HD2  H  N N 293 
PRO HD3  H  N N 294 
PRO HXT  H  N N 295 
SER N    N  N N 296 
SER CA   C  N S 297 
SER C    C  N N 298 
SER O    O  N N 299 
SER CB   C  N N 300 
SER OG   O  N N 301 
SER OXT  O  N N 302 
SER H    H  N N 303 
SER H2   H  N N 304 
SER HA   H  N N 305 
SER HB2  H  N N 306 
SER HB3  H  N N 307 
SER HG   H  N N 308 
SER HXT  H  N N 309 
THR N    N  N N 310 
THR CA   C  N S 311 
THR C    C  N N 312 
THR O    O  N N 313 
THR CB   C  N R 314 
THR OG1  O  N N 315 
THR CG2  C  N N 316 
THR OXT  O  N N 317 
THR H    H  N N 318 
THR H2   H  N N 319 
THR HA   H  N N 320 
THR HB   H  N N 321 
THR HG1  H  N N 322 
THR HG21 H  N N 323 
THR HG22 H  N N 324 
THR HG23 H  N N 325 
THR HXT  H  N N 326 
TRP N    N  N N 327 
TRP CA   C  N S 328 
TRP C    C  N N 329 
TRP O    O  N N 330 
TRP CB   C  N N 331 
TRP CG   C  Y N 332 
TRP CD1  C  Y N 333 
TRP CD2  C  Y N 334 
TRP NE1  N  Y N 335 
TRP CE2  C  Y N 336 
TRP CE3  C  Y N 337 
TRP CZ2  C  Y N 338 
TRP CZ3  C  Y N 339 
TRP CH2  C  Y N 340 
TRP OXT  O  N N 341 
TRP H    H  N N 342 
TRP H2   H  N N 343 
TRP HA   H  N N 344 
TRP HB2  H  N N 345 
TRP HB3  H  N N 346 
TRP HD1  H  N N 347 
TRP HE1  H  N N 348 
TRP HE3  H  N N 349 
TRP HZ2  H  N N 350 
TRP HZ3  H  N N 351 
TRP HH2  H  N N 352 
TRP HXT  H  N N 353 
TYR N    N  N N 354 
TYR CA   C  N S 355 
TYR C    C  N N 356 
TYR O    O  N N 357 
TYR CB   C  N N 358 
TYR CG   C  Y N 359 
TYR CD1  C  Y N 360 
TYR CD2  C  Y N 361 
TYR CE1  C  Y N 362 
TYR CE2  C  Y N 363 
TYR CZ   C  Y N 364 
TYR OH   O  N N 365 
TYR OXT  O  N N 366 
TYR H    H  N N 367 
TYR H2   H  N N 368 
TYR HA   H  N N 369 
TYR HB2  H  N N 370 
TYR HB3  H  N N 371 
TYR HD1  H  N N 372 
TYR HD2  H  N N 373 
TYR HE1  H  N N 374 
TYR HE2  H  N N 375 
TYR HH   H  N N 376 
TYR HXT  H  N N 377 
VAL N    N  N N 378 
VAL CA   C  N S 379 
VAL C    C  N N 380 
VAL O    O  N N 381 
VAL CB   C  N N 382 
VAL CG1  C  N N 383 
VAL CG2  C  N N 384 
VAL OXT  O  N N 385 
VAL H    H  N N 386 
VAL H2   H  N N 387 
VAL HA   H  N N 388 
VAL HB   H  N N 389 
VAL HG11 H  N N 390 
VAL HG12 H  N N 391 
VAL HG13 H  N N 392 
VAL HG21 H  N N 393 
VAL HG22 H  N N 394 
VAL HG23 H  N N 395 
VAL HXT  H  N N 396 
# 
loop_
_chem_comp_bond.comp_id 
_chem_comp_bond.atom_id_1 
_chem_comp_bond.atom_id_2 
_chem_comp_bond.value_order 
_chem_comp_bond.pdbx_aromatic_flag 
_chem_comp_bond.pdbx_stereo_config 
_chem_comp_bond.pdbx_ordinal 
ALA N   CA   sing N N 1   
ALA N   H    sing N N 2   
ALA N   H2   sing N N 3   
ALA CA  C    sing N N 4   
ALA CA  CB   sing N N 5   
ALA CA  HA   sing N N 6   
ALA C   O    doub N N 7   
ALA C   OXT  sing N N 8   
ALA CB  HB1  sing N N 9   
ALA CB  HB2  sing N N 10  
ALA CB  HB3  sing N N 11  
ALA OXT HXT  sing N N 12  
ARG N   CA   sing N N 13  
ARG N   H    sing N N 14  
ARG N   H2   sing N N 15  
ARG CA  C    sing N N 16  
ARG CA  CB   sing N N 17  
ARG CA  HA   sing N N 18  
ARG C   O    doub N N 19  
ARG C   OXT  sing N N 20  
ARG CB  CG   sing N N 21  
ARG CB  HB2  sing N N 22  
ARG CB  HB3  sing N N 23  
ARG CG  CD   sing N N 24  
ARG CG  HG2  sing N N 25  
ARG CG  HG3  sing N N 26  
ARG CD  NE   sing N N 27  
ARG CD  HD2  sing N N 28  
ARG CD  HD3  sing N N 29  
ARG NE  CZ   sing N N 30  
ARG NE  HE   sing N N 31  
ARG CZ  NH1  sing N N 32  
ARG CZ  NH2  doub N N 33  
ARG NH1 HH11 sing N N 34  
ARG NH1 HH12 sing N N 35  
ARG NH2 HH21 sing N N 36  
ARG NH2 HH22 sing N N 37  
ARG OXT HXT  sing N N 38  
ASN N   CA   sing N N 39  
ASN N   H    sing N N 40  
ASN N   H2   sing N N 41  
ASN CA  C    sing N N 42  
ASN CA  CB   sing N N 43  
ASN CA  HA   sing N N 44  
ASN C   O    doub N N 45  
ASN C   OXT  sing N N 46  
ASN CB  CG   sing N N 47  
ASN CB  HB2  sing N N 48  
ASN CB  HB3  sing N N 49  
ASN CG  OD1  doub N N 50  
ASN CG  ND2  sing N N 51  
ASN ND2 HD21 sing N N 52  
ASN ND2 HD22 sing N N 53  
ASN OXT HXT  sing N N 54  
ASP N   CA   sing N N 55  
ASP N   H    sing N N 56  
ASP N   H2   sing N N 57  
ASP CA  C    sing N N 58  
ASP CA  CB   sing N N 59  
ASP CA  HA   sing N N 60  
ASP C   O    doub N N 61  
ASP C   OXT  sing N N 62  
ASP CB  CG   sing N N 63  
ASP CB  HB2  sing N N 64  
ASP CB  HB3  sing N N 65  
ASP CG  OD1  doub N N 66  
ASP CG  OD2  sing N N 67  
ASP OD2 HD2  sing N N 68  
ASP OXT HXT  sing N N 69  
GLN N   CA   sing N N 70  
GLN N   H    sing N N 71  
GLN N   H2   sing N N 72  
GLN CA  C    sing N N 73  
GLN CA  CB   sing N N 74  
GLN CA  HA   sing N N 75  
GLN C   O    doub N N 76  
GLN C   OXT  sing N N 77  
GLN CB  CG   sing N N 78  
GLN CB  HB2  sing N N 79  
GLN CB  HB3  sing N N 80  
GLN CG  CD   sing N N 81  
GLN CG  HG2  sing N N 82  
GLN CG  HG3  sing N N 83  
GLN CD  OE1  doub N N 84  
GLN CD  NE2  sing N N 85  
GLN NE2 HE21 sing N N 86  
GLN NE2 HE22 sing N N 87  
GLN OXT HXT  sing N N 88  
GLU N   CA   sing N N 89  
GLU N   H    sing N N 90  
GLU N   H2   sing N N 91  
GLU CA  C    sing N N 92  
GLU CA  CB   sing N N 93  
GLU CA  HA   sing N N 94  
GLU C   O    doub N N 95  
GLU C   OXT  sing N N 96  
GLU CB  CG   sing N N 97  
GLU CB  HB2  sing N N 98  
GLU CB  HB3  sing N N 99  
GLU CG  CD   sing N N 100 
GLU CG  HG2  sing N N 101 
GLU CG  HG3  sing N N 102 
GLU CD  OE1  doub N N 103 
GLU CD  OE2  sing N N 104 
GLU OE2 HE2  sing N N 105 
GLU OXT HXT  sing N N 106 
GLY N   CA   sing N N 107 
GLY N   H    sing N N 108 
GLY N   H2   sing N N 109 
GLY CA  C    sing N N 110 
GLY CA  HA2  sing N N 111 
GLY CA  HA3  sing N N 112 
GLY C   O    doub N N 113 
GLY C   OXT  sing N N 114 
GLY OXT HXT  sing N N 115 
HIS N   CA   sing N N 116 
HIS N   H    sing N N 117 
HIS N   H2   sing N N 118 
HIS CA  C    sing N N 119 
HIS CA  CB   sing N N 120 
HIS CA  HA   sing N N 121 
HIS C   O    doub N N 122 
HIS C   OXT  sing N N 123 
HIS CB  CG   sing N N 124 
HIS CB  HB2  sing N N 125 
HIS CB  HB3  sing N N 126 
HIS CG  ND1  sing Y N 127 
HIS CG  CD2  doub Y N 128 
HIS ND1 CE1  doub Y N 129 
HIS ND1 HD1  sing N N 130 
HIS CD2 NE2  sing Y N 131 
HIS CD2 HD2  sing N N 132 
HIS CE1 NE2  sing Y N 133 
HIS CE1 HE1  sing N N 134 
HIS NE2 HE2  sing N N 135 
HIS OXT HXT  sing N N 136 
HOH O   H1   sing N N 137 
HOH O   H2   sing N N 138 
ILE N   CA   sing N N 139 
ILE N   H    sing N N 140 
ILE N   H2   sing N N 141 
ILE CA  C    sing N N 142 
ILE CA  CB   sing N N 143 
ILE CA  HA   sing N N 144 
ILE C   O    doub N N 145 
ILE C   OXT  sing N N 146 
ILE CB  CG1  sing N N 147 
ILE CB  CG2  sing N N 148 
ILE CB  HB   sing N N 149 
ILE CG1 CD1  sing N N 150 
ILE CG1 HG12 sing N N 151 
ILE CG1 HG13 sing N N 152 
ILE CG2 HG21 sing N N 153 
ILE CG2 HG22 sing N N 154 
ILE CG2 HG23 sing N N 155 
ILE CD1 HD11 sing N N 156 
ILE CD1 HD12 sing N N 157 
ILE CD1 HD13 sing N N 158 
ILE OXT HXT  sing N N 159 
LEU N   CA   sing N N 160 
LEU N   H    sing N N 161 
LEU N   H2   sing N N 162 
LEU CA  C    sing N N 163 
LEU CA  CB   sing N N 164 
LEU CA  HA   sing N N 165 
LEU C   O    doub N N 166 
LEU C   OXT  sing N N 167 
LEU CB  CG   sing N N 168 
LEU CB  HB2  sing N N 169 
LEU CB  HB3  sing N N 170 
LEU CG  CD1  sing N N 171 
LEU CG  CD2  sing N N 172 
LEU CG  HG   sing N N 173 
LEU CD1 HD11 sing N N 174 
LEU CD1 HD12 sing N N 175 
LEU CD1 HD13 sing N N 176 
LEU CD2 HD21 sing N N 177 
LEU CD2 HD22 sing N N 178 
LEU CD2 HD23 sing N N 179 
LEU OXT HXT  sing N N 180 
LYS N   CA   sing N N 181 
LYS N   H    sing N N 182 
LYS N   H2   sing N N 183 
LYS CA  C    sing N N 184 
LYS CA  CB   sing N N 185 
LYS CA  HA   sing N N 186 
LYS C   O    doub N N 187 
LYS C   OXT  sing N N 188 
LYS CB  CG   sing N N 189 
LYS CB  HB2  sing N N 190 
LYS CB  HB3  sing N N 191 
LYS CG  CD   sing N N 192 
LYS CG  HG2  sing N N 193 
LYS CG  HG3  sing N N 194 
LYS CD  CE   sing N N 195 
LYS CD  HD2  sing N N 196 
LYS CD  HD3  sing N N 197 
LYS CE  NZ   sing N N 198 
LYS CE  HE2  sing N N 199 
LYS CE  HE3  sing N N 200 
LYS NZ  HZ1  sing N N 201 
LYS NZ  HZ2  sing N N 202 
LYS NZ  HZ3  sing N N 203 
LYS OXT HXT  sing N N 204 
MET N   CA   sing N N 205 
MET N   H    sing N N 206 
MET N   H2   sing N N 207 
MET CA  C    sing N N 208 
MET CA  CB   sing N N 209 
MET CA  HA   sing N N 210 
MET C   O    doub N N 211 
MET C   OXT  sing N N 212 
MET CB  CG   sing N N 213 
MET CB  HB2  sing N N 214 
MET CB  HB3  sing N N 215 
MET CG  SD   sing N N 216 
MET CG  HG2  sing N N 217 
MET CG  HG3  sing N N 218 
MET SD  CE   sing N N 219 
MET CE  HE1  sing N N 220 
MET CE  HE2  sing N N 221 
MET CE  HE3  sing N N 222 
MET OXT HXT  sing N N 223 
MSE N   CA   sing N N 224 
MSE N   H    sing N N 225 
MSE N   H2   sing N N 226 
MSE CA  C    sing N N 227 
MSE CA  CB   sing N N 228 
MSE CA  HA   sing N N 229 
MSE C   O    doub N N 230 
MSE C   OXT  sing N N 231 
MSE OXT HXT  sing N N 232 
MSE CB  CG   sing N N 233 
MSE CB  HB2  sing N N 234 
MSE CB  HB3  sing N N 235 
MSE CG  SE   sing N N 236 
MSE CG  HG2  sing N N 237 
MSE CG  HG3  sing N N 238 
MSE SE  CE   sing N N 239 
MSE CE  HE1  sing N N 240 
MSE CE  HE2  sing N N 241 
MSE CE  HE3  sing N N 242 
PHE N   CA   sing N N 243 
PHE N   H    sing N N 244 
PHE N   H2   sing N N 245 
PHE CA  C    sing N N 246 
PHE CA  CB   sing N N 247 
PHE CA  HA   sing N N 248 
PHE C   O    doub N N 249 
PHE C   OXT  sing N N 250 
PHE CB  CG   sing N N 251 
PHE CB  HB2  sing N N 252 
PHE CB  HB3  sing N N 253 
PHE CG  CD1  doub Y N 254 
PHE CG  CD2  sing Y N 255 
PHE CD1 CE1  sing Y N 256 
PHE CD1 HD1  sing N N 257 
PHE CD2 CE2  doub Y N 258 
PHE CD2 HD2  sing N N 259 
PHE CE1 CZ   doub Y N 260 
PHE CE1 HE1  sing N N 261 
PHE CE2 CZ   sing Y N 262 
PHE CE2 HE2  sing N N 263 
PHE CZ  HZ   sing N N 264 
PHE OXT HXT  sing N N 265 
PRO N   CA   sing N N 266 
PRO N   CD   sing N N 267 
PRO N   H    sing N N 268 
PRO CA  C    sing N N 269 
PRO CA  CB   sing N N 270 
PRO CA  HA   sing N N 271 
PRO C   O    doub N N 272 
PRO C   OXT  sing N N 273 
PRO CB  CG   sing N N 274 
PRO CB  HB2  sing N N 275 
PRO CB  HB3  sing N N 276 
PRO CG  CD   sing N N 277 
PRO CG  HG2  sing N N 278 
PRO CG  HG3  sing N N 279 
PRO CD  HD2  sing N N 280 
PRO CD  HD3  sing N N 281 
PRO OXT HXT  sing N N 282 
SER N   CA   sing N N 283 
SER N   H    sing N N 284 
SER N   H2   sing N N 285 
SER CA  C    sing N N 286 
SER CA  CB   sing N N 287 
SER CA  HA   sing N N 288 
SER C   O    doub N N 289 
SER C   OXT  sing N N 290 
SER CB  OG   sing N N 291 
SER CB  HB2  sing N N 292 
SER CB  HB3  sing N N 293 
SER OG  HG   sing N N 294 
SER OXT HXT  sing N N 295 
THR N   CA   sing N N 296 
THR N   H    sing N N 297 
THR N   H2   sing N N 298 
THR CA  C    sing N N 299 
THR CA  CB   sing N N 300 
THR CA  HA   sing N N 301 
THR C   O    doub N N 302 
THR C   OXT  sing N N 303 
THR CB  OG1  sing N N 304 
THR CB  CG2  sing N N 305 
THR CB  HB   sing N N 306 
THR OG1 HG1  sing N N 307 
THR CG2 HG21 sing N N 308 
THR CG2 HG22 sing N N 309 
THR CG2 HG23 sing N N 310 
THR OXT HXT  sing N N 311 
TRP N   CA   sing N N 312 
TRP N   H    sing N N 313 
TRP N   H2   sing N N 314 
TRP CA  C    sing N N 315 
TRP CA  CB   sing N N 316 
TRP CA  HA   sing N N 317 
TRP C   O    doub N N 318 
TRP C   OXT  sing N N 319 
TRP CB  CG   sing N N 320 
TRP CB  HB2  sing N N 321 
TRP CB  HB3  sing N N 322 
TRP CG  CD1  doub Y N 323 
TRP CG  CD2  sing Y N 324 
TRP CD1 NE1  sing Y N 325 
TRP CD1 HD1  sing N N 326 
TRP CD2 CE2  doub Y N 327 
TRP CD2 CE3  sing Y N 328 
TRP NE1 CE2  sing Y N 329 
TRP NE1 HE1  sing N N 330 
TRP CE2 CZ2  sing Y N 331 
TRP CE3 CZ3  doub Y N 332 
TRP CE3 HE3  sing N N 333 
TRP CZ2 CH2  doub Y N 334 
TRP CZ2 HZ2  sing N N 335 
TRP CZ3 CH2  sing Y N 336 
TRP CZ3 HZ3  sing N N 337 
TRP CH2 HH2  sing N N 338 
TRP OXT HXT  sing N N 339 
TYR N   CA   sing N N 340 
TYR N   H    sing N N 341 
TYR N   H2   sing N N 342 
TYR CA  C    sing N N 343 
TYR CA  CB   sing N N 344 
TYR CA  HA   sing N N 345 
TYR C   O    doub N N 346 
TYR C   OXT  sing N N 347 
TYR CB  CG   sing N N 348 
TYR CB  HB2  sing N N 349 
TYR CB  HB3  sing N N 350 
TYR CG  CD1  doub Y N 351 
TYR CG  CD2  sing Y N 352 
TYR CD1 CE1  sing Y N 353 
TYR CD1 HD1  sing N N 354 
TYR CD2 CE2  doub Y N 355 
TYR CD2 HD2  sing N N 356 
TYR CE1 CZ   doub Y N 357 
TYR CE1 HE1  sing N N 358 
TYR CE2 CZ   sing Y N 359 
TYR CE2 HE2  sing N N 360 
TYR CZ  OH   sing N N 361 
TYR OH  HH   sing N N 362 
TYR OXT HXT  sing N N 363 
VAL N   CA   sing N N 364 
VAL N   H    sing N N 365 
VAL N   H2   sing N N 366 
VAL CA  C    sing N N 367 
VAL CA  CB   sing N N 368 
VAL CA  HA   sing N N 369 
VAL C   O    doub N N 370 
VAL C   OXT  sing N N 371 
VAL CB  CG1  sing N N 372 
VAL CB  CG2  sing N N 373 
VAL CB  HB   sing N N 374 
VAL CG1 HG11 sing N N 375 
VAL CG1 HG12 sing N N 376 
VAL CG1 HG13 sing N N 377 
VAL CG2 HG21 sing N N 378 
VAL CG2 HG22 sing N N 379 
VAL CG2 HG23 sing N N 380 
VAL OXT HXT  sing N N 381 
# 
_atom_sites.entry_id                    1VJX 
_atom_sites.fract_transf_matrix[1][1]   -0.01038987 
_atom_sites.fract_transf_matrix[1][2]   0.00349839 
_atom_sites.fract_transf_matrix[1][3]   -0.00522851 
_atom_sites.fract_transf_matrix[2][1]   0.00572066 
_atom_sites.fract_transf_matrix[2][2]   0.00945380 
_atom_sites.fract_transf_matrix[2][3]   -0.00504232 
_atom_sites.fract_transf_matrix[3][1]   0.00177149 
_atom_sites.fract_transf_matrix[3][2]   -0.00458623 
_atom_sites.fract_transf_matrix[3][3]   -0.00658887 
_atom_sites.fract_transf_vector[1]      0.582917 
_atom_sites.fract_transf_vector[2]      0.610849 
_atom_sites.fract_transf_vector[3]      0.303990 
# 
loop_
_atom_type.symbol 
C  
N  
O  
SE 
# 
loop_
_atom_site.group_PDB 
_atom_site.id 
_atom_site.type_symbol 
_atom_site.label_atom_id 
_atom_site.label_alt_id 
_atom_site.label_comp_id 
_atom_site.label_asym_id 
_atom_site.label_entity_id 
_atom_site.label_seq_id 
_atom_site.pdbx_PDB_ins_code 
_atom_site.Cartn_x 
_atom_site.Cartn_y 
_atom_site.Cartn_z 
_atom_site.occupancy 
_atom_site.B_iso_or_equiv 
_atom_site.pdbx_formal_charge 
_atom_site.auth_seq_id 
_atom_site.auth_comp_id 
_atom_site.auth_asym_id 
_atom_site.auth_atom_id 
_atom_site.pdbx_PDB_model_num 
ATOM   1    C  CA  . HIS A 1 9   ? -16.676 -10.205 2.414   1.00 58.89 ? -3  HIS A CA  1 
ATOM   2    C  C   . HIS A 1 9   ? -15.203 -10.560 2.038   1.00 59.71 ? -3  HIS A C   1 
ATOM   3    O  O   . HIS A 1 9   ? -14.546 -9.783  1.305   1.00 60.87 ? -3  HIS A O   1 
ATOM   4    N  N   . HIS A 1 10  ? -14.695 -11.691 2.573   1.00 58.27 ? -2  HIS A N   1 
ATOM   5    C  CA  . HIS A 1 10  ? -13.262 -12.159 2.420   1.00 57.12 ? -2  HIS A CA  1 
ATOM   6    C  C   . HIS A 1 10  ? -13.083 -13.576 1.886   1.00 56.51 ? -2  HIS A C   1 
ATOM   7    O  O   . HIS A 1 10  ? -11.960 -13.988 1.567   1.00 55.64 ? -2  HIS A O   1 
ATOM   8    C  CB  . HIS A 1 10  ? -12.506 -12.095 3.750   1.00 55.81 ? -2  HIS A CB  1 
ATOM   9    C  CG  . HIS A 1 10  ? -12.403 -10.717 4.299   1.00 52.62 ? -2  HIS A CG  1 
ATOM   10   N  ND1 . HIS A 1 10  ? -11.337 -9.900  4.039   1.00 46.85 ? -2  HIS A ND1 1 
ATOM   11   C  CD2 . HIS A 1 10  ? -13.261 -9.992  5.049   1.00 51.28 ? -2  HIS A CD2 1 
ATOM   12   C  CE1 . HIS A 1 10  ? -11.533 -8.734  4.621   1.00 49.02 ? -2  HIS A CE1 1 
ATOM   13   N  NE2 . HIS A 1 10  ? -12.690 -8.762  5.242   1.00 48.40 ? -2  HIS A NE2 1 
ATOM   14   N  N   . HIS A 1 11  ? -14.186 -14.319 1.808   1.00 56.19 ? -1  HIS A N   1 
ATOM   15   C  CA  . HIS A 1 11  ? -14.203 -15.582 1.109   1.00 56.17 ? -1  HIS A CA  1 
ATOM   16   C  C   . HIS A 1 11  ? -14.687 -15.299 -0.321  1.00 56.04 ? -1  HIS A C   1 
ATOM   17   O  O   . HIS A 1 11  ? -15.349 -14.279 -0.563  1.00 55.74 ? -1  HIS A O   1 
ATOM   18   C  CB  . HIS A 1 11  ? -15.086 -16.573 1.844   1.00 56.59 ? -1  HIS A CB  1 
ATOM   19   C  CG  . HIS A 1 11  ? -14.556 -16.971 3.194   1.00 57.85 ? -1  HIS A CG  1 
ATOM   20   N  ND1 . HIS A 1 11  ? -14.835 -16.262 4.344   1.00 58.15 ? -1  HIS A ND1 1 
ATOM   21   C  CD2 . HIS A 1 11  ? -13.780 -18.018 3.574   1.00 59.25 ? -1  HIS A CD2 1 
ATOM   22   C  CE1 . HIS A 1 11  ? -14.262 -16.859 5.373   1.00 60.00 ? -1  HIS A CE1 1 
ATOM   23   N  NE2 . HIS A 1 11  ? -13.605 -17.921 4.932   1.00 60.82 ? -1  HIS A NE2 1 
ATOM   24   N  N   . HIS A 1 12  ? -14.293 -16.162 -1.260  1.00 55.11 ? 0   HIS A N   1 
ATOM   25   C  CA  . HIS A 1 12  ? -14.569 -15.981 -2.678  1.00 54.68 ? 0   HIS A CA  1 
ATOM   26   C  C   . HIS A 1 12  ? -14.128 -14.622 -3.221  1.00 53.38 ? 0   HIS A C   1 
ATOM   27   O  O   . HIS A 1 12  ? -14.786 -14.098 -4.075  1.00 53.63 ? 0   HIS A O   1 
ATOM   28   C  CB  . HIS A 1 12  ? -16.082 -16.209 -2.972  1.00 55.20 ? 0   HIS A CB  1 
ATOM   29   C  CG  . HIS A 1 12  ? -16.627 -17.455 -2.352  1.00 56.77 ? 0   HIS A CG  1 
ATOM   30   N  ND1 . HIS A 1 12  ? -16.254 -18.719 -2.772  1.00 59.20 ? 0   HIS A ND1 1 
ATOM   31   C  CD2 . HIS A 1 12  ? -17.465 -17.641 -1.304  1.00 58.89 ? 0   HIS A CD2 1 
ATOM   32   C  CE1 . HIS A 1 12  ? -16.857 -19.628 -2.024  1.00 58.79 ? 0   HIS A CE1 1 
ATOM   33   N  NE2 . HIS A 1 12  ? -17.591 -19.000 -1.121  1.00 59.40 ? 0   HIS A NE2 1 
HETATM 34   N  N   . MSE A 1 13  ? -13.047 -14.039 -2.736  1.00 52.50 ? 1   MSE A N   1 
HETATM 35   C  CA  . MSE A 1 13  ? -12.445 -12.907 -3.431  1.00 51.92 ? 1   MSE A CA  1 
HETATM 36   C  C   . MSE A 1 13  ? -11.954 -13.382 -4.794  1.00 50.42 ? 1   MSE A C   1 
HETATM 37   O  O   . MSE A 1 13  ? -11.320 -14.445 -4.903  1.00 49.62 ? 1   MSE A O   1 
HETATM 38   C  CB  . MSE A 1 13  ? -11.277 -12.297 -2.654  1.00 52.80 ? 1   MSE A CB  1 
HETATM 39   C  CG  . MSE A 1 13  ? -11.690 -11.624 -1.345  1.00 58.48 ? 1   MSE A CG  1 
HETATM 40   SE SE  . MSE A 1 13  ? -12.984 -10.176 -1.676  1.00 73.07 ? 1   MSE A SE  1 
HETATM 41   C  CE  . MSE A 1 13  ? -11.537 -8.858  -2.302  1.00 69.03 ? 1   MSE A CE  1 
ATOM   42   N  N   . LYS A 1 14  ? -12.293 -12.638 -5.842  1.00 47.83 ? 2   LYS A N   1 
ATOM   43   C  CA  . LYS A 1 14  ? -11.631 -12.861 -7.107  1.00 47.06 ? 2   LYS A CA  1 
ATOM   44   C  C   . LYS A 1 14  ? -10.271 -12.108 -7.141  1.00 47.02 ? 2   LYS A C   1 
ATOM   45   O  O   . LYS A 1 14  ? -10.051 -11.161 -6.401  1.00 45.95 ? 2   LYS A O   1 
ATOM   46   C  CB  . LYS A 1 14  ? -12.493 -12.511 -8.301  1.00 45.70 ? 2   LYS A CB  1 
ATOM   47   C  CG  . LYS A 1 14  ? -13.754 -13.316 -8.416  1.00 44.80 ? 2   LYS A CG  1 
ATOM   48   C  CD  . LYS A 1 14  ? -14.501 -12.930 -9.669  1.00 40.99 ? 2   LYS A CD  1 
ATOM   49   C  CE  . LYS A 1 14  ? -15.838 -13.587 -9.779  1.00 40.77 ? 2   LYS A CE  1 
ATOM   50   N  NZ  . LYS A 1 14  ? -16.713 -12.964 -10.858 1.00 41.31 ? 2   LYS A NZ  1 
ATOM   51   N  N   . VAL A 1 15  ? -9.365  -12.587 -7.996  1.00 47.03 ? 3   VAL A N   1 
ATOM   52   C  CA  . VAL A 1 15  ? -8.174  -11.843 -8.341  1.00 47.98 ? 3   VAL A CA  1 
ATOM   53   C  C   . VAL A 1 15  ? -8.488  -10.389 -8.667  1.00 48.04 ? 3   VAL A C   1 
ATOM   54   O  O   . VAL A 1 15  ? -7.767  -9.493  -8.261  1.00 49.09 ? 3   VAL A O   1 
ATOM   55   C  CB  . VAL A 1 15  ? -7.446  -12.499 -9.557  1.00 48.13 ? 3   VAL A CB  1 
ATOM   56   C  CG1 . VAL A 1 15  ? -6.497  -11.513 -10.271 1.00 49.46 ? 3   VAL A CG1 1 
ATOM   57   C  CG2 . VAL A 1 15  ? -6.700  -13.743 -9.104  1.00 47.64 ? 3   VAL A CG2 1 
ATOM   58   N  N   . SER A 1 16  ? -9.523  -10.160 -9.451  1.00 46.92 ? 4   SER A N   1 
ATOM   59   C  CA  . SER A 1 16  ? -9.848  -8.824  -9.881  1.00 47.00 ? 4   SER A CA  1 
ATOM   60   C  C   . SER A 1 16  ? -10.307 -7.942  -8.729  1.00 47.68 ? 4   SER A C   1 
ATOM   61   O  O   . SER A 1 16  ? -10.125 -6.727  -8.782  1.00 47.95 ? 4   SER A O   1 
ATOM   62   C  CB  . SER A 1 16  ? -10.981 -8.878  -10.910 1.00 46.55 ? 4   SER A CB  1 
ATOM   63   O  OG  . SER A 1 16  ? -12.068 -9.592  -10.352 1.00 43.98 ? 4   SER A OG  1 
ATOM   64   N  N   . ASP A 1 17  ? -10.993 -8.558  -7.760  1.00 48.16 ? 5   ASP A N   1 
ATOM   65   C  CA  . ASP A 1 17  ? -11.464 -7.899  -6.549  1.00 48.00 ? 5   ASP A CA  1 
ATOM   66   C  C   . ASP A 1 17  ? -10.229 -7.447  -5.782  1.00 48.37 ? 5   ASP A C   1 
ATOM   67   O  O   . ASP A 1 17  ? -10.189 -6.358  -5.221  1.00 48.31 ? 5   ASP A O   1 
ATOM   68   C  CB  . ASP A 1 17  ? -12.265 -8.868  -5.653  1.00 47.51 ? 5   ASP A CB  1 
ATOM   69   C  CG  . ASP A 1 17  ? -13.527 -9.411  -6.319  1.00 46.09 ? 5   ASP A CG  1 
ATOM   70   O  OD1 . ASP A 1 17  ? -14.026 -8.811  -7.292  1.00 45.13 ? 5   ASP A OD1 1 
ATOM   71   O  OD2 . ASP A 1 17  ? -14.127 -10.413 -5.884  1.00 42.14 ? 5   ASP A OD2 1 
ATOM   72   N  N   . ILE A 1 18  ? -9.212  -8.282  -5.794  1.00 48.92 ? 6   ILE A N   1 
ATOM   73   C  CA  . ILE A 1 18  ? -7.976  -8.012  -5.019  1.00 49.23 ? 6   ILE A CA  1 
ATOM   74   C  C   . ILE A 1 18  ? -7.134  -6.919  -5.683  1.00 49.68 ? 6   ILE A C   1 
ATOM   75   O  O   . ILE A 1 18  ? -6.582  -6.060  -5.004  1.00 49.76 ? 6   ILE A O   1 
ATOM   76   C  CB  . ILE A 1 18  ? -7.176  -9.309  -4.867  1.00 49.41 ? 6   ILE A CB  1 
ATOM   77   C  CG1 . ILE A 1 18  ? -7.977  -10.346 -4.090  1.00 50.53 ? 6   ILE A CG1 1 
ATOM   78   C  CG2 . ILE A 1 18  ? -5.838  -9.087  -4.146  1.00 49.76 ? 6   ILE A CG2 1 
ATOM   79   C  CD1 . ILE A 1 18  ? -8.146  -10.007 -2.597  1.00 53.30 ? 6   ILE A CD1 1 
ATOM   80   N  N   . LEU A 1 19  ? -7.012  -6.942  -7.011  1.00 49.92 ? 7   LEU A N   1 
ATOM   81   C  CA  . LEU A 1 19  ? -6.391  -5.807  -7.706  1.00 50.08 ? 7   LEU A CA  1 
ATOM   82   C  C   . LEU A 1 19  ? -7.094  -4.487  -7.373  1.00 49.89 ? 7   LEU A C   1 
ATOM   83   O  O   . LEU A 1 19  ? -6.431  -3.489  -7.163  1.00 50.33 ? 7   LEU A O   1 
ATOM   84   C  CB  . LEU A 1 19  ? -6.422  -5.958  -9.198  1.00 50.15 ? 7   LEU A CB  1 
ATOM   85   C  CG  . LEU A 1 19  ? -5.322  -6.711  -9.866  1.00 51.60 ? 7   LEU A CG  1 
ATOM   86   C  CD1 . LEU A 1 19  ? -5.776  -6.901  -11.302 1.00 50.75 ? 7   LEU A CD1 1 
ATOM   87   C  CD2 . LEU A 1 19  ? -3.959  -5.944  -9.734  1.00 54.26 ? 7   LEU A CD2 1 
ATOM   88   N  N   . THR A 1 20  ? -8.421  -4.484  -7.358  1.00 49.42 ? 8   THR A N   1 
ATOM   89   C  CA  . THR A 1 20  ? -9.159  -3.271  -7.040  1.00 49.64 ? 8   THR A CA  1 
ATOM   90   C  C   . THR A 1 20  ? -8.784  -2.811  -5.625  1.00 48.35 ? 8   THR A C   1 
ATOM   91   O  O   . THR A 1 20  ? -8.561  -1.646  -5.372  1.00 46.99 ? 8   THR A O   1 
ATOM   92   C  CB  . THR A 1 20  ? -10.655 -3.527  -7.110  1.00 50.14 ? 8   THR A CB  1 
ATOM   93   O  OG1 . THR A 1 20  ? -11.051 -3.944  -8.443  1.00 52.90 ? 8   THR A OG1 1 
ATOM   94   C  CG2 . THR A 1 20  ? -11.405 -2.226  -6.900  1.00 51.82 ? 8   THR A CG2 1 
ATOM   95   N  N   . VAL A 1 21  ? -8.691  -3.775  -4.713  1.00 48.07 ? 9   VAL A N   1 
ATOM   96   C  CA  . VAL A 1 21  ? -8.332  -3.502  -3.342  1.00 46.94 ? 9   VAL A CA  1 
ATOM   97   C  C   . VAL A 1 21  ? -6.917  -2.913  -3.325  1.00 46.97 ? 9   VAL A C   1 
ATOM   98   O  O   . VAL A 1 21  ? -6.706  -1.894  -2.701  1.00 46.12 ? 9   VAL A O   1 
ATOM   99   C  CB  . VAL A 1 21  ? -8.471  -4.775  -2.471  1.00 46.81 ? 9   VAL A CB  1 
ATOM   100  C  CG1 . VAL A 1 21  ? -7.737  -4.615  -1.162  1.00 46.65 ? 9   VAL A CG1 1 
ATOM   101  C  CG2 . VAL A 1 21  ? -9.938  -5.086  -2.188  1.00 44.58 ? 9   VAL A CG2 1 
ATOM   102  N  N   . ALA A 1 22  ? -6.005  -3.519  -4.085  1.00 47.59 ? 10  ALA A N   1 
ATOM   103  C  CA  . ALA A 1 22  ? -4.593  -3.116  -4.124  1.00 48.75 ? 10  ALA A CA  1 
ATOM   104  C  C   . ALA A 1 22  ? -4.402  -1.758  -4.744  1.00 48.52 ? 10  ALA A C   1 
ATOM   105  O  O   . ALA A 1 22  ? -3.561  -0.970  -4.313  1.00 47.63 ? 10  ALA A O   1 
ATOM   106  C  CB  . ALA A 1 22  ? -3.768  -4.151  -4.879  1.00 49.59 ? 10  ALA A CB  1 
ATOM   107  N  N   . ILE A 1 23  ? -5.237  -1.456  -5.735  1.00 48.85 ? 11  ILE A N   1 
ATOM   108  C  CA  . ILE A 1 23  ? -5.166  -0.166  -6.367  1.00 47.65 ? 11  ILE A CA  1 
ATOM   109  C  C   . ILE A 1 23  ? -5.498  0.882   -5.323  1.00 48.41 ? 11  ILE A C   1 
ATOM   110  O  O   . ILE A 1 23  ? -4.834  1.912   -5.239  1.00 48.35 ? 11  ILE A O   1 
ATOM   111  C  CB  . ILE A 1 23  ? -6.109  -0.114  -7.509  1.00 47.70 ? 11  ILE A CB  1 
ATOM   112  C  CG1 . ILE A 1 23  ? -5.599  -0.983  -8.662  1.00 47.74 ? 11  ILE A CG1 1 
ATOM   113  C  CG2 . ILE A 1 23  ? -6.351  1.348   -8.001  1.00 45.91 ? 11  ILE A CG2 1 
ATOM   114  C  CD1 . ILE A 1 23  ? -6.677  -1.166  -9.769  1.00 47.31 ? 11  ILE A CD1 1 
ATOM   115  N  N   . ARG A 1 24  ? -6.524  0.627   -4.518  1.00 49.03 ? 12  ARG A N   1 
ATOM   116  C  CA  . ARG A 1 24  ? -6.989  1.650   -3.586  1.00 49.36 ? 12  ARG A CA  1 
ATOM   117  C  C   . ARG A 1 24  ? -5.996  1.879   -2.429  1.00 49.45 ? 12  ARG A C   1 
ATOM   118  O  O   . ARG A 1 24  ? -5.812  3.024   -2.012  1.00 48.91 ? 12  ARG A O   1 
ATOM   119  C  CB  . ARG A 1 24  ? -8.384  1.337   -3.086  1.00 49.76 ? 12  ARG A CB  1 
ATOM   120  C  CG  . ARG A 1 24  ? -9.385  1.571   -4.083  1.00 48.74 ? 12  ARG A CG  1 
ATOM   121  C  CD  . ARG A 1 24  ? -10.707 0.890   -3.835  1.00 51.23 ? 12  ARG A CD  1 
ATOM   122  N  NE  . ARG A 1 24  ? -11.618 0.988   -5.004  1.00 51.11 ? 12  ARG A NE  1 
ATOM   123  C  CZ  . ARG A 1 24  ? -12.890 1.446   -4.973  1.00 53.04 ? 12  ARG A CZ  1 
ATOM   124  N  NH1 . ARG A 1 24  ? -13.441 1.904   -3.850  1.00 53.84 ? 12  ARG A NH1 1 
ATOM   125  N  NH2 . ARG A 1 24  ? -13.618 1.454   -6.091  1.00 52.01 ? 12  ARG A NH2 1 
ATOM   126  N  N   . LEU A 1 25  ? -5.333  0.804   -1.986  1.00 49.58 ? 13  LEU A N   1 
ATOM   127  C  CA  . LEU A 1 25  ? -4.354  0.877   -0.935  1.00 50.13 ? 13  LEU A CA  1 
ATOM   128  C  C   . LEU A 1 25  ? -3.168  1.742   -1.383  1.00 50.28 ? 13  LEU A C   1 
ATOM   129  O  O   . LEU A 1 25  ? -2.712  2.583   -0.614  1.00 49.00 ? 13  LEU A O   1 
ATOM   130  C  CB  . LEU A 1 25  ? -3.902  -0.525  -0.473  1.00 50.49 ? 13  LEU A CB  1 
ATOM   131  C  CG  . LEU A 1 25  ? -4.973  -1.410  0.208   1.00 50.55 ? 13  LEU A CG  1 
ATOM   132  C  CD1 . LEU A 1 25  ? -4.399  -2.766  0.658   1.00 49.94 ? 13  LEU A CD1 1 
ATOM   133  C  CD2 . LEU A 1 25  ? -5.647  -0.725  1.383   1.00 50.39 ? 13  LEU A CD2 1 
ATOM   134  N  N   . GLU A 1 26  ? -2.730  1.587   -2.639  1.00 50.13 ? 14  GLU A N   1 
ATOM   135  C  CA  . GLU A 1 26  ? -1.635  2.395   -3.188  1.00 49.79 ? 14  GLU A CA  1 
ATOM   136  C  C   . GLU A 1 26  ? -2.041  3.853   -3.404  1.00 50.60 ? 14  GLU A C   1 
ATOM   137  O  O   . GLU A 1 26  ? -1.261  4.764   -3.150  1.00 51.16 ? 14  GLU A O   1 
ATOM   138  C  CB  . GLU A 1 26  ? -1.111  1.794   -4.488  1.00 49.40 ? 14  GLU A CB  1 
ATOM   139  C  CG  . GLU A 1 26  ? -0.444  0.438   -4.307  1.00 47.90 ? 14  GLU A CG  1 
ATOM   140  C  CD  . GLU A 1 26  ? 0.933   0.475   -3.654  1.00 47.17 ? 14  GLU A CD  1 
ATOM   141  O  OE1 . GLU A 1 26  ? 1.460   1.574   -3.415  1.00 44.45 ? 14  GLU A OE1 1 
ATOM   142  O  OE2 . GLU A 1 26  ? 1.508   -0.624  -3.403  1.00 48.10 ? 14  GLU A OE2 1 
ATOM   143  N  N   . GLU A 1 27  ? -3.259  4.069   -3.882  1.00 50.82 ? 15  GLU A N   1 
ATOM   144  C  CA  . GLU A 1 27  ? -3.810  5.419   -4.017  1.00 51.29 ? 15  GLU A CA  1 
ATOM   145  C  C   . GLU A 1 27  ? -3.973  6.120   -2.658  1.00 51.12 ? 15  GLU A C   1 
ATOM   146  O  O   . GLU A 1 27  ? -3.717  7.309   -2.527  1.00 51.51 ? 15  GLU A O   1 
ATOM   147  C  CB  . GLU A 1 27  ? -5.168  5.372   -4.742  1.00 50.16 ? 15  GLU A CB  1 
ATOM   148  C  CG  . GLU A 1 27  ? -5.086  4.942   -6.208  1.00 51.26 ? 15  GLU A CG  1 
ATOM   149  C  CD  . GLU A 1 27  ? -6.450  4.750   -6.892  1.00 51.73 ? 15  GLU A CD  1 
ATOM   150  O  OE1 . GLU A 1 27  ? -7.485  4.556   -6.222  1.00 49.05 ? 15  GLU A OE1 1 
ATOM   151  O  OE2 . GLU A 1 27  ? -6.500  4.825   -8.138  1.00 53.68 ? 15  GLU A OE2 1 
ATOM   152  N  N   . GLU A 1 28  ? -4.448  5.393   -1.665  1.00 51.01 ? 16  GLU A N   1 
ATOM   153  C  CA  . GLU A 1 28  ? -4.685  5.985   -0.357  1.00 50.93 ? 16  GLU A CA  1 
ATOM   154  C  C   . GLU A 1 28  ? -3.376  6.221   0.367   1.00 49.91 ? 16  GLU A C   1 
ATOM   155  O  O   . GLU A 1 28  ? -3.240  7.221   1.044   1.00 49.25 ? 16  GLU A O   1 
ATOM   156  C  CB  . GLU A 1 28  ? -5.675  5.141   0.474   1.00 51.61 ? 16  GLU A CB  1 
ATOM   157  C  CG  . GLU A 1 28  ? -7.116  5.278   -0.031  1.00 53.07 ? 16  GLU A CG  1 
ATOM   158  C  CD  . GLU A 1 28  ? -7.656  6.696   0.151   1.00 58.56 ? 16  GLU A CD  1 
ATOM   159  O  OE1 . GLU A 1 28  ? -7.613  7.192   1.315   1.00 62.19 ? 16  GLU A OE1 1 
ATOM   160  O  OE2 . GLU A 1 28  ? -8.115  7.333   -0.854  1.00 60.61 ? 16  GLU A OE2 1 
ATOM   161  N  N   . GLY A 1 29  ? -2.427  5.325   0.166   1.00 49.49 ? 17  GLY A N   1 
ATOM   162  C  CA  . GLY A 1 29  ? -1.096  5.459   0.696   1.00 50.03 ? 17  GLY A CA  1 
ATOM   163  C  C   . GLY A 1 29  ? -0.363  6.684   0.187   1.00 50.55 ? 17  GLY A C   1 
ATOM   164  O  O   . GLY A 1 29  ? 0.339   7.374   0.965   1.00 51.06 ? 17  GLY A O   1 
ATOM   165  N  N   . GLU A 1 30  ? -0.514  6.952   -1.109  1.00 50.15 ? 18  GLU A N   1 
ATOM   166  C  CA  . GLU A 1 30  ? 0.031   8.156   -1.731  1.00 49.86 ? 18  GLU A CA  1 
ATOM   167  C  C   . GLU A 1 30  ? -0.479  9.387   -0.992  1.00 49.97 ? 18  GLU A C   1 
ATOM   168  O  O   . GLU A 1 30  ? 0.298   10.271  -0.633  1.00 48.81 ? 18  GLU A O   1 
ATOM   169  C  CB  . GLU A 1 30  ? -0.327  8.238   -3.235  1.00 49.52 ? 18  GLU A CB  1 
ATOM   170  C  CG  . GLU A 1 30  ? -0.145  9.637   -3.857  1.00 49.84 ? 18  GLU A CG  1 
ATOM   171  C  CD  . GLU A 1 30  ? -0.440  9.717   -5.358  1.00 49.15 ? 18  GLU A CD  1 
ATOM   172  O  OE1 . GLU A 1 30  ? -1.063  8.797   -5.902  1.00 49.52 ? 18  GLU A OE1 1 
ATOM   173  O  OE2 . GLU A 1 30  ? -0.050  10.698  -6.012  1.00 47.11 ? 18  GLU A OE2 1 
ATOM   174  N  N   . ARG A 1 31  ? -1.800  9.440   -0.813  1.00 50.32 ? 19  ARG A N   1 
ATOM   175  C  CA  . ARG A 1 31  ? -2.460  10.558  -0.163  1.00 50.98 ? 19  ARG A CA  1 
ATOM   176  C  C   . ARG A 1 31  ? -2.045  10.757  1.280   1.00 48.79 ? 19  ARG A C   1 
ATOM   177  O  O   . ARG A 1 31  ? -1.811  11.867  1.724   1.00 47.31 ? 19  ARG A O   1 
ATOM   178  C  CB  . ARG A 1 31  ? -3.966  10.346  -0.172  1.00 51.00 ? 19  ARG A CB  1 
ATOM   179  C  CG  . ARG A 1 31  ? -4.656  11.090  -1.244  1.00 54.04 ? 19  ARG A CG  1 
ATOM   180  C  CD  . ARG A 1 31  ? -6.160  11.073  -1.098  1.00 56.66 ? 19  ARG A CD  1 
ATOM   181  N  NE  . ARG A 1 31  ? -6.553  11.797  0.118   1.00 62.41 ? 19  ARG A NE  1 
ATOM   182  C  CZ  . ARG A 1 31  ? -7.176  11.274  1.187   1.00 64.21 ? 19  ARG A CZ  1 
ATOM   183  N  NH1 . ARG A 1 31  ? -7.540  9.988   1.221   1.00 64.40 ? 19  ARG A NH1 1 
ATOM   184  N  NH2 . ARG A 1 31  ? -7.453  12.065  2.233   1.00 64.40 ? 19  ARG A NH2 1 
ATOM   185  N  N   . PHE A 1 32  ? -2.066  9.664   2.020   1.00 48.44 ? 20  PHE A N   1 
ATOM   186  C  CA  . PHE A 1 32  ? -1.579  9.619   3.398   1.00 48.11 ? 20  PHE A CA  1 
ATOM   187  C  C   . PHE A 1 32  ? -0.185  10.264  3.479   1.00 47.56 ? 20  PHE A C   1 
ATOM   188  O  O   . PHE A 1 32  ? -0.012  11.283  4.149   1.00 46.82 ? 20  PHE A O   1 
ATOM   189  C  CB  . PHE A 1 32  ? -1.559  8.169   3.850   1.00 48.80 ? 20  PHE A CB  1 
ATOM   190  C  CG  . PHE A 1 32  ? -1.225  7.961   5.301   1.00 49.66 ? 20  PHE A CG  1 
ATOM   191  C  CD1 . PHE A 1 32  ? -2.009  8.513   6.303   1.00 50.44 ? 20  PHE A CD1 1 
ATOM   192  C  CD2 . PHE A 1 32  ? -0.165  7.142   5.656   1.00 48.78 ? 20  PHE A CD2 1 
ATOM   193  C  CE1 . PHE A 1 32  ? -1.698  8.282   7.648   1.00 50.59 ? 20  PHE A CE1 1 
ATOM   194  C  CE2 . PHE A 1 32  ? 0.141   6.905   6.982   1.00 50.37 ? 20  PHE A CE2 1 
ATOM   195  C  CZ  . PHE A 1 32  ? -0.620  7.474   7.978   1.00 50.20 ? 20  PHE A CZ  1 
ATOM   196  N  N   . TYR A 1 33  ? 0.779   9.714   2.737   1.00 47.21 ? 21  TYR A N   1 
ATOM   197  C  CA  . TYR A 1 33  ? 2.180   10.147  2.859   1.00 47.23 ? 21  TYR A CA  1 
ATOM   198  C  C   . TYR A 1 33  ? 2.373   11.607  2.416   1.00 46.49 ? 21  TYR A C   1 
ATOM   199  O  O   . TYR A 1 33  ? 3.165   12.346  3.026   1.00 46.04 ? 21  TYR A O   1 
ATOM   200  C  CB  . TYR A 1 33  ? 3.140   9.195   2.127   1.00 47.84 ? 21  TYR A CB  1 
ATOM   201  C  CG  . TYR A 1 33  ? 3.216   7.786   2.705   1.00 48.97 ? 21  TYR A CG  1 
ATOM   202  C  CD1 . TYR A 1 33  ? 3.430   7.572   4.067   1.00 49.31 ? 21  TYR A CD1 1 
ATOM   203  C  CD2 . TYR A 1 33  ? 3.123   6.666   1.875   1.00 49.58 ? 21  TYR A CD2 1 
ATOM   204  C  CE1 . TYR A 1 33  ? 3.513   6.290   4.587   1.00 49.96 ? 21  TYR A CE1 1 
ATOM   205  C  CE2 . TYR A 1 33  ? 3.209   5.379   2.376   1.00 48.97 ? 21  TYR A CE2 1 
ATOM   206  C  CZ  . TYR A 1 33  ? 3.400   5.186   3.734   1.00 51.03 ? 21  TYR A CZ  1 
ATOM   207  O  OH  . TYR A 1 33  ? 3.492   3.898   4.241   1.00 49.37 ? 21  TYR A OH  1 
ATOM   208  N  N   A ARG A 1 34  ? 1.629   12.018  1.397   0.50 45.85 ? 22  ARG A N   1 
ATOM   209  N  N   B ARG A 1 34  ? 1.654   12.019  1.372   0.50 45.67 ? 22  ARG A N   1 
ATOM   210  C  CA  A ARG A 1 34  ? 1.713   13.379  0.906   0.50 45.62 ? 22  ARG A CA  1 
ATOM   211  C  CA  B ARG A 1 34  ? 1.690   13.404  0.912   0.50 45.44 ? 22  ARG A CA  1 
ATOM   212  C  C   A ARG A 1 34  ? 1.103   14.353  1.939   0.50 45.65 ? 22  ARG A C   1 
ATOM   213  C  C   B ARG A 1 34  ? 1.129   14.329  1.992   0.50 45.56 ? 22  ARG A C   1 
ATOM   214  O  O   A ARG A 1 34  ? 1.696   15.385  2.238   0.50 44.88 ? 22  ARG A O   1 
ATOM   215  O  O   B ARG A 1 34  ? 1.762   15.315  2.359   0.50 44.77 ? 22  ARG A O   1 
ATOM   216  C  CB  A ARG A 1 34  ? 1.041   13.502  -0.475  0.50 45.64 ? 22  ARG A CB  1 
ATOM   217  C  CB  B ARG A 1 34  ? 0.886   13.588  -0.391  0.50 45.55 ? 22  ARG A CB  1 
ATOM   218  C  CG  A ARG A 1 34  ? 1.657   14.576  -1.349  0.50 45.20 ? 22  ARG A CG  1 
ATOM   219  C  CG  B ARG A 1 34  ? 0.798   15.051  -0.876  0.50 45.15 ? 22  ARG A CG  1 
ATOM   220  C  CD  A ARG A 1 34  ? 0.997   14.752  -2.702  0.50 44.58 ? 22  ARG A CD  1 
ATOM   221  C  CD  B ARG A 1 34  ? -0.392  15.344  -1.797  0.50 44.35 ? 22  ARG A CD  1 
ATOM   222  N  NE  A ARG A 1 34  ? 1.322   13.702  -3.674  0.50 43.39 ? 22  ARG A NE  1 
ATOM   223  N  NE  B ARG A 1 34  ? -0.574  14.251  -2.748  0.50 43.76 ? 22  ARG A NE  1 
ATOM   224  C  CZ  A ARG A 1 34  ? 2.472   13.599  -4.325  0.50 41.65 ? 22  ARG A CZ  1 
ATOM   225  C  CZ  B ARG A 1 34  ? -1.702  13.588  -2.982  0.50 40.48 ? 22  ARG A CZ  1 
ATOM   226  N  NH1 A ARG A 1 34  ? 3.467   14.454  -4.077  0.50 40.98 ? 22  ARG A NH1 1 
ATOM   227  N  NH1 B ARG A 1 34  ? -2.839  13.894  -2.367  0.50 38.58 ? 22  ARG A NH1 1 
ATOM   228  N  NH2 A ARG A 1 34  ? 2.643   12.621  -5.210  0.50 40.19 ? 22  ARG A NH2 1 
ATOM   229  N  NH2 B ARG A 1 34  ? -1.678  12.613  -3.869  0.50 39.83 ? 22  ARG A NH2 1 
ATOM   230  N  N   . GLU A 1 35  ? -0.061  14.001  2.485   1.00 45.74 ? 23  GLU A N   1 
ATOM   231  C  CA  . GLU A 1 35  ? -0.686  14.753  3.581   1.00 46.22 ? 23  GLU A CA  1 
ATOM   232  C  C   . GLU A 1 35  ? 0.171   14.747  4.864   1.00 45.95 ? 23  GLU A C   1 
ATOM   233  O  O   . GLU A 1 35  ? 0.255   15.762  5.547   1.00 45.85 ? 23  GLU A O   1 
ATOM   234  C  CB  . GLU A 1 35  ? -2.098  14.218  3.887   1.00 46.07 ? 23  GLU A CB  1 
ATOM   235  C  CG  . GLU A 1 35  ? -3.152  14.615  2.841   1.00 48.85 ? 23  GLU A CG  1 
ATOM   236  C  CD  . GLU A 1 35  ? -4.509  13.894  2.977   1.00 48.97 ? 23  GLU A CD  1 
ATOM   237  O  OE1 . GLU A 1 35  ? -4.566  12.639  2.939   1.00 56.35 ? 23  GLU A OE1 1 
ATOM   238  O  OE2 . GLU A 1 35  ? -5.535  14.587  3.100   1.00 54.09 ? 23  GLU A OE2 1 
ATOM   239  N  N   . LEU A 1 36  ? 0.806   13.619  5.189   1.00 45.78 ? 24  LEU A N   1 
ATOM   240  C  CA  . LEU A 1 36  ? 1.682   13.563  6.360   1.00 45.65 ? 24  LEU A CA  1 
ATOM   241  C  C   . LEU A 1 36  ? 2.842   14.540  6.226   1.00 45.84 ? 24  LEU A C   1 
ATOM   242  O  O   . LEU A 1 36  ? 3.314   15.110  7.236   1.00 45.55 ? 24  LEU A O   1 
ATOM   243  C  CB  . LEU A 1 36  ? 2.261   12.162  6.575   1.00 45.69 ? 24  LEU A CB  1 
ATOM   244  C  CG  . LEU A 1 36  ? 1.419   11.042  7.188   1.00 45.16 ? 24  LEU A CG  1 
ATOM   245  C  CD1 . LEU A 1 36  ? 2.332   9.842   7.370   1.00 47.05 ? 24  LEU A CD1 1 
ATOM   246  C  CD2 . LEU A 1 36  ? 0.802   11.433  8.517   1.00 44.38 ? 24  LEU A CD2 1 
ATOM   247  N  N   . SER A 1 37  ? 3.309   14.727  4.988   1.00 45.32 ? 25  SER A N   1 
ATOM   248  C  CA  . SER A 1 37  ? 4.452   15.594  4.732   1.00 44.92 ? 25  SER A CA  1 
ATOM   249  C  C   . SER A 1 37  ? 4.158   17.051  5.090   1.00 45.06 ? 25  SER A C   1 
ATOM   250  O  O   . SER A 1 37  ? 5.061   17.868  5.192   1.00 45.42 ? 25  SER A O   1 
ATOM   251  C  CB  . SER A 1 37  ? 4.880   15.481  3.275   1.00 44.57 ? 25  SER A CB  1 
ATOM   252  O  OG  . SER A 1 37  ? 4.039   16.242  2.436   1.00 44.68 ? 25  SER A OG  1 
ATOM   253  N  N   . GLU A 1 38  ? 2.888   17.383  5.263   1.00 45.14 ? 26  GLU A N   1 
ATOM   254  C  CA  . GLU A 1 38  ? 2.502   18.720  5.682   1.00 45.52 ? 26  GLU A CA  1 
ATOM   255  C  C   . GLU A 1 38  ? 2.700   18.913  7.161   1.00 44.20 ? 26  GLU A C   1 
ATOM   256  O  O   . GLU A 1 38  ? 2.594   20.013  7.610   1.00 44.40 ? 26  GLU A O   1 
ATOM   257  C  CB  . GLU A 1 38  ? 1.020   18.969  5.381   1.00 45.79 ? 26  GLU A CB  1 
ATOM   258  C  CG  . GLU A 1 38  ? 0.668   19.234  3.927   1.00 47.10 ? 26  GLU A CG  1 
ATOM   259  C  CD  . GLU A 1 38  ? -0.801  18.915  3.604   1.00 48.31 ? 26  GLU A CD  1 
ATOM   260  O  OE1 . GLU A 1 38  ? -1.538  18.377  4.483   1.00 51.04 ? 26  GLU A OE1 1 
ATOM   261  O  OE2 . GLU A 1 38  ? -1.206  19.157  2.442   1.00 49.20 ? 26  GLU A OE2 1 
ATOM   262  N  N   . HIS A 1 39  ? 2.946   17.841  7.912   1.00 43.41 ? 27  HIS A N   1 
ATOM   263  C  CA  . HIS A 1 39  ? 3.059   17.902  9.364   1.00 42.85 ? 27  HIS A CA  1 
ATOM   264  C  C   . HIS A 1 39  ? 4.517   17.953  9.851   1.00 42.30 ? 27  HIS A C   1 
ATOM   265  O  O   . HIS A 1 39  ? 4.761   18.149  11.042  1.00 39.83 ? 27  HIS A O   1 
ATOM   266  C  CB  . HIS A 1 39  ? 2.333   16.702  9.992   1.00 42.73 ? 27  HIS A CB  1 
ATOM   267  C  CG  . HIS A 1 39  ? 0.847   16.731  9.784   1.00 44.44 ? 27  HIS A CG  1 
ATOM   268  N  ND1 . HIS A 1 39  ? -0.032  17.264  10.708  1.00 43.71 ? 27  HIS A ND1 1 
ATOM   269  C  CD2 . HIS A 1 39  ? 0.092   16.328  8.736   1.00 45.51 ? 27  HIS A CD2 1 
ATOM   270  C  CE1 . HIS A 1 39  ? -1.262  17.179  10.237  1.00 45.64 ? 27  HIS A CE1 1 
ATOM   271  N  NE2 . HIS A 1 39  ? -1.216  16.618  9.041   1.00 47.22 ? 27  HIS A NE2 1 
ATOM   272  N  N   . PHE A 1 40  ? 5.454   17.783  8.905   1.00 42.55 ? 28  PHE A N   1 
ATOM   273  C  CA  . PHE A 1 40  ? 6.868   17.492  9.173   1.00 42.57 ? 28  PHE A CA  1 
ATOM   274  C  C   . PHE A 1 40  ? 7.800   18.248  8.246   1.00 43.01 ? 28  PHE A C   1 
ATOM   275  O  O   . PHE A 1 40  ? 7.356   18.929  7.337   1.00 43.00 ? 28  PHE A O   1 
ATOM   276  C  CB  . PHE A 1 40  ? 7.116   15.988  9.122   1.00 42.37 ? 28  PHE A CB  1 
ATOM   277  C  CG  . PHE A 1 40  ? 6.373   15.267  10.167  1.00 42.54 ? 28  PHE A CG  1 
ATOM   278  C  CD1 . PHE A 1 40  ? 6.763   15.384  11.498  1.00 41.96 ? 28  PHE A CD1 1 
ATOM   279  C  CD2 . PHE A 1 40  ? 5.207   14.560  9.854   1.00 42.64 ? 28  PHE A CD2 1 
ATOM   280  C  CE1 . PHE A 1 40  ? 6.034   14.757  12.503  1.00 42.66 ? 28  PHE A CE1 1 
ATOM   281  C  CE2 . PHE A 1 40  ? 4.473   13.920  10.841  1.00 42.83 ? 28  PHE A CE2 1 
ATOM   282  C  CZ  . PHE A 1 40  ? 4.890   14.005  12.172  1.00 43.42 ? 28  PHE A CZ  1 
ATOM   283  N  N   . ASN A 1 41  ? 9.101   18.131  8.479   1.00 44.26 ? 29  ASN A N   1 
ATOM   284  C  CA  . ASN A 1 41  ? 9.971   19.264  8.210   1.00 45.31 ? 29  ASN A CA  1 
ATOM   285  C  C   . ASN A 1 41  ? 11.194  19.108  7.305   1.00 45.22 ? 29  ASN A C   1 
ATOM   286  O  O   . ASN A 1 41  ? 11.490  20.036  6.550   1.00 46.29 ? 29  ASN A O   1 
ATOM   287  C  CB  . ASN A 1 41  ? 10.386  19.906  9.544   1.00 45.28 ? 29  ASN A CB  1 
ATOM   288  C  CG  . ASN A 1 41  ? 9.420   20.988  9.998   1.00 47.36 ? 29  ASN A CG  1 
ATOM   289  O  OD1 . ASN A 1 41  ? 9.023   21.876  9.206   1.00 48.61 ? 29  ASN A OD1 1 
ATOM   290  N  ND2 . ASN A 1 41  ? 9.044   20.942  11.283  1.00 48.58 ? 29  ASN A ND2 1 
ATOM   291  N  N   . GLY A 1 42  ? 11.931  18.016  7.369   1.00 44.54 ? 30  GLY A N   1 
ATOM   292  C  CA  . GLY A 1 42  ? 13.246  18.077  6.752   1.00 44.68 ? 30  GLY A CA  1 
ATOM   293  C  C   . GLY A 1 42  ? 13.548  16.972  5.799   1.00 44.90 ? 30  GLY A C   1 
ATOM   294  O  O   . GLY A 1 42  ? 12.892  16.863  4.747   1.00 45.92 ? 30  GLY A O   1 
ATOM   295  N  N   . GLU A 1 43  ? 14.545  16.165  6.156   1.00 44.61 ? 31  GLU A N   1 
ATOM   296  C  CA  . GLU A 1 43  ? 14.702  14.838  5.557   1.00 45.12 ? 31  GLU A CA  1 
ATOM   297  C  C   . GLU A 1 43  ? 13.400  14.022  5.659   1.00 44.73 ? 31  GLU A C   1 
ATOM   298  O  O   . GLU A 1 43  ? 13.034  13.320  4.727   1.00 44.13 ? 31  GLU A O   1 
ATOM   299  C  CB  . GLU A 1 43  ? 15.871  14.081  6.200   1.00 45.28 ? 31  GLU A CB  1 
ATOM   300  C  CG  . GLU A 1 43  ? 17.236  14.653  5.843   1.00 46.49 ? 31  GLU A CG  1 
ATOM   301  C  CD  . GLU A 1 43  ? 17.363  14.851  4.346   1.00 47.87 ? 31  GLU A CD  1 
ATOM   302  O  OE1 . GLU A 1 43  ? 17.158  13.854  3.611   1.00 47.84 ? 31  GLU A OE1 1 
ATOM   303  O  OE2 . GLU A 1 43  ? 17.614  15.996  3.908   1.00 48.58 ? 31  GLU A OE2 1 
ATOM   304  N  N   . ILE A 1 44  ? 12.721  14.163  6.793   1.00 44.84 ? 32  ILE A N   1 
ATOM   305  C  CA  . ILE A 1 44  ? 11.436  13.542  7.047   1.00 45.26 ? 32  ILE A CA  1 
ATOM   306  C  C   . ILE A 1 44  ? 10.345  13.932  6.035   1.00 45.03 ? 32  ILE A C   1 
ATOM   307  O  O   . ILE A 1 44  ? 9.667   13.061  5.514   1.00 44.96 ? 32  ILE A O   1 
ATOM   308  C  CB  . ILE A 1 44  ? 10.983  13.868  8.490   1.00 45.54 ? 32  ILE A CB  1 
ATOM   309  C  CG1 . ILE A 1 44  ? 11.859  13.088  9.485   1.00 46.02 ? 32  ILE A CG1 1 
ATOM   310  C  CG2 . ILE A 1 44  ? 9.502   13.491  8.687   1.00 46.58 ? 32  ILE A CG2 1 
ATOM   311  C  CD1 . ILE A 1 44  ? 11.752  13.549  10.910  1.00 46.83 ? 32  ILE A CD1 1 
ATOM   312  N  N   . LYS A 1 45  ? 10.177  15.225  5.766   1.00 45.11 ? 33  LYS A N   1 
ATOM   313  C  CA  . LYS A 1 45  ? 9.201   15.690  4.769   1.00 45.03 ? 33  LYS A CA  1 
ATOM   314  C  C   . LYS A 1 45  ? 9.512   15.010  3.418   1.00 44.89 ? 33  LYS A C   1 
ATOM   315  O  O   . LYS A 1 45  ? 8.637   14.392  2.790   1.00 43.74 ? 33  LYS A O   1 
ATOM   316  C  CB  . LYS A 1 45  ? 9.241   17.232  4.611   1.00 44.98 ? 33  LYS A CB  1 
ATOM   317  C  CG  . LYS A 1 45  ? 7.901   17.864  4.217   1.00 45.42 ? 33  LYS A CG  1 
ATOM   318  C  CD  . LYS A 1 45  ? 7.984   19.281  3.646   1.00 45.47 ? 33  LYS A CD  1 
ATOM   319  C  CE  . LYS A 1 45  ? 7.649   20.391  4.674   1.00 47.81 ? 33  LYS A CE  1 
ATOM   320  N  NZ  . LYS A 1 45  ? 6.248   20.351  5.227   1.00 47.04 ? 33  LYS A NZ  1 
ATOM   321  N  N   . LYS A 1 46  ? 10.779  15.128  3.009   1.00 44.89 ? 34  LYS A N   1 
ATOM   322  C  CA  . LYS A 1 46  ? 11.286  14.585  1.753   1.00 44.99 ? 34  LYS A CA  1 
ATOM   323  C  C   . LYS A 1 46  ? 10.990  13.078  1.671   1.00 44.68 ? 34  LYS A C   1 
ATOM   324  O  O   . LYS A 1 46  ? 10.638  12.563  0.623   1.00 42.60 ? 34  LYS A O   1 
ATOM   325  C  CB  . LYS A 1 46  ? 12.788  14.902  1.636   1.00 44.93 ? 34  LYS A CB  1 
ATOM   326  C  CG  . LYS A 1 46  ? 13.559  14.359  0.413   1.00 45.31 ? 34  LYS A CG  1 
ATOM   327  C  CD  . LYS A 1 46  ? 15.088  14.376  0.712   1.00 46.42 ? 34  LYS A CD  1 
ATOM   328  C  CE  . LYS A 1 46  ? 15.974  14.471  -0.562  1.00 47.23 ? 34  LYS A CE  1 
ATOM   329  N  NZ  . LYS A 1 46  ? 17.453  14.559  -0.248  1.00 47.80 ? 34  LYS A NZ  1 
ATOM   330  N  N   . THR A 1 47  ? 11.120  12.397  2.802   1.00 45.28 ? 35  THR A N   1 
ATOM   331  C  CA  . THR A 1 47  ? 10.890  10.966  2.838   1.00 46.34 ? 35  THR A CA  1 
ATOM   332  C  C   . THR A 1 47  ? 9.434   10.681  2.518   1.00 46.28 ? 35  THR A C   1 
ATOM   333  O  O   . THR A 1 47  ? 9.129   9.938   1.599   1.00 46.73 ? 35  THR A O   1 
ATOM   334  C  CB  . THR A 1 47  ? 11.318  10.370  4.218   1.00 46.11 ? 35  THR A CB  1 
ATOM   335  O  OG1 . THR A 1 47  ? 12.710  10.034  4.168   1.00 47.69 ? 35  THR A OG1 1 
ATOM   336  C  CG2 . THR A 1 47  ? 10.649  9.020   4.484   1.00 46.32 ? 35  THR A CG2 1 
ATOM   337  N  N   . PHE A 1 48  ? 8.541   11.290  3.277   1.00 46.78 ? 36  PHE A N   1 
ATOM   338  C  CA  . PHE A 1 48  ? 7.128   11.053  3.101   1.00 47.29 ? 36  PHE A CA  1 
ATOM   339  C  C   . PHE A 1 48  ? 6.715   11.355  1.664   1.00 47.30 ? 36  PHE A C   1 
ATOM   340  O  O   . PHE A 1 48  ? 5.845   10.713  1.132   1.00 46.97 ? 36  PHE A O   1 
ATOM   341  C  CB  . PHE A 1 48  ? 6.309   11.907  4.078   1.00 47.47 ? 36  PHE A CB  1 
ATOM   342  C  CG  . PHE A 1 48  ? 6.317   11.403  5.478   1.00 47.98 ? 36  PHE A CG  1 
ATOM   343  C  CD1 . PHE A 1 48  ? 6.116   10.062  5.755   1.00 49.55 ? 36  PHE A CD1 1 
ATOM   344  C  CD2 . PHE A 1 48  ? 6.517   12.264  6.530   1.00 49.35 ? 36  PHE A CD2 1 
ATOM   345  C  CE1 . PHE A 1 48  ? 6.136   9.593   7.067   1.00 49.68 ? 36  PHE A CE1 1 
ATOM   346  C  CE2 . PHE A 1 48  ? 6.526   11.793  7.839   1.00 49.25 ? 36  PHE A CE2 1 
ATOM   347  C  CZ  . PHE A 1 48  ? 6.329   10.454  8.096   1.00 47.57 ? 36  PHE A CZ  1 
ATOM   348  N  N   . LEU A 1 49  ? 7.338   12.343  1.042   1.00 47.98 ? 37  LEU A N   1 
ATOM   349  C  CA  . LEU A 1 49  ? 6.970   12.699  -0.325  1.00 48.73 ? 37  LEU A CA  1 
ATOM   350  C  C   . LEU A 1 49  ? 7.478   11.652  -1.318  1.00 49.24 ? 37  LEU A C   1 
ATOM   351  O  O   . LEU A 1 49  ? 6.801   11.359  -2.304  1.00 49.51 ? 37  LEU A O   1 
ATOM   352  C  CB  . LEU A 1 49  ? 7.466   14.097  -0.700  1.00 48.16 ? 37  LEU A CB  1 
ATOM   353  C  CG  . LEU A 1 49  ? 6.682   15.245  -0.074  1.00 48.93 ? 37  LEU A CG  1 
ATOM   354  C  CD1 . LEU A 1 49  ? 7.443   16.587  -0.220  1.00 49.32 ? 37  LEU A CD1 1 
ATOM   355  C  CD2 . LEU A 1 49  ? 5.266   15.364  -0.664  1.00 48.46 ? 37  LEU A CD2 1 
ATOM   356  N  N   . GLU A 1 50  ? 8.672   11.115  -1.064  1.00 49.36 ? 38  GLU A N   1 
ATOM   357  C  CA  . GLU A 1 50  ? 9.208   10.034  -1.882  1.00 49.89 ? 38  GLU A CA  1 
ATOM   358  C  C   . GLU A 1 50  ? 8.278   8.844   -1.799  1.00 49.24 ? 38  GLU A C   1 
ATOM   359  O  O   . GLU A 1 50  ? 7.902   8.285   -2.820  1.00 49.51 ? 38  GLU A O   1 
ATOM   360  C  CB  . GLU A 1 50  ? 10.623  9.639   -1.451  1.00 48.98 ? 38  GLU A CB  1 
ATOM   361  C  CG  . GLU A 1 50  ? 11.692  10.399  -2.221  1.00 50.91 ? 38  GLU A CG  1 
ATOM   362  C  CD  . GLU A 1 50  ? 13.006  10.566  -1.440  1.00 51.99 ? 38  GLU A CD  1 
ATOM   363  O  OE1 . GLU A 1 50  ? 13.301  9.685   -0.577  1.00 54.83 ? 38  GLU A OE1 1 
ATOM   364  O  OE2 . GLU A 1 50  ? 13.742  11.571  -1.697  1.00 52.58 ? 38  GLU A OE2 1 
ATOM   365  N  N   . LEU A 1 51  ? 7.914   8.478   -0.570  1.00 49.39 ? 39  LEU A N   1 
ATOM   366  C  CA  . LEU A 1 51  ? 7.010   7.367   -0.318  1.00 49.14 ? 39  LEU A CA  1 
ATOM   367  C  C   . LEU A 1 51  ? 5.713   7.562   -1.086  1.00 48.99 ? 39  LEU A C   1 
ATOM   368  O  O   . LEU A 1 51  ? 5.227   6.626   -1.688  1.00 49.30 ? 39  LEU A O   1 
ATOM   369  C  CB  . LEU A 1 51  ? 6.764   7.181   1.194   1.00 49.30 ? 39  LEU A CB  1 
ATOM   370  C  CG  . LEU A 1 51  ? 7.969   6.745   2.042   1.00 49.16 ? 39  LEU A CG  1 
ATOM   371  C  CD1 . LEU A 1 51  ? 7.605   6.528   3.501   1.00 47.81 ? 39  LEU A CD1 1 
ATOM   372  C  CD2 . LEU A 1 51  ? 8.551   5.480   1.508   1.00 51.89 ? 39  LEU A CD2 1 
ATOM   373  N  N   . ALA A 1 52  ? 5.198   8.793   -1.102  1.00 49.17 ? 40  ALA A N   1 
ATOM   374  C  CA  . ALA A 1 52  ? 3.980   9.153   -1.851  1.00 48.97 ? 40  ALA A CA  1 
ATOM   375  C  C   . ALA A 1 52  ? 4.126   8.962   -3.367  1.00 49.25 ? 40  ALA A C   1 
ATOM   376  O  O   . ALA A 1 52  ? 3.242   8.402   -3.985  1.00 49.09 ? 40  ALA A O   1 
ATOM   377  C  CB  . ALA A 1 52  ? 3.553   10.581  -1.533  1.00 48.55 ? 40  ALA A CB  1 
ATOM   378  N  N   . ASP A 1 53  ? 5.234   9.414   -3.952  1.00 49.72 ? 41  ASP A N   1 
ATOM   379  C  CA  . ASP A 1 53  ? 5.494   9.239   -5.377  1.00 50.30 ? 41  ASP A CA  1 
ATOM   380  C  C   . ASP A 1 53  ? 5.642   7.767   -5.709  1.00 50.54 ? 41  ASP A C   1 
ATOM   381  O  O   . ASP A 1 53  ? 5.168   7.315   -6.729  1.00 49.77 ? 41  ASP A O   1 
ATOM   382  C  CB  . ASP A 1 53  ? 6.770   9.973   -5.791  1.00 51.29 ? 41  ASP A CB  1 
ATOM   383  C  CG  . ASP A 1 53  ? 6.766   10.404  -7.278  1.00 54.10 ? 41  ASP A CG  1 
ATOM   384  O  OD1 . ASP A 1 53  ? 5.898   11.238  -7.684  1.00 56.60 ? 41  ASP A OD1 1 
ATOM   385  O  OD2 . ASP A 1 53  ? 7.605   9.971   -8.109  1.00 57.57 ? 41  ASP A OD2 1 
ATOM   386  N  N   . GLN A 1 54  ? 6.312   7.013   -4.840  1.00 50.58 ? 42  GLN A N   1 
ATOM   387  C  CA  . GLN A 1 54  ? 6.469   5.565   -5.049  1.00 50.57 ? 42  GLN A CA  1 
ATOM   388  C  C   . GLN A 1 54  ? 5.139   4.844   -5.063  1.00 49.76 ? 42  GLN A C   1 
ATOM   389  O  O   . GLN A 1 54  ? 4.892   3.999   -5.935  1.00 49.26 ? 42  GLN A O   1 
ATOM   390  C  CB  . GLN A 1 54  ? 7.401   4.968   -3.971  1.00 50.65 ? 42  GLN A CB  1 
ATOM   391  C  CG  . GLN A 1 54  ? 8.844   5.398   -4.200  1.00 52.11 ? 42  GLN A CG  1 
ATOM   392  C  CD  . GLN A 1 54  ? 9.759   5.182   -3.022  1.00 52.52 ? 42  GLN A CD  1 
ATOM   393  O  OE1 . GLN A 1 54  ? 9.516   4.319   -2.174  1.00 57.47 ? 42  GLN A OE1 1 
ATOM   394  N  NE2 . GLN A 1 54  ? 10.828  5.952   -2.972  1.00 54.29 ? 42  GLN A NE2 1 
ATOM   395  N  N   . GLU A 1 55  ? 4.293   5.168   -4.081  1.00 49.27 ? 43  GLU A N   1 
ATOM   396  C  CA  . GLU A 1 55  ? 2.933   4.613   -4.006  1.00 48.88 ? 43  GLU A CA  1 
ATOM   397  C  C   . GLU A 1 55  ? 2.111   4.947   -5.247  1.00 48.46 ? 43  GLU A C   1 
ATOM   398  O  O   . GLU A 1 55  ? 1.357   4.103   -5.740  1.00 48.79 ? 43  GLU A O   1 
ATOM   399  C  CB  . GLU A 1 55  ? 2.181   5.143   -2.797  1.00 48.73 ? 43  GLU A CB  1 
ATOM   400  C  CG  . GLU A 1 55  ? 2.743   4.766   -1.454  1.00 47.87 ? 43  GLU A CG  1 
ATOM   401  C  CD  . GLU A 1 55  ? 2.614   3.291   -1.131  1.00 46.80 ? 43  GLU A CD  1 
ATOM   402  O  OE1 . GLU A 1 55  ? 3.527   2.532   -1.501  1.00 45.20 ? 43  GLU A OE1 1 
ATOM   403  O  OE2 . GLU A 1 55  ? 1.616   2.906   -0.477  1.00 49.34 ? 43  GLU A OE2 1 
ATOM   404  N  N   . ARG A 1 56  ? 2.237   6.186   -5.709  1.00 48.13 ? 44  ARG A N   1 
ATOM   405  C  CA  . ARG A 1 56  ? 1.659   6.641   -6.982  1.00 47.88 ? 44  ARG A CA  1 
ATOM   406  C  C   . ARG A 1 56  ? 1.972   5.669   -8.128  1.00 47.95 ? 44  ARG A C   1 
ATOM   407  O  O   . ARG A 1 56  ? 1.056   5.056   -8.726  1.00 48.53 ? 44  ARG A O   1 
ATOM   408  C  CB  . ARG A 1 56  ? 2.186   8.029   -7.324  1.00 47.16 ? 44  ARG A CB  1 
ATOM   409  C  CG  . ARG A 1 56  ? 1.519   8.691   -8.541  1.00 48.41 ? 44  ARG A CG  1 
ATOM   410  C  CD  . ARG A 1 56  ? 2.189   10.011  -8.972  1.00 48.78 ? 44  ARG A CD  1 
ATOM   411  N  NE  . ARG A 1 56  ? 3.628   9.832   -9.174  1.00 49.37 ? 44  ARG A NE  1 
ATOM   412  C  CZ  . ARG A 1 56  ? 4.192   9.367   -10.292 1.00 50.65 ? 44  ARG A CZ  1 
ATOM   413  N  NH1 . ARG A 1 56  ? 3.459   9.044   -11.354 1.00 51.82 ? 44  ARG A NH1 1 
ATOM   414  N  NH2 . ARG A 1 56  ? 5.512   9.235   -10.364 1.00 51.25 ? 44  ARG A NH2 1 
ATOM   415  N  N   . ILE A 1 57  ? 3.265   5.499   -8.404  1.00 47.69 ? 45  ILE A N   1 
ATOM   416  C  CA  . ILE A 1 57  ? 3.740   4.624   -9.482  1.00 47.52 ? 45  ILE A CA  1 
ATOM   417  C  C   . ILE A 1 57  ? 3.184   3.210   -9.381  1.00 47.56 ? 45  ILE A C   1 
ATOM   418  O  O   . ILE A 1 57  ? 2.804   2.617   -10.385 1.00 47.65 ? 45  ILE A O   1 
ATOM   419  C  CB  . ILE A 1 57  ? 5.286   4.621   -9.511  1.00 47.78 ? 45  ILE A CB  1 
ATOM   420  C  CG1 . ILE A 1 57  ? 5.788   5.928   -10.113 1.00 46.73 ? 45  ILE A CG1 1 
ATOM   421  C  CG2 . ILE A 1 57  ? 5.850   3.423   -10.312 1.00 47.91 ? 45  ILE A CG2 1 
ATOM   422  C  CD1 . ILE A 1 57  ? 7.270   6.169   -9.833  1.00 47.54 ? 45  ILE A CD1 1 
ATOM   423  N  N   . HIS A 1 58  ? 3.129   2.693   -8.159  1.00 48.35 ? 46  HIS A N   1 
ATOM   424  C  CA  . HIS A 1 58  ? 2.559   1.386   -7.862  1.00 48.41 ? 46  HIS A CA  1 
ATOM   425  C  C   . HIS A 1 58  ? 1.114   1.280   -8.260  1.00 48.78 ? 46  HIS A C   1 
ATOM   426  O  O   . HIS A 1 58  ? 0.732   0.266   -8.838  1.00 49.07 ? 46  HIS A O   1 
ATOM   427  C  CB  . HIS A 1 58  ? 2.662   1.081   -6.376  1.00 48.25 ? 46  HIS A CB  1 
ATOM   428  C  CG  . HIS A 1 58  ? 4.058   0.808   -5.922  1.00 48.64 ? 46  HIS A CG  1 
ATOM   429  N  ND1 . HIS A 1 58  ? 4.435   0.857   -4.601  1.00 48.66 ? 46  HIS A ND1 1 
ATOM   430  C  CD2 . HIS A 1 58  ? 5.166   0.479   -6.625  1.00 47.41 ? 46  HIS A CD2 1 
ATOM   431  C  CE1 . HIS A 1 58  ? 5.719   0.574   -4.512  1.00 49.97 ? 46  HIS A CE1 1 
ATOM   432  N  NE2 . HIS A 1 58  ? 6.184   0.349   -5.730  1.00 47.38 ? 46  HIS A NE2 1 
ATOM   433  N  N   . ALA A 1 59  ? 0.325   2.310   -7.931  1.00 48.69 ? 47  ALA A N   1 
ATOM   434  C  CA  . ALA A 1 59  ? -1.096  2.369   -8.283  1.00 48.92 ? 47  ALA A CA  1 
ATOM   435  C  C   . ALA A 1 59  ? -1.293  2.339   -9.797  1.00 48.92 ? 47  ALA A C   1 
ATOM   436  O  O   . ALA A 1 59  ? -2.168  1.663   -10.287 1.00 47.98 ? 47  ALA A O   1 
ATOM   437  C  CB  . ALA A 1 59  ? -1.733  3.649   -7.710  1.00 48.90 ? 47  ALA A CB  1 
ATOM   438  N  N   . GLU A 1 60  ? -0.472  3.108   -10.516 1.00 49.75 ? 48  GLU A N   1 
ATOM   439  C  CA  . GLU A 1 60  ? -0.492  3.147   -11.984 1.00 50.21 ? 48  GLU A CA  1 
ATOM   440  C  C   . GLU A 1 60  ? -0.167  1.775   -12.569 1.00 49.29 ? 48  GLU A C   1 
ATOM   441  O  O   . GLU A 1 60  ? -0.585  1.448   -13.658 1.00 49.30 ? 48  GLU A O   1 
ATOM   442  C  CB  . GLU A 1 60  ? 0.535   4.157   -12.515 1.00 50.07 ? 48  GLU A CB  1 
ATOM   443  C  CG  . GLU A 1 60  ? 0.145   5.629   -12.414 1.00 51.96 ? 48  GLU A CG  1 
ATOM   444  C  CD  . GLU A 1 60  ? 1.281   6.625   -12.777 1.00 53.77 ? 48  GLU A CD  1 
ATOM   445  O  OE1 . GLU A 1 60  ? 2.460   6.208   -13.047 1.00 58.46 ? 48  GLU A OE1 1 
ATOM   446  O  OE2 . GLU A 1 60  ? 0.999   7.861   -12.773 1.00 57.02 ? 48  GLU A OE2 1 
ATOM   447  N  N   . ILE A 1 61  ? 0.619   0.976   -11.853 1.00 48.91 ? 49  ILE A N   1 
ATOM   448  C  CA  . ILE A 1 61  ? 1.017   -0.338  -12.370 1.00 48.27 ? 49  ILE A CA  1 
ATOM   449  C  C   . ILE A 1 61  ? -0.129  -1.307  -12.173 1.00 48.32 ? 49  ILE A C   1 
ATOM   450  O  O   . ILE A 1 61  ? -0.482  -2.050  -13.093 1.00 48.57 ? 49  ILE A O   1 
ATOM   451  C  CB  . ILE A 1 61  ? 2.326   -0.817  -11.710 1.00 48.02 ? 49  ILE A CB  1 
ATOM   452  C  CG1 . ILE A 1 61  ? 3.500   -0.061  -12.323 1.00 45.97 ? 49  ILE A CG1 1 
ATOM   453  C  CG2 . ILE A 1 61  ? 2.497   -2.353  -11.835 1.00 47.45 ? 49  ILE A CG2 1 
ATOM   454  C  CD1 . ILE A 1 61  ? 4.731   -0.134  -11.504 1.00 46.16 ? 49  ILE A CD1 1 
ATOM   455  N  N   . PHE A 1 62  ? -0.683  -1.291  -10.956 1.00 47.95 ? 50  PHE A N   1 
ATOM   456  C  CA  . PHE A 1 62  ? -1.881  -2.063  -10.635 1.00 47.60 ? 50  PHE A CA  1 
ATOM   457  C  C   . PHE A 1 62  ? -3.108  -1.695  -11.510 1.00 46.85 ? 50  PHE A C   1 
ATOM   458  O  O   . PHE A 1 62  ? -3.915  -2.562  -11.816 1.00 45.84 ? 50  PHE A O   1 
ATOM   459  C  CB  . PHE A 1 62  ? -2.245  -1.903  -9.150  1.00 47.12 ? 50  PHE A CB  1 
ATOM   460  C  CG  . PHE A 1 62  ? -1.377  -2.662  -8.217  1.00 47.50 ? 50  PHE A CG  1 
ATOM   461  C  CD1 . PHE A 1 62  ? -0.815  -3.888  -8.570  1.00 47.50 ? 50  PHE A CD1 1 
ATOM   462  C  CD2 . PHE A 1 62  ? -1.150  -2.161  -6.924  1.00 47.87 ? 50  PHE A CD2 1 
ATOM   463  C  CE1 . PHE A 1 62  ? -0.003  -4.578  -7.660  1.00 51.30 ? 50  PHE A CE1 1 
ATOM   464  C  CE2 . PHE A 1 62  ? -0.372  -2.835  -6.013  1.00 48.28 ? 50  PHE A CE2 1 
ATOM   465  C  CZ  . PHE A 1 62  ? 0.227   -4.043  -6.366  1.00 49.90 ? 50  PHE A CZ  1 
ATOM   466  N  N   . ARG A 1 63  ? -3.281  -0.429  -11.861 1.00 47.50 ? 51  ARG A N   1 
ATOM   467  C  CA  . ARG A 1 63  ? -4.440  -0.047  -12.730 1.00 48.94 ? 51  ARG A CA  1 
ATOM   468  C  C   . ARG A 1 63  ? -4.227  -0.650  -14.131 1.00 49.58 ? 51  ARG A C   1 
ATOM   469  O  O   . ARG A 1 63  ? -5.116  -1.259  -14.694 1.00 50.80 ? 51  ARG A O   1 
ATOM   470  C  CB  . ARG A 1 63  ? -4.606  1.464   -12.887 1.00 48.42 ? 51  ARG A CB  1 
ATOM   471  C  CG  . ARG A 1 63  ? -5.086  2.206   -11.652 1.00 50.33 ? 51  ARG A CG  1 
ATOM   472  C  CD  . ARG A 1 63  ? -5.722  3.599   -11.965 1.00 50.91 ? 51  ARG A CD  1 
ATOM   473  N  NE  . ARG A 1 63  ? -4.687  4.599   -12.206 1.00 52.50 ? 51  ARG A NE  1 
ATOM   474  C  CZ  . ARG A 1 63  ? -4.082  5.309   -11.248 1.00 54.18 ? 51  ARG A CZ  1 
ATOM   475  N  NH1 . ARG A 1 63  ? -4.441  5.184   -9.981  1.00 55.89 ? 51  ARG A NH1 1 
ATOM   476  N  NH2 . ARG A 1 63  ? -3.127  6.177   -11.560 1.00 53.32 ? 51  ARG A NH2 1 
ATOM   477  N  N   . LYS A 1 64  ? -3.033  -0.494  -14.683 1.00 50.19 ? 52  LYS A N   1 
ATOM   478  C  CA  . LYS A 1 64  ? -2.733  -1.043  -15.998 1.00 50.83 ? 52  LYS A CA  1 
ATOM   479  C  C   . LYS A 1 64  ? -2.981  -2.550  -15.985 1.00 49.91 ? 52  LYS A C   1 
ATOM   480  O  O   . LYS A 1 64  ? -3.444  -3.129  -16.940 1.00 49.08 ? 52  LYS A O   1 
ATOM   481  C  CB  . LYS A 1 64  ? -1.277  -0.738  -16.341 1.00 51.07 ? 52  LYS A CB  1 
ATOM   482  C  CG  . LYS A 1 64  ? -0.937  -0.808  -17.801 1.00 52.51 ? 52  LYS A CG  1 
ATOM   483  C  CD  . LYS A 1 64  ? 0.603   -0.916  -17.997 1.00 52.86 ? 52  LYS A CD  1 
ATOM   484  C  CE  . LYS A 1 64  ? 0.978   -1.038  -19.477 1.00 54.64 ? 52  LYS A CE  1 
ATOM   485  N  NZ  . LYS A 1 64  ? 2.075   -0.070  -19.817 1.00 56.29 ? 52  LYS A NZ  1 
HETATM 486  N  N   . MSE A 1 65  ? -2.663  -3.165  -14.865 1.00 50.36 ? 53  MSE A N   1 
HETATM 487  C  CA  . MSE A 1 65  ? -2.690  -4.631  -14.733 1.00 50.81 ? 53  MSE A CA  1 
HETATM 488  C  C   . MSE A 1 65  ? -4.125  -5.122  -14.745 1.00 49.92 ? 53  MSE A C   1 
HETATM 489  O  O   . MSE A 1 65  ? -4.460  -6.074  -15.484 1.00 50.56 ? 53  MSE A O   1 
HETATM 490  C  CB  . MSE A 1 65  ? -1.999  -5.061  -13.454 1.00 49.42 ? 53  MSE A CB  1 
HETATM 491  C  CG  . MSE A 1 65  ? -1.944  -6.530  -13.303 1.00 52.05 ? 53  MSE A CG  1 
HETATM 492  SE SE  . MSE A 1 65  ? -0.763  -7.157  -11.800 1.00 54.81 ? 53  MSE A SE  1 
HETATM 493  C  CE  . MSE A 1 65  ? 1.145   -6.546  -12.369 1.00 54.02 ? 53  MSE A CE  1 
ATOM   494  N  N   . SER A 1 66  ? -4.984  -4.448  -13.977 1.00 48.56 ? 54  SER A N   1 
ATOM   495  C  CA  . SER A 1 66  ? -6.377  -4.867  -13.919 1.00 48.09 ? 54  SER A CA  1 
ATOM   496  C  C   . SER A 1 66  ? -7.111  -4.685  -15.260 1.00 47.85 ? 54  SER A C   1 
ATOM   497  O  O   . SER A 1 66  ? -8.104  -5.355  -15.540 1.00 47.85 ? 54  SER A O   1 
ATOM   498  C  CB  . SER A 1 66  ? -7.103  -4.158  -12.780 1.00 48.48 ? 54  SER A CB  1 
ATOM   499  O  OG  . SER A 1 66  ? -7.696  -2.958  -13.174 1.00 45.23 ? 54  SER A OG  1 
ATOM   500  N  N   . ASP A 1 67  ? -6.623  -3.752  -16.060 1.00 47.58 ? 55  ASP A N   1 
ATOM   501  C  CA  . ASP A 1 67  ? -7.087  -3.557  -17.415 1.00 47.55 ? 55  ASP A CA  1 
ATOM   502  C  C   . ASP A 1 67  ? -6.568  -4.597  -18.414 1.00 47.89 ? 55  ASP A C   1 
ATOM   503  O  O   . ASP A 1 67  ? -7.279  -5.052  -19.272 1.00 47.18 ? 55  ASP A O   1 
ATOM   504  C  CB  . ASP A 1 67  ? -6.639  -2.193  -17.902 1.00 47.22 ? 55  ASP A CB  1 
ATOM   505  C  CG  . ASP A 1 67  ? -7.353  -1.788  -19.148 1.00 48.37 ? 55  ASP A CG  1 
ATOM   506  O  OD1 . ASP A 1 67  ? -8.558  -2.192  -19.280 1.00 47.85 ? 55  ASP A OD1 1 
ATOM   507  O  OD2 . ASP A 1 67  ? -6.785  -1.083  -20.025 1.00 48.53 ? 55  ASP A OD2 1 
ATOM   508  N  N   . GLN A 1 68  ? -5.302  -4.973  -18.292 1.00 49.19 ? 56  GLN A N   1 
ATOM   509  C  CA  . GLN A 1 68  ? -4.647  -5.752  -19.349 1.00 49.05 ? 56  GLN A CA  1 
ATOM   510  C  C   . GLN A 1 68  ? -4.479  -7.252  -19.031 1.00 47.50 ? 56  GLN A C   1 
ATOM   511  O  O   . GLN A 1 68  ? -4.278  -8.035  -19.941 1.00 45.72 ? 56  GLN A O   1 
ATOM   512  C  CB  . GLN A 1 68  ? -3.295  -5.090  -19.669 1.00 49.96 ? 56  GLN A CB  1 
ATOM   513  C  CG  . GLN A 1 68  ? -3.450  -3.836  -20.615 1.00 52.12 ? 56  GLN A CG  1 
ATOM   514  C  CD  . GLN A 1 68  ? -2.139  -3.030  -20.716 1.00 52.33 ? 56  GLN A CD  1 
ATOM   515  O  OE1 . GLN A 1 68  ? -1.129  -3.398  -20.085 1.00 55.21 ? 56  GLN A OE1 1 
ATOM   516  N  NE2 . GLN A 1 68  ? -2.156  -1.939  -21.509 1.00 53.84 ? 56  GLN A NE2 1 
ATOM   517  N  N   . GLU A 1 69  ? -4.558  -7.653  -17.758 1.00 46.63 ? 57  GLU A N   1 
ATOM   518  C  CA  . GLU A 1 69  ? -4.508  -9.088  -17.443 1.00 47.39 ? 57  GLU A CA  1 
ATOM   519  C  C   . GLU A 1 69  ? -5.669  -9.881  -18.087 1.00 47.17 ? 57  GLU A C   1 
ATOM   520  O  O   . GLU A 1 69  ? -6.793  -9.381  -18.204 1.00 48.35 ? 57  GLU A O   1 
ATOM   521  C  CB  . GLU A 1 69  ? -4.455  -9.338  -15.936 1.00 46.96 ? 57  GLU A CB  1 
ATOM   522  C  CG  . GLU A 1 69  ? -3.071  -9.159  -15.302 1.00 47.85 ? 57  GLU A CG  1 
ATOM   523  C  CD  . GLU A 1 69  ? -1.946  -9.777  -16.104 1.00 46.06 ? 57  GLU A CD  1 
ATOM   524  O  OE1 . GLU A 1 69  ? -1.769  -10.987 -16.039 1.00 46.84 ? 57  GLU A OE1 1 
ATOM   525  O  OE2 . GLU A 1 69  ? -1.215  -9.043  -16.788 1.00 47.19 ? 57  GLU A OE2 1 
ATOM   526  N  N   . ASN A 1 70  ? -5.419  -11.110 -18.510 1.00 47.08 ? 58  ASN A N   1 
ATOM   527  C  CA  . ASN A 1 70  ? -6.472  -11.860 -19.225 1.00 47.67 ? 58  ASN A CA  1 
ATOM   528  C  C   . ASN A 1 70  ? -7.717  -12.132 -18.303 1.00 46.67 ? 58  ASN A C   1 
ATOM   529  O  O   . ASN A 1 70  ? -7.589  -12.397 -17.105 1.00 46.99 ? 58  ASN A O   1 
ATOM   530  C  CB  . ASN A 1 70  ? -5.851  -13.109 -19.920 1.00 49.00 ? 58  ASN A CB  1 
ATOM   531  C  CG  . ASN A 1 70  ? -6.636  -14.398 -19.681 1.00 52.16 ? 58  ASN A CG  1 
ATOM   532  O  OD1 . ASN A 1 70  ? -6.510  -15.003 -18.614 1.00 57.45 ? 58  ASN A OD1 1 
ATOM   533  N  ND2 . ASN A 1 70  ? -7.418  -14.839 -20.683 1.00 56.48 ? 58  ASN A ND2 1 
ATOM   534  N  N   . TRP A 1 71  ? -8.906  -12.005 -18.862 1.00 45.46 ? 59  TRP A N   1 
ATOM   535  C  CA  . TRP A 1 71  ? -10.171 -12.085 -18.116 1.00 44.98 ? 59  TRP A CA  1 
ATOM   536  C  C   . TRP A 1 71  ? -10.304 -13.358 -17.274 1.00 45.08 ? 59  TRP A C   1 
ATOM   537  O  O   . TRP A 1 71  ? -10.741 -13.340 -16.132 1.00 44.00 ? 59  TRP A O   1 
ATOM   538  C  CB  . TRP A 1 71  ? -11.332 -11.954 -19.118 1.00 43.89 ? 59  TRP A CB  1 
ATOM   539  C  CG  . TRP A 1 71  ? -12.651 -12.254 -18.557 1.00 43.11 ? 59  TRP A CG  1 
ATOM   540  C  CD1 . TRP A 1 71  ? -13.495 -13.263 -18.929 1.00 42.56 ? 59  TRP A CD1 1 
ATOM   541  C  CD2 . TRP A 1 71  ? -13.321 -11.537 -17.514 1.00 41.58 ? 59  TRP A CD2 1 
ATOM   542  N  NE1 . TRP A 1 71  ? -14.652 -13.204 -18.185 1.00 41.70 ? 59  TRP A NE1 1 
ATOM   543  C  CE2 . TRP A 1 71  ? -14.563 -12.165 -17.301 1.00 41.05 ? 59  TRP A CE2 1 
ATOM   544  C  CE3 . TRP A 1 71  ? -13.004 -10.413 -16.752 1.00 42.27 ? 59  TRP A CE3 1 
ATOM   545  C  CZ2 . TRP A 1 71  ? -15.469 -11.714 -16.361 1.00 42.11 ? 59  TRP A CZ2 1 
ATOM   546  C  CZ3 . TRP A 1 71  ? -13.895 -9.982  -15.810 1.00 42.99 ? 59  TRP A CZ3 1 
ATOM   547  C  CH2 . TRP A 1 71  ? -15.114 -10.622 -15.623 1.00 42.38 ? 59  TRP A CH2 1 
ATOM   548  N  N   . ASP A 1 72  ? -9.861  -14.465 -17.835 1.00 46.63 ? 60  ASP A N   1 
ATOM   549  C  CA  . ASP A 1 72  ? -9.865  -15.731 -17.137 1.00 47.88 ? 60  ASP A CA  1 
ATOM   550  C  C   . ASP A 1 72  ? -8.981  -15.803 -15.915 1.00 49.13 ? 60  ASP A C   1 
ATOM   551  O  O   . ASP A 1 72  ? -9.333  -16.470 -14.936 1.00 50.45 ? 60  ASP A O   1 
ATOM   552  C  CB  . ASP A 1 72  ? -9.436  -16.812 -18.101 1.00 48.32 ? 60  ASP A CB  1 
ATOM   553  C  CG  . ASP A 1 72  ? -10.472 -17.093 -19.136 1.00 50.02 ? 60  ASP A CG  1 
ATOM   554  O  OD1 . ASP A 1 72  ? -11.691 -16.782 -18.954 1.00 50.69 ? 60  ASP A OD1 1 
ATOM   555  O  OD2 . ASP A 1 72  ? -10.132 -17.628 -20.188 1.00 56.07 ? 60  ASP A OD2 1 
ATOM   556  N  N   . GLU A 1 73  ? -7.832  -15.132 -15.960 1.00 49.20 ? 61  GLU A N   1 
ATOM   557  C  CA  . GLU A 1 73  ? -7.016  -14.998 -14.779 1.00 49.97 ? 61  GLU A CA  1 
ATOM   558  C  C   . GLU A 1 73  ? -7.727  -14.130 -13.728 1.00 49.60 ? 61  GLU A C   1 
ATOM   559  O  O   . GLU A 1 73  ? -7.980  -14.546 -12.597 1.00 49.94 ? 61  GLU A O   1 
ATOM   560  C  CB  . GLU A 1 73  ? -5.655  -14.356 -15.128 1.00 49.97 ? 61  GLU A CB  1 
ATOM   561  C  CG  . GLU A 1 73  ? -4.778  -14.181 -13.894 1.00 51.49 ? 61  GLU A CG  1 
ATOM   562  C  CD  . GLU A 1 73  ? -3.447  -13.496 -14.156 1.00 51.02 ? 61  GLU A CD  1 
ATOM   563  O  OE1 . GLU A 1 73  ? -3.438  -12.383 -14.729 1.00 55.83 ? 61  GLU A OE1 1 
ATOM   564  O  OE2 . GLU A 1 73  ? -2.428  -14.068 -13.757 1.00 47.21 ? 61  GLU A OE2 1 
ATOM   565  N  N   . VAL A 1 74  ? -8.004  -12.906 -14.127 1.00 48.82 ? 62  VAL A N   1 
ATOM   566  C  CA  . VAL A 1 74  ? -8.616  -11.893 -13.285 1.00 49.01 ? 62  VAL A CA  1 
ATOM   567  C  C   . VAL A 1 74  ? -9.968  -12.295 -12.672 1.00 48.80 ? 62  VAL A C   1 
ATOM   568  O  O   . VAL A 1 74  ? -10.300 -11.917 -11.545 1.00 47.98 ? 62  VAL A O   1 
ATOM   569  C  CB  . VAL A 1 74  ? -8.700  -10.604 -14.161 1.00 49.69 ? 62  VAL A CB  1 
ATOM   570  C  CG1 . VAL A 1 74  ? -10.065 -10.157 -14.429 1.00 49.99 ? 62  VAL A CG1 1 
ATOM   571  C  CG2 . VAL A 1 74  ? -7.787  -9.524  -13.630 1.00 52.86 ? 62  VAL A CG2 1 
ATOM   572  N  N   . ASP A 1 75  ? -10.740 -13.094 -13.408 1.00 48.97 ? 63  ASP A N   1 
ATOM   573  C  CA  . ASP A 1 75  ? -12.062 -13.541 -12.930 1.00 49.02 ? 63  ASP A CA  1 
ATOM   574  C  C   . ASP A 1 75  ? -12.032 -14.801 -12.041 1.00 49.63 ? 63  ASP A C   1 
ATOM   575  O  O   . ASP A 1 75  ? -13.095 -15.334 -11.654 1.00 49.48 ? 63  ASP A O   1 
ATOM   576  C  CB  . ASP A 1 75  ? -13.011 -13.751 -14.106 1.00 47.96 ? 63  ASP A CB  1 
ATOM   577  C  CG  . ASP A 1 75  ? -14.471 -13.732 -13.696 1.00 46.67 ? 63  ASP A CG  1 
ATOM   578  O  OD1 . ASP A 1 75  ? -14.902 -12.851 -12.915 1.00 42.05 ? 63  ASP A OD1 1 
ATOM   579  O  OD2 . ASP A 1 75  ? -15.264 -14.576 -14.162 1.00 44.71 ? 63  ASP A OD2 1 
ATOM   580  N  N   . SER A 1 76  ? -10.833 -15.247 -11.698 1.00 50.24 ? 64  SER A N   1 
ATOM   581  C  CA  . SER A 1 76  ? -10.646 -16.445 -10.890 1.00 51.71 ? 64  SER A CA  1 
ATOM   582  C  C   . SER A 1 76  ? -10.702 -16.158 -9.416  1.00 51.53 ? 64  SER A C   1 
ATOM   583  O  O   . SER A 1 76  ? -10.267 -15.108 -8.973  1.00 51.59 ? 64  SER A O   1 
ATOM   584  C  CB  . SER A 1 76  ? -9.271  -17.088 -11.136 1.00 52.35 ? 64  SER A CB  1 
ATOM   585  O  OG  . SER A 1 76  ? -9.400  -18.164 -12.049 1.00 54.39 ? 64  SER A OG  1 
ATOM   586  N  N   . TYR A 1 77  ? -11.182 -17.157 -8.681  1.00 51.93 ? 65  TYR A N   1 
ATOM   587  C  CA  . TYR A 1 77  ? -11.245 -17.162 -7.234  1.00 51.77 ? 65  TYR A CA  1 
ATOM   588  C  C   . TYR A 1 77  ? -9.930  -17.492 -6.549  1.00 52.16 ? 65  TYR A C   1 
ATOM   589  O  O   . TYR A 1 77  ? -9.252  -18.476 -6.892  1.00 52.86 ? 65  TYR A O   1 
ATOM   590  C  CB  . TYR A 1 77  ? -12.291 -18.178 -6.801  1.00 51.90 ? 65  TYR A CB  1 
ATOM   591  C  CG  . TYR A 1 77  ? -13.697 -17.745 -7.090  1.00 51.70 ? 65  TYR A CG  1 
ATOM   592  C  CD1 . TYR A 1 77  ? -14.229 -16.640 -6.447  1.00 51.68 ? 65  TYR A CD1 1 
ATOM   593  C  CD2 . TYR A 1 77  ? -14.501 -18.427 -7.993  1.00 51.81 ? 65  TYR A CD2 1 
ATOM   594  C  CE1 . TYR A 1 77  ? -15.526 -16.214 -6.678  1.00 51.93 ? 65  TYR A CE1 1 
ATOM   595  C  CE2 . TYR A 1 77  ? -15.810 -17.987 -8.251  1.00 52.50 ? 65  TYR A CE2 1 
ATOM   596  C  CZ  . TYR A 1 77  ? -16.320 -16.873 -7.572  1.00 52.30 ? 65  TYR A CZ  1 
ATOM   597  O  OH  . TYR A 1 77  ? -17.621 -16.385 -7.772  1.00 53.64 ? 65  TYR A OH  1 
ATOM   598  N  N   . LEU A 1 78  ? -9.564  -16.667 -5.571  1.00 52.28 ? 66  LEU A N   1 
ATOM   599  C  CA  . LEU A 1 78  ? -8.524  -17.031 -4.609  1.00 52.35 ? 66  LEU A CA  1 
ATOM   600  C  C   . LEU A 1 78  ? -9.195  -17.913 -3.602  1.00 51.65 ? 66  LEU A C   1 
ATOM   601  O  O   . LEU A 1 78  ? -10.155 -17.490 -2.939  1.00 52.24 ? 66  LEU A O   1 
ATOM   602  C  CB  . LEU A 1 78  ? -7.962  -15.825 -3.858  1.00 52.79 ? 66  LEU A CB  1 
ATOM   603  C  CG  . LEU A 1 78  ? -7.495  -14.644 -4.686  1.00 53.89 ? 66  LEU A CG  1 
ATOM   604  C  CD1 . LEU A 1 78  ? -6.982  -13.562 -3.789  1.00 56.20 ? 66  LEU A CD1 1 
ATOM   605  C  CD2 . LEU A 1 78  ? -6.435  -15.100 -5.593  1.00 56.71 ? 66  LEU A CD2 1 
ATOM   606  N  N   . ALA A 1 79  ? -8.697  -19.138 -3.475  1.00 50.76 ? 67  ALA A N   1 
ATOM   607  C  CA  . ALA A 1 79  ? -9.187  -20.068 -2.446  1.00 49.20 ? 67  ALA A CA  1 
ATOM   608  C  C   . ALA A 1 79  ? -8.898  -19.498 -1.023  1.00 47.22 ? 67  ALA A C   1 
ATOM   609  O  O   . ALA A 1 79  ? -7.978  -18.689 -0.813  1.00 45.08 ? 67  ALA A O   1 
ATOM   610  C  CB  . ALA A 1 79  ? -8.568  -21.480 -2.647  1.00 49.42 ? 67  ALA A CB  1 
ATOM   611  N  N   . GLY A 1 80  ? -9.753  -19.906 -0.087  1.00 45.76 ? 68  GLY A N   1 
ATOM   612  C  CA  . GLY A 1 80  ? -9.707  -19.454 1.295   1.00 45.51 ? 68  GLY A CA  1 
ATOM   613  C  C   . GLY A 1 80  ? -10.111 -18.018 1.614   1.00 44.95 ? 68  GLY A C   1 
ATOM   614  O  O   . GLY A 1 80  ? -10.931 -17.382 0.926   1.00 45.86 ? 68  GLY A O   1 
ATOM   615  N  N   . TYR A 1 81  ? -9.525  -17.542 2.691   1.00 43.63 ? 69  TYR A N   1 
ATOM   616  C  CA  . TYR A 1 81  ? -9.798  -16.271 3.289   1.00 42.90 ? 69  TYR A CA  1 
ATOM   617  C  C   . TYR A 1 81  ? -8.701  -15.345 2.831   1.00 43.04 ? 69  TYR A C   1 
ATOM   618  O  O   . TYR A 1 81  ? -7.529  -15.569 3.138   1.00 43.00 ? 69  TYR A O   1 
ATOM   619  C  CB  . TYR A 1 81  ? -9.768  -16.401 4.806   1.00 42.39 ? 69  TYR A CB  1 
ATOM   620  C  CG  . TYR A 1 81  ? -9.849  -15.101 5.541   1.00 42.26 ? 69  TYR A CG  1 
ATOM   621  C  CD1 . TYR A 1 81  ? -11.080 -14.477 5.752   1.00 42.42 ? 69  TYR A CD1 1 
ATOM   622  C  CD2 . TYR A 1 81  ? -8.723  -14.507 6.067   1.00 40.23 ? 69  TYR A CD2 1 
ATOM   623  C  CE1 . TYR A 1 81  ? -11.177 -13.299 6.440   1.00 40.59 ? 69  TYR A CE1 1 
ATOM   624  C  CE2 . TYR A 1 81  ? -8.817  -13.324 6.751   1.00 41.97 ? 69  TYR A CE2 1 
ATOM   625  C  CZ  . TYR A 1 81  ? -10.051 -12.707 6.926   1.00 42.20 ? 69  TYR A CZ  1 
ATOM   626  O  OH  . TYR A 1 81  ? -10.160 -11.488 7.582   1.00 42.73 ? 69  TYR A OH  1 
ATOM   627  N  N   . ALA A 1 82  ? -9.100  -14.337 2.050   1.00 42.73 ? 70  ALA A N   1 
ATOM   628  C  CA  . ALA A 1 82  ? -8.263  -13.246 1.657   1.00 42.10 ? 70  ALA A CA  1 
ATOM   629  C  C   . ALA A 1 82  ? -8.399  -12.099 2.677   1.00 42.33 ? 70  ALA A C   1 
ATOM   630  O  O   . ALA A 1 82  ? -9.407  -11.470 2.768   1.00 42.41 ? 70  ALA A O   1 
ATOM   631  C  CB  . ALA A 1 82  ? -8.661  -12.782 0.288   1.00 42.15 ? 70  ALA A CB  1 
ATOM   632  N  N   . PHE A 1 83  ? -7.361  -11.872 3.468   1.00 42.65 ? 71  PHE A N   1 
ATOM   633  C  CA  . PHE A 1 83  ? -7.301  -10.779 4.422   1.00 42.02 ? 71  PHE A CA  1 
ATOM   634  C  C   . PHE A 1 83  ? -7.107  -9.464  3.709   1.00 42.02 ? 71  PHE A C   1 
ATOM   635  O  O   . PHE A 1 83  ? -6.296  -9.351  2.780   1.00 42.99 ? 71  PHE A O   1 
ATOM   636  C  CB  . PHE A 1 83  ? -6.120  -10.988 5.418   1.00 40.97 ? 71  PHE A CB  1 
ATOM   637  C  CG  . PHE A 1 83  ? -5.768  -9.756  6.193   1.00 39.21 ? 71  PHE A CG  1 
ATOM   638  C  CD1 . PHE A 1 83  ? -6.443  -9.439  7.347   1.00 38.55 ? 71  PHE A CD1 1 
ATOM   639  C  CD2 . PHE A 1 83  ? -4.789  -8.881  5.731   1.00 39.19 ? 71  PHE A CD2 1 
ATOM   640  C  CE1 . PHE A 1 83  ? -6.157  -8.271  8.061   1.00 38.47 ? 71  PHE A CE1 1 
ATOM   641  C  CE2 . PHE A 1 83  ? -4.501  -7.737  6.420   1.00 40.11 ? 71  PHE A CE2 1 
ATOM   642  C  CZ  . PHE A 1 83  ? -5.195  -7.426  7.605   1.00 39.73 ? 71  PHE A CZ  1 
ATOM   643  N  N   . TYR A 1 84  ? -7.795  -8.443  4.168   1.00 42.14 ? 72  TYR A N   1 
ATOM   644  C  CA  . TYR A 1 84  ? -7.432  -7.088  3.786   1.00 42.84 ? 72  TYR A CA  1 
ATOM   645  C  C   . TYR A 1 84  ? -8.114  -6.172  4.774   1.00 43.87 ? 72  TYR A C   1 
ATOM   646  O  O   . TYR A 1 84  ? -9.130  -6.547  5.359   1.00 43.49 ? 72  TYR A O   1 
ATOM   647  C  CB  . TYR A 1 84  ? -7.839  -6.773  2.325   1.00 43.19 ? 72  TYR A CB  1 
ATOM   648  C  CG  . TYR A 1 84  ? -9.336  -6.745  2.054   1.00 44.04 ? 72  TYR A CG  1 
ATOM   649  C  CD1 . TYR A 1 84  ? -10.088 -5.573  2.169   1.00 45.24 ? 72  TYR A CD1 1 
ATOM   650  C  CD2 . TYR A 1 84  ? -9.995  -7.894  1.654   1.00 45.17 ? 72  TYR A CD2 1 
ATOM   651  C  CE1 . TYR A 1 84  ? -11.453 -5.583  1.916   1.00 42.45 ? 72  TYR A CE1 1 
ATOM   652  C  CE2 . TYR A 1 84  ? -11.324 -7.911  1.404   1.00 41.23 ? 72  TYR A CE2 1 
ATOM   653  C  CZ  . TYR A 1 84  ? -12.057 -6.765  1.532   1.00 42.90 ? 72  TYR A CZ  1 
ATOM   654  O  OH  . TYR A 1 84  ? -13.436 -6.857  1.238   1.00 45.14 ? 72  TYR A OH  1 
ATOM   655  N  N   . GLU A 1 85  ? -7.528  -5.006  4.998   1.00 45.40 ? 73  GLU A N   1 
ATOM   656  C  CA  . GLU A 1 85  ? -8.241  -3.897  5.634   1.00 48.16 ? 73  GLU A CA  1 
ATOM   657  C  C   . GLU A 1 85  ? -8.163  -2.728  4.668   1.00 48.97 ? 73  GLU A C   1 
ATOM   658  O  O   . GLU A 1 85  ? -7.078  -2.421  4.148   1.00 50.72 ? 73  GLU A O   1 
ATOM   659  C  CB  . GLU A 1 85  ? -7.573  -3.452  6.936   1.00 48.34 ? 73  GLU A CB  1 
ATOM   660  C  CG  . GLU A 1 85  ? -7.161  -4.568  7.872   1.00 52.13 ? 73  GLU A CG  1 
ATOM   661  C  CD  . GLU A 1 85  ? -8.096  -4.704  9.052   1.00 56.13 ? 73  GLU A CD  1 
ATOM   662  O  OE1 . GLU A 1 85  ? -9.115  -3.963  9.044   1.00 62.62 ? 73  GLU A OE1 1 
ATOM   663  O  OE2 . GLU A 1 85  ? -7.809  -5.530  9.953   1.00 53.34 ? 73  GLU A OE2 1 
ATOM   664  N  N   . VAL A 1 86  ? -9.265  -2.068  4.425   1.00 50.05 ? 74  VAL A N   1 
ATOM   665  C  CA  . VAL A 1 86  ? -9.205  -0.840  3.637   1.00 51.57 ? 74  VAL A CA  1 
ATOM   666  C  C   . VAL A 1 86  ? -8.543  0.261   4.464   1.00 52.17 ? 74  VAL A C   1 
ATOM   667  O  O   . VAL A 1 86  ? -8.566  0.245   5.715   1.00 52.34 ? 74  VAL A O   1 
ATOM   668  C  CB  . VAL A 1 86  ? -10.601 -0.348  3.110   1.00 51.97 ? 74  VAL A CB  1 
ATOM   669  C  CG1 . VAL A 1 86  ? -11.283 -1.431  2.251   1.00 51.08 ? 74  VAL A CG1 1 
ATOM   670  C  CG2 . VAL A 1 86  ? -11.496 0.132   4.228   1.00 52.99 ? 74  VAL A CG2 1 
ATOM   671  N  N   . PHE A 1 87  ? -7.958  1.213   3.749   1.00 52.32 ? 75  PHE A N   1 
ATOM   672  C  CA  . PHE A 1 87  ? -7.166  2.251   4.374   1.00 52.16 ? 75  PHE A CA  1 
ATOM   673  C  C   . PHE A 1 87  ? -8.054  2.960   5.400   1.00 51.83 ? 75  PHE A C   1 
ATOM   674  O  O   . PHE A 1 87  ? -9.226  3.187   5.137   1.00 50.14 ? 75  PHE A O   1 
ATOM   675  C  CB  . PHE A 1 87  ? -6.656  3.249   3.333   1.00 52.79 ? 75  PHE A CB  1 
ATOM   676  C  CG  . PHE A 1 87  ? -5.287  3.779   3.637   1.00 52.70 ? 75  PHE A CG  1 
ATOM   677  C  CD1 . PHE A 1 87  ? -5.130  4.913   4.420   1.00 53.52 ? 75  PHE A CD1 1 
ATOM   678  C  CD2 . PHE A 1 87  ? -4.189  3.148   3.154   1.00 51.05 ? 75  PHE A CD2 1 
ATOM   679  C  CE1 . PHE A 1 87  ? -3.910  5.392   4.700   1.00 54.02 ? 75  PHE A CE1 1 
ATOM   680  C  CE2 . PHE A 1 87  ? -2.956  3.627   3.415   1.00 55.51 ? 75  PHE A CE2 1 
ATOM   681  C  CZ  . PHE A 1 87  ? -2.803  4.754   4.216   1.00 53.90 ? 75  PHE A CZ  1 
ATOM   682  N  N   . PRO A 1 88  ? -7.506  3.226   6.594   1.00 51.14 ? 76  PRO A N   1 
ATOM   683  C  CA  . PRO A 1 88  ? -8.229  3.948   7.615   1.00 50.08 ? 76  PRO A CA  1 
ATOM   684  C  C   . PRO A 1 88  ? -8.639  5.328   7.194   1.00 49.82 ? 76  PRO A C   1 
ATOM   685  O  O   . PRO A 1 88  ? -8.033  5.954   6.316   1.00 48.28 ? 76  PRO A O   1 
ATOM   686  C  CB  . PRO A 1 88  ? -7.225  4.047   8.777   1.00 50.38 ? 76  PRO A CB  1 
ATOM   687  C  CG  . PRO A 1 88  ? -6.206  3.083   8.530   1.00 50.01 ? 76  PRO A CG  1 
ATOM   688  C  CD  . PRO A 1 88  ? -6.178  2.777   7.060   1.00 50.48 ? 76  PRO A CD  1 
ATOM   689  N  N   . ASP A 1 89  ? -9.701  5.781   7.833   1.00 50.48 ? 77  ASP A N   1 
ATOM   690  C  CA  . ASP A 1 89  ? -10.077 7.170   7.792   1.00 51.52 ? 77  ASP A CA  1 
ATOM   691  C  C   . ASP A 1 89  ? -9.082  7.913   8.697   1.00 51.64 ? 77  ASP A C   1 
ATOM   692  O  O   . ASP A 1 89  ? -8.925  7.591   9.883   1.00 51.08 ? 77  ASP A O   1 
ATOM   693  C  CB  . ASP A 1 89  ? -11.518 7.359   8.287   1.00 51.86 ? 77  ASP A CB  1 
ATOM   694  C  CG  . ASP A 1 89  ? -12.017 8.772   8.103   1.00 51.71 ? 77  ASP A CG  1 
ATOM   695  O  OD1 . ASP A 1 89  ? -11.246 9.727   8.258   1.00 52.91 ? 77  ASP A OD1 1 
ATOM   696  O  OD2 . ASP A 1 89  ? -13.181 9.024   7.789   1.00 55.07 ? 77  ASP A OD2 1 
ATOM   697  N  N   . THR A 1 90  ? -8.401  8.877   8.088   1.00 51.78 ? 78  THR A N   1 
ATOM   698  C  CA  . THR A 1 90  ? -7.357  9.645   8.738   1.00 51.75 ? 78  THR A CA  1 
ATOM   699  C  C   . THR A 1 90  ? -7.668  11.142  8.774   1.00 51.40 ? 78  THR A C   1 
ATOM   700  O  O   . THR A 1 90  ? -6.858  11.902  9.274   1.00 50.52 ? 78  THR A O   1 
ATOM   701  C  CB  . THR A 1 90  ? -6.056  9.458   7.973   1.00 52.10 ? 78  THR A CB  1 
ATOM   702  O  OG1 . THR A 1 90  ? -6.279  9.743   6.585   1.00 51.58 ? 78  THR A OG1 1 
ATOM   703  C  CG2 . THR A 1 90  ? -5.593  8.017   8.024   1.00 51.64 ? 78  THR A CG2 1 
ATOM   704  N  N   . SER A 1 91  ? -8.840  11.545  8.270   1.00 50.89 ? 79  SER A N   1 
ATOM   705  C  CA  . SER A 1 91  ? -9.159  12.958  8.027   1.00 50.85 ? 79  SER A CA  1 
ATOM   706  C  C   . SER A 1 91  ? -9.122  13.837  9.283   1.00 51.00 ? 79  SER A C   1 
ATOM   707  O  O   . SER A 1 91  ? -8.787  15.020  9.198   1.00 49.89 ? 79  SER A O   1 
ATOM   708  C  CB  . SER A 1 91  ? -10.525 13.086  7.313   1.00 51.23 ? 79  SER A CB  1 
ATOM   709  O  OG  . SER A 1 91  ? -11.603 12.722  8.161   1.00 50.88 ? 79  SER A OG  1 
ATOM   710  N  N   . GLU A 1 92  ? -9.431  13.228  10.434  1.00 51.66 ? 80  GLU A N   1 
ATOM   711  C  CA  . GLU A 1 92  ? -9.514  13.921  11.710  1.00 52.21 ? 80  GLU A CA  1 
ATOM   712  C  C   . GLU A 1 92  ? -8.143  14.175  12.273  1.00 51.96 ? 80  GLU A C   1 
ATOM   713  O  O   . GLU A 1 92  ? -7.785  15.305  12.548  1.00 52.19 ? 80  GLU A O   1 
ATOM   714  C  CB  . GLU A 1 92  ? -10.344 13.136  12.744  1.00 52.71 ? 80  GLU A CB  1 
ATOM   715  C  CG  . GLU A 1 92  ? -11.841 13.027  12.438  1.00 54.31 ? 80  GLU A CG  1 
ATOM   716  C  CD  . GLU A 1 92  ? -12.529 14.363  12.144  1.00 57.77 ? 80  GLU A CD  1 
ATOM   717  O  OE1 . GLU A 1 92  ? -12.435 15.326  12.961  1.00 58.87 ? 80  GLU A OE1 1 
ATOM   718  O  OE2 . GLU A 1 92  ? -13.213 14.441  11.087  1.00 61.28 ? 80  GLU A OE2 1 
ATOM   719  N  N   . ILE A 1 93  ? -7.364  13.137  12.467  1.00 51.98 ? 81  ILE A N   1 
ATOM   720  C  CA  . ILE A 1 93  ? -6.003  13.366  12.947  1.00 51.87 ? 81  ILE A CA  1 
ATOM   721  C  C   . ILE A 1 93  ? -5.186  14.256  12.008  1.00 50.45 ? 81  ILE A C   1 
ATOM   722  O  O   . ILE A 1 93  ? -4.529  15.169  12.467  1.00 49.96 ? 81  ILE A O   1 
ATOM   723  C  CB  . ILE A 1 93  ? -5.272  12.050  13.271  1.00 52.61 ? 81  ILE A CB  1 
ATOM   724  C  CG1 . ILE A 1 93  ? -5.181  11.157  12.040  1.00 53.72 ? 81  ILE A CG1 1 
ATOM   725  C  CG2 . ILE A 1 93  ? -5.945  11.340  14.459  1.00 54.12 ? 81  ILE A CG2 1 
ATOM   726  C  CD1 . ILE A 1 93  ? -3.893  11.360  11.297  1.00 55.80 ? 81  ILE A CD1 1 
ATOM   727  N  N   . LEU A 1 94  ? -5.269  14.046  10.703  1.00 49.47 ? 82  LEU A N   1 
ATOM   728  C  CA  . LEU A 1 94  ? -4.546  14.896  9.759   1.00 49.22 ? 82  LEU A CA  1 
ATOM   729  C  C   . LEU A 1 94  ? -5.008  16.350  9.775   1.00 48.08 ? 82  LEU A C   1 
ATOM   730  O  O   . LEU A 1 94  ? -4.394  17.202  9.141   1.00 48.51 ? 82  LEU A O   1 
ATOM   731  C  CB  . LEU A 1 94  ? -4.647  14.354  8.331   1.00 49.73 ? 82  LEU A CB  1 
ATOM   732  C  CG  . LEU A 1 94  ? -4.016  12.984  8.041   1.00 51.71 ? 82  LEU A CG  1 
ATOM   733  C  CD1 . LEU A 1 94  ? -4.146  12.709  6.572   1.00 54.04 ? 82  LEU A CD1 1 
ATOM   734  C  CD2 . LEU A 1 94  ? -2.571  12.879  8.431   1.00 53.46 ? 82  LEU A CD2 1 
ATOM   735  N  N   . ARG A 1 95  ? -6.081  16.632  10.500  1.00 46.77 ? 83  ARG A N   1 
ATOM   736  C  CA  . ARG A 1 95  ? -6.541  17.993  10.714  1.00 45.98 ? 83  ARG A CA  1 
ATOM   737  C  C   . ARG A 1 95  ? -5.694  18.665  11.827  1.00 45.03 ? 83  ARG A C   1 
ATOM   738  O  O   . ARG A 1 95  ? -5.574  19.896  11.873  1.00 44.27 ? 83  ARG A O   1 
ATOM   739  C  CB  . ARG A 1 95  ? -8.025  17.962  11.114  1.00 45.84 ? 83  ARG A CB  1 
ATOM   740  C  CG  . ARG A 1 95  ? -8.914  18.888  10.344  1.00 47.68 ? 83  ARG A CG  1 
ATOM   741  C  CD  . ARG A 1 95  ? -10.401 18.544  10.457  1.00 48.43 ? 83  ARG A CD  1 
ATOM   742  N  NE  . ARG A 1 95  ? -10.785 17.518  9.487   1.00 51.52 ? 83  ARG A NE  1 
ATOM   743  C  CZ  . ARG A 1 95  ? -11.789 17.621  8.593   1.00 52.89 ? 83  ARG A CZ  1 
ATOM   744  N  NH1 . ARG A 1 95  ? -12.577 18.715  8.539   1.00 52.89 ? 83  ARG A NH1 1 
ATOM   745  N  NH2 . ARG A 1 95  ? -12.003 16.605  7.749   1.00 51.80 ? 83  ARG A NH2 1 
ATOM   746  N  N   . ARG A 1 96  ? -5.127  17.846  12.718  1.00 44.03 ? 84  ARG A N   1 
ATOM   747  C  CA  . ARG A 1 96  ? -4.411  18.323  13.902  1.00 43.88 ? 84  ARG A CA  1 
ATOM   748  C  C   . ARG A 1 96  ? -3.123  19.029  13.531  1.00 42.26 ? 84  ARG A C   1 
ATOM   749  O  O   . ARG A 1 96  ? -2.547  18.755  12.499  1.00 41.65 ? 84  ARG A O   1 
ATOM   750  C  CB  . ARG A 1 96  ? -4.141  17.182  14.887  1.00 43.52 ? 84  ARG A CB  1 
ATOM   751  C  CG  . ARG A 1 96  ? -5.334  16.886  15.796  1.00 44.71 ? 84  ARG A CG  1 
ATOM   752  C  CD  . ARG A 1 96  ? -5.400  15.463  16.363  1.00 45.58 ? 84  ARG A CD  1 
ATOM   753  N  NE  . ARG A 1 96  ? -4.102  14.909  16.774  1.00 47.30 ? 84  ARG A NE  1 
ATOM   754  C  CZ  . ARG A 1 96  ? -3.514  15.089  17.953  1.00 48.24 ? 84  ARG A CZ  1 
ATOM   755  N  NH1 . ARG A 1 96  ? -4.074  15.843  18.906  1.00 51.61 ? 84  ARG A NH1 1 
ATOM   756  N  NH2 . ARG A 1 96  ? -2.337  14.519  18.178  1.00 47.74 ? 84  ARG A NH2 1 
ATOM   757  N  N   . LYS A 1 97  ? -2.702  19.966  14.373  1.00 41.47 ? 85  LYS A N   1 
ATOM   758  C  CA  . LYS A 1 97  ? -1.552  20.805  14.079  1.00 40.65 ? 85  LYS A CA  1 
ATOM   759  C  C   . LYS A 1 97  ? -0.348  20.463  14.960  1.00 40.32 ? 85  LYS A C   1 
ATOM   760  O  O   . LYS A 1 97  ? 0.700   21.109  14.846  1.00 39.52 ? 85  LYS A O   1 
ATOM   761  C  CB  . LYS A 1 97  ? -1.956  22.282  14.243  1.00 40.84 ? 85  LYS A CB  1 
ATOM   762  C  CG  . LYS A 1 97  ? -2.969  22.796  13.212  1.00 40.21 ? 85  LYS A CG  1 
ATOM   763  C  CD  . LYS A 1 97  ? -3.391  24.213  13.545  1.00 40.37 ? 85  LYS A CD  1 
ATOM   764  C  CE  . LYS A 1 97  ? -4.484  24.740  12.626  1.00 39.78 ? 85  LYS A CE  1 
ATOM   765  N  NZ  . LYS A 1 97  ? -5.202  25.927  13.206  1.00 35.40 ? 85  LYS A NZ  1 
ATOM   766  N  N   . ASP A 1 98  ? -0.502  19.442  15.811  1.00 40.36 ? 86  ASP A N   1 
ATOM   767  C  CA  . ASP A 1 98  ? 0.525   19.042  16.789  1.00 40.92 ? 86  ASP A CA  1 
ATOM   768  C  C   . ASP A 1 98  ? 0.841   17.556  16.755  1.00 41.74 ? 86  ASP A C   1 
ATOM   769  O  O   . ASP A 1 98  ? 1.125   16.958  17.796  1.00 41.72 ? 86  ASP A O   1 
ATOM   770  C  CB  . ASP A 1 98  ? 0.068   19.382  18.207  1.00 40.68 ? 86  ASP A CB  1 
ATOM   771  C  CG  . ASP A 1 98  ? -1.237  18.713  18.569  1.00 41.07 ? 86  ASP A CG  1 
ATOM   772  O  OD1 . ASP A 1 98  ? -1.789  17.996  17.718  1.00 40.81 ? 86  ASP A OD1 1 
ATOM   773  O  OD2 . ASP A 1 98  ? -1.814  18.867  19.663  1.00 43.76 ? 86  ASP A OD2 1 
ATOM   774  N  N   . LEU A 1 99  ? 0.799   16.951  15.575  1.00 42.68 ? 87  LEU A N   1 
ATOM   775  C  CA  . LEU A 1 99  ? 1.019   15.529  15.469  1.00 43.67 ? 87  LEU A CA  1 
ATOM   776  C  C   . LEU A 1 99  ? 2.483   15.190  15.758  1.00 44.50 ? 87  LEU A C   1 
ATOM   777  O  O   . LEU A 1 99  ? 3.392   15.896  15.315  1.00 44.61 ? 87  LEU A O   1 
ATOM   778  C  CB  . LEU A 1 99  ? 0.630   15.031  14.073  1.00 43.97 ? 87  LEU A CB  1 
ATOM   779  C  CG  . LEU A 1 99  ? -0.849  15.123  13.661  1.00 43.51 ? 87  LEU A CG  1 
ATOM   780  C  CD1 . LEU A 1 99  ? -1.011  14.521  12.276  1.00 44.56 ? 87  LEU A CD1 1 
ATOM   781  C  CD2 . LEU A 1 99  ? -1.773  14.404  14.625  1.00 42.44 ? 87  LEU A CD2 1 
ATOM   782  N  N   . THR A 1 100 ? 2.692   14.108  16.512  1.00 45.16 ? 88  THR A N   1 
ATOM   783  C  CA  . THR A 1 100 ? 4.022   13.560  16.739  1.00 45.22 ? 88  THR A CA  1 
ATOM   784  C  C   . THR A 1 100 ? 4.374   12.567  15.631  1.00 45.51 ? 88  THR A C   1 
ATOM   785  O  O   . THR A 1 100 ? 3.500   11.944  15.034  1.00 45.54 ? 88  THR A O   1 
ATOM   786  C  CB  . THR A 1 100 ? 4.123   12.853  18.115  1.00 45.39 ? 88  THR A CB  1 
ATOM   787  O  OG1 . THR A 1 100 ? 3.297   11.687  18.150  1.00 43.95 ? 88  THR A OG1 1 
ATOM   788  C  CG2 . THR A 1 100 ? 3.577   13.730  19.251  1.00 45.66 ? 88  THR A CG2 1 
ATOM   789  N  N   . LEU A 1 101 ? 5.663   12.420  15.367  1.00 46.20 ? 89  LEU A N   1 
ATOM   790  C  CA  . LEU A 1 101 ? 6.125   11.476  14.350  1.00 46.64 ? 89  LEU A CA  1 
ATOM   791  C  C   . LEU A 1 101 ? 5.737   10.063  14.745  1.00 46.26 ? 89  LEU A C   1 
ATOM   792  O  O   . LEU A 1 101 ? 5.294   9.290   13.907  1.00 46.35 ? 89  LEU A O   1 
ATOM   793  C  CB  . LEU A 1 101 ? 7.648   11.596  14.133  1.00 46.64 ? 89  LEU A CB  1 
ATOM   794  C  CG  . LEU A 1 101 ? 8.226   10.771  12.961  1.00 47.09 ? 89  LEU A CG  1 
ATOM   795  C  CD1 . LEU A 1 101 ? 7.803   11.297  11.588  1.00 46.91 ? 89  LEU A CD1 1 
ATOM   796  C  CD2 . LEU A 1 101 ? 9.764   10.703  13.081  1.00 47.81 ? 89  LEU A CD2 1 
ATOM   797  N  N   . LYS A 1 102 ? 5.860   9.765   16.036  1.00 46.21 ? 90  LYS A N   1 
ATOM   798  C  CA  . LYS A 1 102 ? 5.519   8.458   16.600  1.00 46.33 ? 90  LYS A CA  1 
ATOM   799  C  C   . LYS A 1 102 ? 4.117   7.980   16.275  1.00 45.78 ? 90  LYS A C   1 
ATOM   800  O  O   . LYS A 1 102 ? 3.942   6.868   15.811  1.00 44.55 ? 90  LYS A O   1 
ATOM   801  C  CB  . LYS A 1 102 ? 5.676   8.480   18.135  1.00 46.73 ? 90  LYS A CB  1 
ATOM   802  C  CG  . LYS A 1 102 ? 5.274   7.175   18.862  1.00 46.80 ? 90  LYS A CG  1 
ATOM   803  C  CD  . LYS A 1 102 ? 5.704   7.177   20.353  1.00 47.48 ? 90  LYS A CD  1 
ATOM   804  C  CE  . LYS A 1 102 ? 5.718   5.763   20.990  1.00 49.33 ? 90  LYS A CE  1 
ATOM   805  N  NZ  . LYS A 1 102 ? 4.476   4.930   20.698  1.00 51.69 ? 90  LYS A NZ  1 
ATOM   806  N  N   . GLU A 1 103 ? 3.111   8.789   16.581  1.00 45.74 ? 91  GLU A N   1 
ATOM   807  C  CA  . GLU A 1 103 ? 1.738   8.335   16.406  1.00 46.32 ? 91  GLU A CA  1 
ATOM   808  C  C   . GLU A 1 103 ? 1.401   8.098   14.930  1.00 45.85 ? 91  GLU A C   1 
ATOM   809  O  O   . GLU A 1 103 ? 0.712   7.170   14.574  1.00 45.16 ? 91  GLU A O   1 
ATOM   810  C  CB  . GLU A 1 103 ? 0.761   9.301   17.073  1.00 46.19 ? 91  GLU A CB  1 
ATOM   811  C  CG  . GLU A 1 103 ? 0.640   10.683  16.488  1.00 45.98 ? 91  GLU A CG  1 
ATOM   812  C  CD  . GLU A 1 103 ? -0.321  11.527  17.323  1.00 47.22 ? 91  GLU A CD  1 
ATOM   813  O  OE1 . GLU A 1 103 ? -1.505  11.071  17.480  1.00 46.98 ? 91  GLU A OE1 1 
ATOM   814  O  OE2 . GLU A 1 103 ? 0.098   12.617  17.822  1.00 44.85 ? 91  GLU A OE2 1 
ATOM   815  N  N   . VAL A 1 104 ? 1.975   8.933   14.093  1.00 46.56 ? 92  VAL A N   1 
ATOM   816  C  CA  . VAL A 1 104 ? 1.833   8.901   12.652  1.00 46.95 ? 92  VAL A CA  1 
ATOM   817  C  C   . VAL A 1 104 ? 2.513   7.651   12.053  1.00 47.17 ? 92  VAL A C   1 
ATOM   818  O  O   . VAL A 1 104 ? 1.936   6.926   11.222  1.00 46.77 ? 92  VAL A O   1 
ATOM   819  C  CB  . VAL A 1 104 ? 2.437   10.255  12.119  1.00 47.49 ? 92  VAL A CB  1 
ATOM   820  C  CG1 . VAL A 1 104 ? 3.268   10.109  10.856  1.00 48.29 ? 92  VAL A CG1 1 
ATOM   821  C  CG2 . VAL A 1 104 ? 1.341   11.343  12.005  1.00 47.87 ? 92  VAL A CG2 1 
ATOM   822  N  N   . LEU A 1 105 ? 3.745   7.414   12.470  1.00 46.98 ? 93  LEU A N   1 
ATOM   823  C  CA  . LEU A 1 105 ? 4.477   6.233   12.069  1.00 47.24 ? 93  LEU A CA  1 
ATOM   824  C  C   . LEU A 1 105 ? 3.810   4.937   12.542  1.00 48.25 ? 93  LEU A C   1 
ATOM   825  O  O   . LEU A 1 105 ? 3.764   3.942   11.808  1.00 49.67 ? 93  LEU A O   1 
ATOM   826  C  CB  . LEU A 1 105 ? 5.919   6.315   12.570  1.00 47.09 ? 93  LEU A CB  1 
ATOM   827  C  CG  . LEU A 1 105 ? 6.853   7.241   11.790  1.00 45.79 ? 93  LEU A CG  1 
ATOM   828  C  CD1 . LEU A 1 105 ? 8.187   7.100   12.270  1.00 45.26 ? 93  LEU A CD1 1 
ATOM   829  C  CD2 . LEU A 1 105 ? 6.834   6.940   10.294  1.00 48.36 ? 93  LEU A CD2 1 
ATOM   830  N  N   . ASP A 1 106 ? 3.267   4.934   13.747  1.00 48.33 ? 94  ASP A N   1 
ATOM   831  C  CA  . ASP A 1 106 ? 2.617   3.728   14.248  1.00 48.32 ? 94  ASP A CA  1 
ATOM   832  C  C   . ASP A 1 106 ? 1.512   3.330   13.319  1.00 47.85 ? 94  ASP A C   1 
ATOM   833  O  O   . ASP A 1 106 ? 1.345   2.172   13.003  1.00 47.17 ? 94  ASP A O   1 
ATOM   834  C  CB  . ASP A 1 106 ? 2.073   3.936   15.676  1.00 48.59 ? 94  ASP A CB  1 
ATOM   835  C  CG  . ASP A 1 106 ? 3.178   3.832   16.756  1.00 48.24 ? 94  ASP A CG  1 
ATOM   836  O  OD1 . ASP A 1 106 ? 4.234   3.234   16.480  1.00 46.63 ? 94  ASP A OD1 1 
ATOM   837  O  OD2 . ASP A 1 106 ? 3.078   4.344   17.901  1.00 50.44 ? 94  ASP A OD2 1 
ATOM   838  N  N   . ILE A 1 107 ? 0.753   4.320   12.883  1.00 48.29 ? 95  ILE A N   1 
ATOM   839  C  CA  . ILE A 1 107 ? -0.354  4.095   11.947  1.00 48.60 ? 95  ILE A CA  1 
ATOM   840  C  C   . ILE A 1 107 ? 0.169   3.609   10.572  1.00 47.62 ? 95  ILE A C   1 
ATOM   841  O  O   . ILE A 1 107 ? -0.325  2.637   10.029  1.00 46.70 ? 95  ILE A O   1 
ATOM   842  C  CB  . ILE A 1 107 ? -1.214  5.378   11.828  1.00 48.57 ? 95  ILE A CB  1 
ATOM   843  C  CG1 . ILE A 1 107 ? -1.879  5.690   13.183  1.00 49.20 ? 95  ILE A CG1 1 
ATOM   844  C  CG2 . ILE A 1 107 ? -2.267  5.209   10.736  1.00 49.87 ? 95  ILE A CG2 1 
ATOM   845  C  CD1 . ILE A 1 107 ? -2.391  7.132   13.328  1.00 49.67 ? 95  ILE A CD1 1 
ATOM   846  N  N   . ALA A 1 108 ? 1.194   4.283   10.063  1.00 47.41 ? 96  ALA A N   1 
ATOM   847  C  CA  . ALA A 1 108 ? 1.799   3.958   8.783   1.00 47.30 ? 96  ALA A CA  1 
ATOM   848  C  C   . ALA A 1 108 ? 2.278   2.548   8.771   1.00 47.47 ? 96  ALA A C   1 
ATOM   849  O  O   . ALA A 1 108 ? 2.128   1.860   7.800   1.00 47.16 ? 96  ALA A O   1 
ATOM   850  C  CB  . ALA A 1 108 ? 2.974   4.866   8.511   1.00 47.37 ? 96  ALA A CB  1 
ATOM   851  N  N   . ILE A 1 109 ? 2.922   2.143   9.862   1.00 49.11 ? 97  ILE A N   1 
ATOM   852  C  CA  . ILE A 1 109 ? 3.565   0.834   9.940   1.00 48.74 ? 97  ILE A CA  1 
ATOM   853  C  C   . ILE A 1 109 ? 2.488   -0.232  9.943   1.00 49.06 ? 97  ILE A C   1 
ATOM   854  O  O   . ILE A 1 109 ? 2.605   -1.252  9.271   1.00 48.78 ? 97  ILE A O   1 
ATOM   855  C  CB  . ILE A 1 109 ? 4.465   0.769   11.160  1.00 48.51 ? 97  ILE A CB  1 
ATOM   856  C  CG1 . ILE A 1 109 ? 5.740   1.576   10.874  1.00 49.14 ? 97  ILE A CG1 1 
ATOM   857  C  CG2 . ILE A 1 109 ? 4.804   -0.670  11.510  1.00 47.60 ? 97  ILE A CG2 1 
ATOM   858  C  CD1 . ILE A 1 109 ? 6.541   1.959   12.093  1.00 49.12 ? 97  ILE A CD1 1 
ATOM   859  N  N   . SER A 1 110 ? 1.418   0.046   10.663  1.00 49.25 ? 98  SER A N   1 
ATOM   860  C  CA  . SER A 1 110 ? 0.360   -0.927  10.838  1.00 49.86 ? 98  SER A CA  1 
ATOM   861  C  C   . SER A 1 110 ? -0.432  -1.150  9.561   1.00 49.42 ? 98  SER A C   1 
ATOM   862  O  O   . SER A 1 110 ? -0.720  -2.290  9.252   1.00 49.42 ? 98  SER A O   1 
ATOM   863  C  CB  . SER A 1 110 ? -0.565  -0.521  11.998  1.00 50.49 ? 98  SER A CB  1 
ATOM   864  O  OG  . SER A 1 110 ? -1.728  -1.321  11.982  1.00 53.33 ? 98  SER A OG  1 
ATOM   865  N  N   . VAL A 1 111 ? -0.773  -0.085  8.824   1.00 49.17 ? 99  VAL A N   1 
ATOM   866  C  CA  . VAL A 1 111 ? -1.476  -0.259  7.561   1.00 49.25 ? 99  VAL A CA  1 
ATOM   867  C  C   . VAL A 1 111 ? -0.555  -0.770  6.456   1.00 49.33 ? 99  VAL A C   1 
ATOM   868  O  O   . VAL A 1 111 ? -1.004  -1.484  5.564   1.00 48.14 ? 99  VAL A O   1 
ATOM   869  C  CB  . VAL A 1 111 ? -2.259  1.006   7.046   1.00 49.69 ? 99  VAL A CB  1 
ATOM   870  C  CG1 . VAL A 1 111 ? -3.127  1.626   8.148   1.00 49.73 ? 99  VAL A CG1 1 
ATOM   871  C  CG2 . VAL A 1 111 ? -1.330  2.016   6.487   1.00 52.19 ? 99  VAL A CG2 1 
ATOM   872  N  N   . GLU A 1 112 ? 0.718   -0.392  6.488   1.00 49.26 ? 100 GLU A N   1 
ATOM   873  C  CA  . GLU A 1 112 ? 1.656   -0.913  5.513   1.00 49.71 ? 100 GLU A CA  1 
ATOM   874  C  C   . GLU A 1 112 ? 1.756   -2.465  5.629   1.00 49.27 ? 100 GLU A C   1 
ATOM   875  O  O   . GLU A 1 112 ? 1.664   -3.179  4.652   1.00 49.67 ? 100 GLU A O   1 
ATOM   876  C  CB  . GLU A 1 112 ? 3.031   -0.258  5.700   1.00 50.46 ? 100 GLU A CB  1 
ATOM   877  C  CG  . GLU A 1 112 ? 4.091   -0.728  4.719   1.00 52.03 ? 100 GLU A CG  1 
ATOM   878  C  CD  . GLU A 1 112 ? 3.677   -0.499  3.269   1.00 54.51 ? 100 GLU A CD  1 
ATOM   879  O  OE1 . GLU A 1 112 ? 2.843   0.399   3.004   1.00 53.28 ? 100 GLU A OE1 1 
ATOM   880  O  OE2 . GLU A 1 112 ? 4.202   -1.218  2.381   1.00 56.73 ? 100 GLU A OE2 1 
ATOM   881  N  N   . LYS A 1 113 ? 1.905   -2.967  6.837   1.00 48.13 ? 101 LYS A N   1 
ATOM   882  C  CA  . LYS A 1 113 ? 1.883   -4.381  7.057   1.00 47.60 ? 101 LYS A CA  1 
ATOM   883  C  C   . LYS A 1 113 ? 0.607   -5.049  6.554   1.00 47.60 ? 101 LYS A C   1 
ATOM   884  O  O   . LYS A 1 113 ? 0.672   -6.158  6.023   1.00 47.06 ? 101 LYS A O   1 
ATOM   885  C  CB  . LYS A 1 113 ? 2.146   -4.669  8.544   1.00 47.80 ? 101 LYS A CB  1 
ATOM   886  C  CG  . LYS A 1 113 ? 3.616   -4.405  8.901   1.00 47.54 ? 101 LYS A CG  1 
ATOM   887  C  CD  . LYS A 1 113 ? 4.101   -5.120  10.168  1.00 47.85 ? 101 LYS A CD  1 
ATOM   888  C  CE  . LYS A 1 113 ? 3.571   -4.510  11.429  1.00 48.83 ? 101 LYS A CE  1 
ATOM   889  N  NZ  . LYS A 1 113 ? 4.531   -4.677  12.558  1.00 48.53 ? 101 LYS A NZ  1 
ATOM   890  N  N   . ASP A 1 114 ? -0.540  -4.362  6.676   1.00 47.27 ? 102 ASP A N   1 
ATOM   891  C  CA  . ASP A 1 114 ? -1.822  -4.912  6.251   1.00 46.35 ? 102 ASP A CA  1 
ATOM   892  C  C   . ASP A 1 114 ? -1.853  -5.006  4.726   1.00 46.37 ? 102 ASP A C   1 
ATOM   893  O  O   . ASP A 1 114 ? -2.245  -6.032  4.137   1.00 44.92 ? 102 ASP A O   1 
ATOM   894  C  CB  . ASP A 1 114 ? -2.939  -4.026  6.735   1.00 47.30 ? 102 ASP A CB  1 
ATOM   895  C  CG  . ASP A 1 114 ? -3.255  -4.184  8.224   1.00 46.98 ? 102 ASP A CG  1 
ATOM   896  O  OD1 . ASP A 1 114 ? -2.858  -5.154  8.873   1.00 44.93 ? 102 ASP A OD1 1 
ATOM   897  O  OD2 . ASP A 1 114 ? -4.017  -3.392  8.797   1.00 50.86 ? 102 ASP A OD2 1 
ATOM   898  N  N   . SER A 1 115 ? -1.372  -3.942  4.086   1.00 46.58 ? 103 SER A N   1 
ATOM   899  C  CA  . SER A 1 115 ? -1.254  -3.880  2.634   1.00 46.65 ? 103 SER A CA  1 
ATOM   900  C  C   . SER A 1 115 ? -0.232  -4.877  2.059   1.00 47.25 ? 103 SER A C   1 
ATOM   901  O  O   . SER A 1 115 ? -0.425  -5.424  0.968   1.00 47.70 ? 103 SER A O   1 
ATOM   902  C  CB  . SER A 1 115 ? -0.873  -2.472  2.256   1.00 46.28 ? 103 SER A CB  1 
ATOM   903  O  OG  . SER A 1 115 ? -1.835  -1.573  2.794   1.00 49.55 ? 103 SER A OG  1 
ATOM   904  N  N   . ILE A 1 116 ? 0.846   -5.130  2.794   1.00 46.48 ? 104 ILE A N   1 
ATOM   905  C  CA  . ILE A 1 116 ? 1.838   -6.119  2.327   1.00 46.38 ? 104 ILE A CA  1 
ATOM   906  C  C   . ILE A 1 116 ? 1.246   -7.534  2.223   1.00 45.48 ? 104 ILE A C   1 
ATOM   907  O  O   . ILE A 1 116 ? 1.458   -8.233  1.222   1.00 44.45 ? 104 ILE A O   1 
ATOM   908  C  CB  . ILE A 1 116 ? 3.115   -6.029  3.155   1.00 45.17 ? 104 ILE A CB  1 
ATOM   909  C  CG1 . ILE A 1 116 ? 3.820   -4.730  2.772   1.00 45.14 ? 104 ILE A CG1 1 
ATOM   910  C  CG2 . ILE A 1 116 ? 4.058   -7.222  2.902   1.00 48.78 ? 104 ILE A CG2 1 
ATOM   911  C  CD1 . ILE A 1 116 ? 5.007   -4.364  3.605   1.00 46.77 ? 104 ILE A CD1 1 
ATOM   912  N  N   . ILE A 1 117 ? 0.473   -7.918  3.235   1.00 45.00 ? 105 ILE A N   1 
ATOM   913  C  CA  . ILE A 1 117 ? -0.203  -9.207  3.239   1.00 44.32 ? 105 ILE A CA  1 
ATOM   914  C  C   . ILE A 1 117 ? -1.065  -9.301  2.011   1.00 43.55 ? 105 ILE A C   1 
ATOM   915  O  O   . ILE A 1 117 ? -1.074  -10.312 1.303   1.00 41.75 ? 105 ILE A O   1 
ATOM   916  C  CB  . ILE A 1 117 ? -1.065  -9.406  4.512   1.00 44.25 ? 105 ILE A CB  1 
ATOM   917  C  CG1 . ILE A 1 117 ? -0.184  -9.439  5.744   1.00 44.25 ? 105 ILE A CG1 1 
ATOM   918  C  CG2 . ILE A 1 117 ? -1.892  -10.697 4.430   1.00 44.38 ? 105 ILE A CG2 1 
ATOM   919  C  CD1 . ILE A 1 117 ? -0.839  -9.913  7.004   1.00 44.60 ? 105 ILE A CD1 1 
ATOM   920  N  N   . LEU A 1 118 ? -1.783  -8.217  1.728   1.00 44.94 ? 106 LEU A N   1 
ATOM   921  C  CA  . LEU A 1 118 ? -2.704  -8.221  0.595   1.00 43.99 ? 106 LEU A CA  1 
ATOM   922  C  C   . LEU A 1 118 ? -1.981  -8.342  -0.751  1.00 44.59 ? 106 LEU A C   1 
ATOM   923  O  O   . LEU A 1 118 ? -2.448  -9.017  -1.681  1.00 44.52 ? 106 LEU A O   1 
ATOM   924  C  CB  . LEU A 1 118 ? -3.607  -7.012  0.587   1.00 43.95 ? 106 LEU A CB  1 
ATOM   925  C  CG  . LEU A 1 118 ? -4.388  -7.024  -0.771  1.00 44.40 ? 106 LEU A CG  1 
ATOM   926  C  CD1 . LEU A 1 118 ? -5.756  -7.677  -0.643  1.00 42.22 ? 106 LEU A CD1 1 
ATOM   927  C  CD2 . LEU A 1 118 ? -4.455  -5.690  -1.354  1.00 46.33 ? 106 LEU A CD2 1 
ATOM   928  N  N   . TYR A 1 119 ? -0.890  -7.628  -0.918  1.00 45.17 ? 107 TYR A N   1 
ATOM   929  C  CA  . TYR A 1 119 ? -0.171  -7.780  -2.172  1.00 45.10 ? 107 TYR A CA  1 
ATOM   930  C  C   . TYR A 1 119 ? 0.424   -9.182  -2.316  1.00 44.52 ? 107 TYR A C   1 
ATOM   931  O  O   . TYR A 1 119 ? 0.539   -9.641  -3.437  1.00 44.66 ? 107 TYR A O   1 
ATOM   932  C  CB  . TYR A 1 119 ? 0.952   -6.748  -2.345  1.00 46.43 ? 107 TYR A CB  1 
ATOM   933  C  CG  . TYR A 1 119 ? 0.541   -5.311  -2.095  1.00 47.00 ? 107 TYR A CG  1 
ATOM   934  C  CD1 . TYR A 1 119 ? -0.636  -4.801  -2.609  1.00 43.96 ? 107 TYR A CD1 1 
ATOM   935  C  CD2 . TYR A 1 119 ? 1.354   -4.471  -1.305  1.00 48.30 ? 107 TYR A CD2 1 
ATOM   936  C  CE1 . TYR A 1 119 ? -1.027  -3.493  -2.362  1.00 44.66 ? 107 TYR A CE1 1 
ATOM   937  C  CE2 . TYR A 1 119 ? 0.963   -3.168  -1.038  1.00 48.28 ? 107 TYR A CE2 1 
ATOM   938  C  CZ  . TYR A 1 119 ? -0.228  -2.687  -1.586  1.00 47.44 ? 107 TYR A CZ  1 
ATOM   939  O  OH  . TYR A 1 119 ? -0.601  -1.406  -1.320  1.00 48.65 ? 107 TYR A OH  1 
ATOM   940  N  N   . TYR A 1 120 ? 0.850   -9.830  -1.216  1.00 42.76 ? 108 TYR A N   1 
ATOM   941  C  CA  . TYR A 1 120 ? 1.257   -11.216 -1.288  1.00 41.99 ? 108 TYR A CA  1 
ATOM   942  C  C   . TYR A 1 120 ? 0.070   -12.098 -1.773  1.00 43.14 ? 108 TYR A C   1 
ATOM   943  O  O   . TYR A 1 120 ? 0.227   -12.948 -2.628  1.00 41.68 ? 108 TYR A O   1 
ATOM   944  C  CB  . TYR A 1 120 ? 1.835   -11.721 0.052   1.00 41.68 ? 108 TYR A CB  1 
ATOM   945  C  CG  . TYR A 1 120 ? 3.337   -11.464 0.249   1.00 41.03 ? 108 TYR A CG  1 
ATOM   946  C  CD1 . TYR A 1 120 ? 4.282   -11.992 -0.634  1.00 39.91 ? 108 TYR A CD1 1 
ATOM   947  C  CD2 . TYR A 1 120 ? 3.816   -10.724 1.336   1.00 41.99 ? 108 TYR A CD2 1 
ATOM   948  C  CE1 . TYR A 1 120 ? 5.678   -11.772 -0.456  1.00 40.07 ? 108 TYR A CE1 1 
ATOM   949  C  CE2 . TYR A 1 120 ? 5.249   -10.496 1.524   1.00 41.50 ? 108 TYR A CE2 1 
ATOM   950  C  CZ  . TYR A 1 120 ? 6.152   -11.019 0.615   1.00 39.20 ? 108 TYR A CZ  1 
ATOM   951  O  OH  . TYR A 1 120 ? 7.523   -10.823 0.760   1.00 41.17 ? 108 TYR A OH  1 
ATOM   952  N  N   . GLU A 1 121 ? -1.126  -11.830 -1.253  1.00 44.05 ? 109 GLU A N   1 
ATOM   953  C  CA  . GLU A 1 121 ? -2.304  -12.613 -1.595  1.00 44.54 ? 109 GLU A CA  1 
ATOM   954  C  C   . GLU A 1 121 ? -2.549  -12.560 -3.063  1.00 44.75 ? 109 GLU A C   1 
ATOM   955  O  O   . GLU A 1 121 ? -2.752  -13.602 -3.676  1.00 45.17 ? 109 GLU A O   1 
ATOM   956  C  CB  . GLU A 1 121 ? -3.521  -12.166 -0.781  1.00 44.09 ? 109 GLU A CB  1 
ATOM   957  C  CG  . GLU A 1 121 ? -3.410  -12.670 0.667   1.00 44.51 ? 109 GLU A CG  1 
ATOM   958  C  CD  . GLU A 1 121 ? -4.428  -12.074 1.641   1.00 45.32 ? 109 GLU A CD  1 
ATOM   959  O  OE1 . GLU A 1 121 ? -4.917  -10.954 1.398   1.00 50.17 ? 109 GLU A OE1 1 
ATOM   960  O  OE2 . GLU A 1 121 ? -4.741  -12.740 2.659   1.00 42.30 ? 109 GLU A OE2 1 
ATOM   961  N  N   . LEU A 1 122 ? -2.474  -11.342 -3.605  1.00 45.65 ? 110 LEU A N   1 
ATOM   962  C  CA  . LEU A 1 122 ? -2.641  -11.033 -5.021  1.00 45.95 ? 110 LEU A CA  1 
ATOM   963  C  C   . LEU A 1 122 ? -1.636  -11.752 -5.913  1.00 46.46 ? 110 LEU A C   1 
ATOM   964  O  O   . LEU A 1 122 ? -1.997  -12.341 -6.952  1.00 47.56 ? 110 LEU A O   1 
ATOM   965  C  CB  . LEU A 1 122 ? -2.462  -9.519  -5.257  1.00 46.16 ? 110 LEU A CB  1 
ATOM   966  C  CG  . LEU A 1 122 ? -2.361  -9.107  -6.748  1.00 45.98 ? 110 LEU A CG  1 
ATOM   967  C  CD1 . LEU A 1 122 ? -3.623  -9.549  -7.531  1.00 45.76 ? 110 LEU A CD1 1 
ATOM   968  C  CD2 . LEU A 1 122 ? -2.091  -7.611  -6.939  1.00 46.59 ? 110 LEU A CD2 1 
ATOM   969  N  N   . LYS A 1 123 ? -0.379  -11.698 -5.509  1.00 45.59 ? 111 LYS A N   1 
ATOM   970  C  CA  . LYS A 1 123 ? 0.668   -12.379 -6.221  1.00 45.16 ? 111 LYS A CA  1 
ATOM   971  C  C   . LYS A 1 123 ? 0.434   -13.881 -6.361  1.00 44.81 ? 111 LYS A C   1 
ATOM   972  O  O   . LYS A 1 123 ? 0.603   -14.457 -7.447  1.00 44.11 ? 111 LYS A O   1 
ATOM   973  C  CB  . LYS A 1 123 ? 2.007   -12.108 -5.597  1.00 43.73 ? 111 LYS A CB  1 
ATOM   974  C  CG  . LYS A 1 123 ? 3.141   -12.549 -6.515  1.00 45.14 ? 111 LYS A CG  1 
ATOM   975  C  CD  . LYS A 1 123 ? 4.577   -12.058 -6.120  1.00 44.19 ? 111 LYS A CD  1 
ATOM   976  C  CE  . LYS A 1 123 ? 5.032   -12.683 -4.822  1.00 43.73 ? 111 LYS A CE  1 
ATOM   977  N  NZ  . LYS A 1 123 ? 5.486   -14.081 -5.039  1.00 45.48 ? 111 LYS A NZ  1 
ATOM   978  N  N   . ASP A 1 124 ? 0.004   -14.494 -5.274  1.00 45.34 ? 112 ASP A N   1 
ATOM   979  C  CA  . ASP A 1 124 ? -0.374  -15.902 -5.289  1.00 46.24 ? 112 ASP A CA  1 
ATOM   980  C  C   . ASP A 1 124 ? -1.546  -16.220 -6.221  1.00 45.96 ? 112 ASP A C   1 
ATOM   981  O  O   . ASP A 1 124 ? -1.691  -17.342 -6.627  1.00 46.17 ? 112 ASP A O   1 
ATOM   982  C  CB  . ASP A 1 124 ? -0.764  -16.357 -3.897  1.00 46.54 ? 112 ASP A CB  1 
ATOM   983  C  CG  . ASP A 1 124 ? 0.405   -16.893 -3.096  1.00 46.42 ? 112 ASP A CG  1 
ATOM   984  O  OD1 . ASP A 1 124 ? 1.604   -16.639 -3.462  1.00 51.33 ? 112 ASP A OD1 1 
ATOM   985  O  OD2 . ASP A 1 124 ? 0.193   -17.593 -2.074  1.00 41.20 ? 112 ASP A OD2 1 
ATOM   986  N  N   . GLY A 1 125 ? -2.376  -15.242 -6.543  1.00 46.52 ? 113 GLY A N   1 
ATOM   987  C  CA  . GLY A 1 125 ? -3.584  -15.466 -7.364  1.00 46.83 ? 113 GLY A CA  1 
ATOM   988  C  C   . GLY A 1 125 ? -3.367  -15.243 -8.843  1.00 47.78 ? 113 GLY A C   1 
ATOM   989  O  O   . GLY A 1 125 ? -4.205  -15.637 -9.691  1.00 47.38 ? 113 GLY A O   1 
ATOM   990  N  N   . LEU A 1 126 ? -2.270  -14.554 -9.148  1.00 48.47 ? 114 LEU A N   1 
ATOM   991  C  CA  . LEU A 1 126 ? -1.852  -14.355 -10.503 1.00 49.36 ? 114 LEU A CA  1 
ATOM   992  C  C   . LEU A 1 126 ? -1.211  -15.644 -10.995 1.00 50.61 ? 114 LEU A C   1 
ATOM   993  O  O   . LEU A 1 126 ? -0.558  -16.374 -10.234 1.00 51.84 ? 114 LEU A O   1 
ATOM   994  C  CB  . LEU A 1 126 ? -0.926  -13.159 -10.627 1.00 49.17 ? 114 LEU A CB  1 
ATOM   995  C  CG  . LEU A 1 126 ? -1.554  -11.794 -10.305 1.00 48.90 ? 114 LEU A CG  1 
ATOM   996  C  CD1 . LEU A 1 126 ? -0.425  -10.743 -10.004 1.00 49.55 ? 114 LEU A CD1 1 
ATOM   997  C  CD2 . LEU A 1 126 ? -2.408  -11.328 -11.413 1.00 45.09 ? 114 LEU A CD2 1 
ATOM   998  N  N   . VAL A 1 127 ? -1.467  -15.925 -12.271 1.00 51.35 ? 115 VAL A N   1 
ATOM   999  C  CA  . VAL A 1 127 ? -1.062  -17.144 -12.953 1.00 52.06 ? 115 VAL A CA  1 
ATOM   1000 C  C   . VAL A 1 127 ? -0.017  -16.805 -14.012 1.00 52.00 ? 115 VAL A C   1 
ATOM   1001 O  O   . VAL A 1 127 ? 0.884   -17.596 -14.288 1.00 53.01 ? 115 VAL A O   1 
ATOM   1002 C  CB  . VAL A 1 127 ? -2.316  -17.817 -13.613 1.00 53.05 ? 115 VAL A CB  1 
ATOM   1003 C  CG1 . VAL A 1 127 ? -1.990  -18.432 -14.989 1.00 54.34 ? 115 VAL A CG1 1 
ATOM   1004 C  CG2 . VAL A 1 127 ? -2.921  -18.862 -12.669 1.00 53.73 ? 115 VAL A CG2 1 
ATOM   1005 N  N   . ASN A 1 128 ? -0.143  -15.626 -14.601 1.00 51.96 ? 116 ASN A N   1 
ATOM   1006 C  CA  . ASN A 1 128 ? 0.813   -15.125 -15.562 1.00 52.54 ? 116 ASN A CA  1 
ATOM   1007 C  C   . ASN A 1 128 ? 2.105   -14.762 -14.793 1.00 52.85 ? 116 ASN A C   1 
ATOM   1008 O  O   . ASN A 1 128 ? 2.051   -14.056 -13.781 1.00 53.82 ? 116 ASN A O   1 
ATOM   1009 C  CB  . ASN A 1 128 ? 0.207   -13.936 -16.318 1.00 51.98 ? 116 ASN A CB  1 
ATOM   1010 C  CG  . ASN A 1 128 ? 1.252   -13.081 -16.968 1.00 55.08 ? 116 ASN A CG  1 
ATOM   1011 O  OD1 . ASN A 1 128 ? 2.448   -13.382 -16.838 1.00 56.44 ? 116 ASN A OD1 1 
ATOM   1012 N  ND2 . ASN A 1 128 ? 0.835   -12.003 -17.673 1.00 53.78 ? 116 ASN A ND2 1 
ATOM   1013 N  N   . SER A 1 129 ? 3.245   -15.276 -15.259 1.00 52.74 ? 117 SER A N   1 
ATOM   1014 C  CA  . SER A 1 129 ? 4.520   -15.162 -14.550 1.00 51.83 ? 117 SER A CA  1 
ATOM   1015 C  C   . SER A 1 129 ? 5.144   -13.763 -14.640 1.00 51.53 ? 117 SER A C   1 
ATOM   1016 O  O   . SER A 1 129 ? 5.966   -13.399 -13.784 1.00 51.73 ? 117 SER A O   1 
ATOM   1017 C  CB  . SER A 1 129 ? 5.521   -16.222 -15.053 1.00 52.09 ? 117 SER A CB  1 
ATOM   1018 O  OG  . SER A 1 129 ? 6.382   -15.749 -16.101 1.00 51.36 ? 117 SER A OG  1 
ATOM   1019 N  N   . ASP A 1 130 ? 4.780   -13.002 -15.676 1.00 50.88 ? 118 ASP A N   1 
ATOM   1020 C  CA  . ASP A 1 130 ? 5.152   -11.575 -15.798 1.00 50.70 ? 118 ASP A CA  1 
ATOM   1021 C  C   . ASP A 1 130 ? 4.427   -10.690 -14.771 1.00 49.66 ? 118 ASP A C   1 
ATOM   1022 O  O   . ASP A 1 130 ? 5.071   -9.842  -14.108 1.00 49.03 ? 118 ASP A O   1 
ATOM   1023 C  CB  . ASP A 1 130 ? 4.839   -11.038 -17.202 1.00 50.59 ? 118 ASP A CB  1 
ATOM   1024 C  CG  . ASP A 1 130 ? 6.020   -11.103 -18.168 1.00 53.69 ? 118 ASP A CG  1 
ATOM   1025 O  OD1 . ASP A 1 130 ? 7.157   -11.634 -17.855 1.00 54.33 ? 118 ASP A OD1 1 
ATOM   1026 O  OD2 . ASP A 1 130 ? 5.845   -10.632 -19.321 1.00 55.30 ? 118 ASP A OD2 1 
ATOM   1027 N  N   . ALA A 1 131 ? 3.103   -10.857 -14.696 1.00 48.44 ? 119 ALA A N   1 
ATOM   1028 C  CA  . ALA A 1 131 ? 2.290   -10.244 -13.652 1.00 48.98 ? 119 ALA A CA  1 
ATOM   1029 C  C   . ALA A 1 131 ? 2.872   -10.541 -12.265 1.00 48.86 ? 119 ALA A C   1 
ATOM   1030 O  O   . ALA A 1 131 ? 3.082   -9.626  -11.484 1.00 48.82 ? 119 ALA A O   1 
ATOM   1031 C  CB  . ALA A 1 131 ? 0.835   -10.703 -13.710 1.00 48.39 ? 119 ALA A CB  1 
ATOM   1032 N  N   . GLN A 1 132 ? 3.090   -11.805 -11.945 1.00 48.72 ? 120 GLN A N   1 
ATOM   1033 C  CA  . GLN A 1 132 ? 3.712   -12.142 -10.657 1.00 49.94 ? 120 GLN A CA  1 
ATOM   1034 C  C   . GLN A 1 132 ? 5.077   -11.458 -10.451 1.00 49.20 ? 120 GLN A C   1 
ATOM   1035 O  O   . GLN A 1 132 ? 5.346   -10.981 -9.379  1.00 49.43 ? 120 GLN A O   1 
ATOM   1036 C  CB  . GLN A 1 132 ? 3.918   -13.647 -10.513 1.00 50.19 ? 120 GLN A CB  1 
ATOM   1037 C  CG  . GLN A 1 132 ? 2.653   -14.435 -10.386 1.00 52.14 ? 120 GLN A CG  1 
ATOM   1038 C  CD  . GLN A 1 132 ? 2.918   -15.911 -10.134 1.00 52.65 ? 120 GLN A CD  1 
ATOM   1039 O  OE1 . GLN A 1 132 ? 3.648   -16.559 -10.900 1.00 52.14 ? 120 GLN A OE1 1 
ATOM   1040 N  NE2 . GLN A 1 132 ? 2.326   -16.445 -9.043  1.00 55.83 ? 120 GLN A NE2 1 
ATOM   1041 N  N   . LYS A 1 133 ? 5.931   -11.400 -11.462 1.00 49.01 ? 121 LYS A N   1 
ATOM   1042 C  CA  . LYS A 1 133 ? 7.222   -10.702 -11.297 1.00 48.96 ? 121 LYS A CA  1 
ATOM   1043 C  C   . LYS A 1 133 ? 7.003   -9.202  -11.050 1.00 47.92 ? 121 LYS A C   1 
ATOM   1044 O  O   . LYS A 1 133 ? 7.691   -8.598  -10.215 1.00 48.59 ? 121 LYS A O   1 
ATOM   1045 C  CB  . LYS A 1 133 ? 8.192   -10.984 -12.474 1.00 49.11 ? 121 LYS A CB  1 
ATOM   1046 C  CG  . LYS A 1 133 ? 9.333   -9.937  -12.669 1.00 49.77 ? 121 LYS A CG  1 
ATOM   1047 C  CD  . LYS A 1 133 ? 10.681  -10.577 -13.045 1.00 50.55 ? 121 LYS A CD  1 
ATOM   1048 N  N   . THR A 1 134 ? 5.993   -8.621  -11.700 1.00 46.76 ? 122 THR A N   1 
ATOM   1049 C  CA  . THR A 1 134 ? 5.708   -7.192  -11.567 1.00 45.67 ? 122 THR A CA  1 
ATOM   1050 C  C   . THR A 1 134 ? 5.264   -6.871  -10.138 1.00 44.74 ? 122 THR A C   1 
ATOM   1051 O  O   . THR A 1 134 ? 5.671   -5.873  -9.546  1.00 44.38 ? 122 THR A O   1 
ATOM   1052 C  CB  . THR A 1 134 ? 4.634   -6.732  -12.600 1.00 45.72 ? 122 THR A CB  1 
ATOM   1053 O  OG1 . THR A 1 134 ? 5.114   -6.830  -13.965 1.00 45.70 ? 122 THR A OG1 1 
ATOM   1054 C  CG2 . THR A 1 134 ? 4.328   -5.275  -12.434 1.00 46.84 ? 122 THR A CG2 1 
ATOM   1055 N  N   . VAL A 1 135 ? 4.453   -7.751  -9.588  1.00 43.81 ? 123 VAL A N   1 
ATOM   1056 C  CA  . VAL A 1 135 ? 3.944   -7.590  -8.238  1.00 44.39 ? 123 VAL A CA  1 
ATOM   1057 C  C   . VAL A 1 135 ? 4.991   -7.879  -7.171  1.00 44.57 ? 123 VAL A C   1 
ATOM   1058 O  O   . VAL A 1 135 ? 4.960   -7.248  -6.133  1.00 46.21 ? 123 VAL A O   1 
ATOM   1059 C  CB  . VAL A 1 135 ? 2.639   -8.452  -7.995  1.00 43.84 ? 123 VAL A CB  1 
ATOM   1060 C  CG1 . VAL A 1 135 ? 2.129   -8.278  -6.591  1.00 42.04 ? 123 VAL A CG1 1 
ATOM   1061 C  CG2 . VAL A 1 135 ? 1.521   -8.110  -9.047  1.00 44.65 ? 123 VAL A CG2 1 
ATOM   1062 N  N   . LYS A 1 136 ? 5.883   -8.836  -7.403  1.00 44.80 ? 124 LYS A N   1 
ATOM   1063 C  CA  . LYS A 1 136 ? 7.021   -9.057  -6.497  1.00 45.47 ? 124 LYS A CA  1 
ATOM   1064 C  C   . LYS A 1 136 ? 7.953   -7.829  -6.366  1.00 45.04 ? 124 LYS A C   1 
ATOM   1065 O  O   . LYS A 1 136 ? 8.450   -7.549  -5.291  1.00 44.43 ? 124 LYS A O   1 
ATOM   1066 C  CB  . LYS A 1 136 ? 7.855   -10.262 -6.942  1.00 45.67 ? 124 LYS A CB  1 
ATOM   1067 C  CG  . LYS A 1 136 ? 9.027   -10.519 -5.996  1.00 47.14 ? 124 LYS A CG  1 
ATOM   1068 C  CD  . LYS A 1 136 ? 9.489   -11.947 -5.926  1.00 49.45 ? 124 LYS A CD  1 
ATOM   1069 C  CE  . LYS A 1 136 ? 10.341  -12.221 -4.621  1.00 48.56 ? 124 LYS A CE  1 
ATOM   1070 N  NZ  . LYS A 1 136 ? 11.774  -11.936 -4.820  1.00 52.31 ? 124 LYS A NZ  1 
ATOM   1071 N  N   . LYS A 1 137 ? 8.209   -7.148  -7.479  1.00 44.99 ? 125 LYS A N   1 
ATOM   1072 C  CA  . LYS A 1 137 ? 8.921   -5.879  -7.481  1.00 46.06 ? 125 LYS A CA  1 
ATOM   1073 C  C   . LYS A 1 137 ? 8.277   -4.851  -6.542  1.00 45.38 ? 125 LYS A C   1 
ATOM   1074 O  O   . LYS A 1 137 ? 8.967   -4.237  -5.715  1.00 43.96 ? 125 LYS A O   1 
ATOM   1075 C  CB  . LYS A 1 137 ? 9.010   -5.328  -8.916  1.00 46.85 ? 125 LYS A CB  1 
ATOM   1076 C  CG  . LYS A 1 137 ? 10.120  -4.284  -9.127  1.00 47.99 ? 125 LYS A CG  1 
ATOM   1077 C  CD  . LYS A 1 137 ? 10.162  -3.804  -10.593 1.00 49.63 ? 125 LYS A CD  1 
ATOM   1078 C  CE  . LYS A 1 137 ? 10.684  -2.351  -10.731 1.00 51.73 ? 125 LYS A CE  1 
ATOM   1079 N  NZ  . LYS A 1 137 ? 12.136  -2.179  -10.299 1.00 53.37 ? 125 LYS A NZ  1 
ATOM   1080 N  N   . ILE A 1 138 ? 6.951   -4.713  -6.649  1.00 45.50 ? 126 ILE A N   1 
ATOM   1081 C  CA  . ILE A 1 138 ? 6.165   -3.809  -5.796  1.00 45.57 ? 126 ILE A CA  1 
ATOM   1082 C  C   . ILE A 1 138 ? 6.233   -4.197  -4.324  1.00 45.95 ? 126 ILE A C   1 
ATOM   1083 O  O   . ILE A 1 138 ? 6.388   -3.342  -3.462  1.00 46.21 ? 126 ILE A O   1 
ATOM   1084 C  CB  . ILE A 1 138 ? 4.678   -3.756  -6.279  1.00 46.22 ? 126 ILE A CB  1 
ATOM   1085 C  CG1 . ILE A 1 138 ? 4.564   -3.048  -7.652  1.00 46.26 ? 126 ILE A CG1 1 
ATOM   1086 C  CG2 . ILE A 1 138 ? 3.753   -3.020  -5.270  1.00 45.15 ? 126 ILE A CG2 1 
ATOM   1087 C  CD1 . ILE A 1 138 ? 3.196   -3.156  -8.283  1.00 45.25 ? 126 ILE A CD1 1 
ATOM   1088 N  N   . ILE A 1 139 ? 6.082   -5.489  -4.045  1.00 45.86 ? 127 ILE A N   1 
ATOM   1089 C  CA  . ILE A 1 139 ? 6.215   -6.015  -2.703  1.00 45.19 ? 127 ILE A CA  1 
ATOM   1090 C  C   . ILE A 1 139 ? 7.591   -5.701  -2.071  1.00 44.80 ? 127 ILE A C   1 
ATOM   1091 O  O   . ILE A 1 139 ? 7.649   -5.271  -0.926  1.00 44.72 ? 127 ILE A O   1 
ATOM   1092 C  CB  . ILE A 1 139 ? 5.950   -7.540  -2.700  1.00 44.48 ? 127 ILE A CB  1 
ATOM   1093 C  CG1 . ILE A 1 139 ? 4.450   -7.832  -2.871  1.00 46.37 ? 127 ILE A CG1 1 
ATOM   1094 C  CG2 . ILE A 1 139 ? 6.429   -8.174  -1.374  1.00 45.73 ? 127 ILE A CG2 1 
ATOM   1095 C  CD1 . ILE A 1 139 ? 4.118   -9.342  -3.133  1.00 45.70 ? 127 ILE A CD1 1 
ATOM   1096 N  N   . ASP A 1 140 ? 8.666   -5.972  -2.807  1.00 44.24 ? 128 ASP A N   1 
ATOM   1097 C  CA  . ASP A 1 140 ? 10.015  -5.615  -2.410  1.00 44.64 ? 128 ASP A CA  1 
ATOM   1098 C  C   . ASP A 1 140 ? 10.155  -4.144  -2.108  1.00 44.55 ? 128 ASP A C   1 
ATOM   1099 O  O   . ASP A 1 140 ? 10.744  -3.790  -1.121  1.00 44.61 ? 128 ASP A O   1 
ATOM   1100 C  CB  . ASP A 1 140 ? 11.016  -6.000  -3.481  1.00 44.70 ? 128 ASP A CB  1 
ATOM   1101 C  CG  . ASP A 1 140 ? 11.235  -7.484  -3.567  1.00 49.36 ? 128 ASP A CG  1 
ATOM   1102 O  OD1 . ASP A 1 140 ? 11.106  -8.184  -2.506  1.00 52.10 ? 128 ASP A OD1 1 
ATOM   1103 O  OD2 . ASP A 1 140 ? 11.589  -8.030  -4.660  1.00 54.68 ? 128 ASP A OD2 1 
ATOM   1104 N  N   . GLN A 1 141 ? 9.596   -3.278  -2.946  1.00 46.22 ? 129 GLN A N   1 
ATOM   1105 C  CA  . GLN A 1 141 ? 9.635   -1.838  -2.687  1.00 46.91 ? 129 GLN A CA  1 
ATOM   1106 C  C   . GLN A 1 141 ? 8.782   -1.473  -1.474  1.00 47.30 ? 129 GLN A C   1 
ATOM   1107 O  O   . GLN A 1 141 ? 9.132   -0.600  -0.712  1.00 48.03 ? 129 GLN A O   1 
ATOM   1108 C  CB  . GLN A 1 141 ? 9.197   -1.053  -3.937  1.00 47.37 ? 129 GLN A CB  1 
ATOM   1109 C  CG  . GLN A 1 141 ? 10.331  -0.904  -4.966  1.00 49.15 ? 129 GLN A CG  1 
ATOM   1110 C  CD  . GLN A 1 141 ? 9.893   -0.723  -6.456  1.00 47.43 ? 129 GLN A CD  1 
ATOM   1111 O  OE1 . GLN A 1 141 ? 8.719   -0.547  -6.770  1.00 45.46 ? 129 GLN A OE1 1 
ATOM   1112 N  NE2 . GLN A 1 141 ? 10.870  -0.810  -7.353  1.00 46.87 ? 129 GLN A NE2 1 
ATOM   1113 N  N   . GLU A 1 142 ? 7.637   -2.136  -1.314  1.00 47.81 ? 130 GLU A N   1 
ATOM   1114 C  CA  . GLU A 1 142 ? 6.761   -1.883  -0.168  1.00 47.20 ? 130 GLU A CA  1 
ATOM   1115 C  C   . GLU A 1 142 ? 7.470   -2.286  1.111   1.00 47.23 ? 130 GLU A C   1 
ATOM   1116 O  O   . GLU A 1 142 ? 7.295   -1.643  2.128   1.00 47.40 ? 130 GLU A O   1 
ATOM   1117 C  CB  . GLU A 1 142 ? 5.445   -2.636  -0.298  1.00 46.51 ? 130 GLU A CB  1 
ATOM   1118 C  CG  . GLU A 1 142 ? 4.516   -2.085  -1.377  1.00 48.35 ? 130 GLU A CG  1 
ATOM   1119 C  CD  . GLU A 1 142 ? 4.025   -0.669  -1.112  1.00 49.43 ? 130 GLU A CD  1 
ATOM   1120 O  OE1 . GLU A 1 142 ? 4.174   -0.202  0.050   1.00 50.47 ? 130 GLU A OE1 1 
ATOM   1121 O  OE2 . GLU A 1 142 ? 3.491   -0.032  -2.069  1.00 45.96 ? 130 GLU A OE2 1 
ATOM   1122 N  N   . LYS A 1 143 ? 8.272   -3.355  1.043   1.00 46.82 ? 131 LYS A N   1 
ATOM   1123 C  CA  . LYS A 1 143 ? 8.969   -3.868  2.217   1.00 45.90 ? 131 LYS A CA  1 
ATOM   1124 C  C   . LYS A 1 143 ? 10.146  -2.970  2.597   1.00 45.77 ? 131 LYS A C   1 
ATOM   1125 O  O   . LYS A 1 143 ? 10.533  -2.918  3.752   1.00 44.58 ? 131 LYS A O   1 
ATOM   1126 C  CB  . LYS A 1 143 ? 9.477   -5.270  1.964   1.00 45.86 ? 131 LYS A CB  1 
ATOM   1127 C  CG  . LYS A 1 143 ? 8.449   -6.393  2.000   1.00 44.89 ? 131 LYS A CG  1 
ATOM   1128 C  CD  . LYS A 1 143 ? 9.183   -7.757  2.118   1.00 46.78 ? 131 LYS A CD  1 
ATOM   1129 C  CE  . LYS A 1 143 ? 9.799   -8.214  0.796   1.00 45.47 ? 131 LYS A CE  1 
ATOM   1130 N  NZ  . LYS A 1 143 ? 11.066  -8.854  1.031   1.00 45.73 ? 131 LYS A NZ  1 
ATOM   1131 N  N   . GLU A 1 144 ? 10.711  -2.272  1.616   1.00 46.44 ? 132 GLU A N   1 
ATOM   1132 C  CA  . GLU A 1 144 ? 11.655  -1.163  1.866   1.00 47.03 ? 132 GLU A CA  1 
ATOM   1133 C  C   . GLU A 1 144 ? 10.996  0.101   2.457   1.00 46.85 ? 132 GLU A C   1 
ATOM   1134 O  O   . GLU A 1 144 ? 11.633  0.820   3.198   1.00 46.51 ? 132 GLU A O   1 
ATOM   1135 C  CB  . GLU A 1 144 ? 12.377  -0.763  0.576   1.00 47.59 ? 132 GLU A CB  1 
ATOM   1136 C  CG  . GLU A 1 144 ? 13.406  -1.771  0.077   1.00 49.21 ? 132 GLU A CG  1 
ATOM   1137 C  CD  . GLU A 1 144 ? 14.533  -1.971  1.043   1.00 51.81 ? 132 GLU A CD  1 
ATOM   1138 O  OE1 . GLU A 1 144 ? 14.860  -1.024  1.816   1.00 52.98 ? 132 GLU A OE1 1 
ATOM   1139 O  OE2 . GLU A 1 144 ? 15.089  -3.092  1.023   1.00 58.53 ? 132 GLU A OE2 1 
ATOM   1140 N  N   . HIS A 1 145 ? 9.740   0.387   2.099   1.00 46.51 ? 133 HIS A N   1 
ATOM   1141 C  CA  . HIS A 1 145 ? 9.019   1.507   2.694   1.00 46.14 ? 133 HIS A CA  1 
ATOM   1142 C  C   . HIS A 1 145 ? 8.900   1.211   4.149   1.00 45.33 ? 133 HIS A C   1 
ATOM   1143 O  O   . HIS A 1 145 ? 9.157   2.061   4.984   1.00 44.93 ? 133 HIS A O   1 
ATOM   1144 C  CB  . HIS A 1 145 ? 7.592   1.640   2.162   1.00 46.44 ? 133 HIS A CB  1 
ATOM   1145 C  CG  . HIS A 1 145 ? 7.502   2.137   0.760   1.00 49.60 ? 133 HIS A CG  1 
ATOM   1146 N  ND1 . HIS A 1 145 ? 6.325   2.637   0.217   1.00 51.17 ? 133 HIS A ND1 1 
ATOM   1147 C  CD2 . HIS A 1 145 ? 8.438   2.226   -0.214  1.00 51.58 ? 133 HIS A CD2 1 
ATOM   1148 C  CE1 . HIS A 1 145 ? 6.546   2.990   -1.035  1.00 52.76 ? 133 HIS A CE1 1 
ATOM   1149 N  NE2 . HIS A 1 145 ? 7.818   2.758   -1.320  1.00 51.80 ? 133 HIS A NE2 1 
ATOM   1150 N  N   . LEU A 1 146 ? 8.461   -0.009  4.436   1.00 44.87 ? 134 LEU A N   1 
ATOM   1151 C  CA  . LEU A 1 146 ? 8.297   -0.495  5.800   1.00 45.15 ? 134 LEU A CA  1 
ATOM   1152 C  C   . LEU A 1 146 ? 9.592   -0.402  6.642   1.00 44.73 ? 134 LEU A C   1 
ATOM   1153 O  O   . LEU A 1 146 ? 9.577   0.088   7.752   1.00 43.63 ? 134 LEU A O   1 
ATOM   1154 C  CB  . LEU A 1 146 ? 7.786   -1.939  5.788   1.00 44.90 ? 134 LEU A CB  1 
ATOM   1155 C  CG  . LEU A 1 146 ? 7.563   -2.514  7.186   1.00 45.26 ? 134 LEU A CG  1 
ATOM   1156 C  CD1 . LEU A 1 146 ? 6.555   -1.640  7.996   1.00 43.28 ? 134 LEU A CD1 1 
ATOM   1157 C  CD2 . LEU A 1 146 ? 7.147   -3.964  7.084   1.00 45.02 ? 134 LEU A CD2 1 
ATOM   1158 N  N   . ARG A 1 147 ? 10.693  -0.871  6.086   1.00 45.11 ? 135 ARG A N   1 
ATOM   1159 C  CA  . ARG A 1 147 ? 11.992  -0.760  6.735   1.00 45.33 ? 135 ARG A CA  1 
ATOM   1160 C  C   . ARG A 1 147 ? 12.324  0.700   7.049   1.00 45.33 ? 135 ARG A C   1 
ATOM   1161 O  O   . ARG A 1 147 ? 12.899  1.009   8.119   1.00 44.73 ? 135 ARG A O   1 
ATOM   1162 C  CB  . ARG A 1 147 ? 13.053  -1.333  5.810   1.00 45.64 ? 135 ARG A CB  1 
ATOM   1163 C  CG  . ARG A 1 147 ? 14.484  -1.220  6.306   1.00 48.90 ? 135 ARG A CG  1 
ATOM   1164 C  CD  . ARG A 1 147 ? 15.462  -1.132  5.161   1.00 53.98 ? 135 ARG A CD  1 
ATOM   1165 N  NE  . ARG A 1 147 ? 15.347  0.173   4.484   1.00 57.43 ? 135 ARG A NE  1 
ATOM   1166 C  CZ  . ARG A 1 147 ? 15.940  1.286   4.919   1.00 56.47 ? 135 ARG A CZ  1 
ATOM   1167 N  NH1 . ARG A 1 147 ? 16.656  1.265   6.033   1.00 58.73 ? 135 ARG A NH1 1 
ATOM   1168 N  NH2 . ARG A 1 147 ? 15.810  2.426   4.254   1.00 55.57 ? 135 ARG A NH2 1 
ATOM   1169 N  N   . LYS A 1 148 ? 11.978  1.599   6.118   1.00 45.33 ? 136 LYS A N   1 
ATOM   1170 C  CA  . LYS A 1 148 ? 12.241  3.029   6.305   1.00 45.20 ? 136 LYS A CA  1 
ATOM   1171 C  C   . LYS A 1 148 ? 11.391  3.585   7.413   1.00 44.90 ? 136 LYS A C   1 
ATOM   1172 O  O   . LYS A 1 148 ? 11.889  4.319   8.265   1.00 45.54 ? 136 LYS A O   1 
ATOM   1173 C  CB  . LYS A 1 148 ? 12.001  3.817   5.021   1.00 45.90 ? 136 LYS A CB  1 
ATOM   1174 C  CG  . LYS A 1 148 ? 12.299  5.306   5.146   1.00 47.26 ? 136 LYS A CG  1 
ATOM   1175 C  CD  . LYS A 1 148 ? 13.776  5.582   5.278   1.00 48.09 ? 136 LYS A CD  1 
ATOM   1176 C  CE  . LYS A 1 148 ? 14.095  6.956   5.781   1.00 48.00 ? 136 LYS A CE  1 
ATOM   1177 N  NZ  . LYS A 1 148 ? 15.582  7.022   6.061   1.00 46.51 ? 136 LYS A NZ  1 
ATOM   1178 N  N   . LEU A 1 149 ? 10.114  3.212   7.427   1.00 44.65 ? 137 LEU A N   1 
ATOM   1179 C  CA  . LEU A 1 149 ? 9.224   3.569   8.533   1.00 44.88 ? 137 LEU A CA  1 
ATOM   1180 C  C   . LEU A 1 149 ? 9.731   3.075   9.909   1.00 45.40 ? 137 LEU A C   1 
ATOM   1181 O  O   . LEU A 1 149 ? 9.654   3.785   10.896  1.00 45.84 ? 137 LEU A O   1 
ATOM   1182 C  CB  . LEU A 1 149 ? 7.800   3.051   8.262   1.00 44.85 ? 137 LEU A CB  1 
ATOM   1183 C  CG  . LEU A 1 149 ? 7.041   3.591   7.037   1.00 42.73 ? 137 LEU A CG  1 
ATOM   1184 C  CD1 . LEU A 1 149 ? 5.694   2.920   6.870   1.00 41.89 ? 137 LEU A CD1 1 
ATOM   1185 C  CD2 . LEU A 1 149 ? 6.828   5.084   7.119   1.00 42.77 ? 137 LEU A CD2 1 
ATOM   1186 N  N   . LEU A 1 150 ? 10.258  1.866   9.979   1.00 46.48 ? 138 LEU A N   1 
ATOM   1187 C  CA  . LEU A 1 150 ? 10.772  1.335   11.243  1.00 47.25 ? 138 LEU A CA  1 
ATOM   1188 C  C   . LEU A 1 150 ? 12.095  2.017   11.654  1.00 48.60 ? 138 LEU A C   1 
ATOM   1189 O  O   . LEU A 1 150 ? 12.375  2.211   12.855  1.00 48.20 ? 138 LEU A O   1 
ATOM   1190 C  CB  . LEU A 1 150 ? 10.930  -0.185  11.136  1.00 47.24 ? 138 LEU A CB  1 
ATOM   1191 C  CG  . LEU A 1 150 ? 9.612   -0.964  10.983  1.00 47.03 ? 138 LEU A CG  1 
ATOM   1192 C  CD1 . LEU A 1 150 ? 9.843   -2.398  10.471  1.00 47.11 ? 138 LEU A CD1 1 
ATOM   1193 C  CD2 . LEU A 1 150 ? 8.835   -0.989  12.333  1.00 46.82 ? 138 LEU A CD2 1 
ATOM   1194 N  N   . GLU A 1 151 ? 12.891  2.380   10.647  1.00 50.71 ? 139 GLU A N   1 
ATOM   1195 C  CA  . GLU A 1 151 ? 14.124  3.150   10.833  1.00 52.40 ? 139 GLU A CA  1 
ATOM   1196 C  C   . GLU A 1 151 ? 13.830  4.543   11.432  1.00 53.29 ? 139 GLU A C   1 
ATOM   1197 O  O   . GLU A 1 151 ? 14.464  4.953   12.380  1.00 53.12 ? 139 GLU A O   1 
ATOM   1198 C  CB  . GLU A 1 151 ? 14.880  3.253   9.490   1.00 52.14 ? 139 GLU A CB  1 
ATOM   1199 C  CG  . GLU A 1 151 ? 16.139  4.115   9.490   1.00 52.45 ? 139 GLU A CG  1 
ATOM   1200 C  CD  . GLU A 1 151 ? 16.959  3.946   8.210   1.00 54.59 ? 139 GLU A CD  1 
ATOM   1201 O  OE1 . GLU A 1 151 ? 16.685  4.646   7.207   1.00 57.95 ? 139 GLU A OE1 1 
ATOM   1202 O  OE2 . GLU A 1 151 ? 17.885  3.097   8.199   1.00 59.42 ? 139 GLU A OE2 1 
HETATM 1203 N  N   . MSE A 1 152 ? 12.854  5.243   10.869  1.00 55.00 ? 140 MSE A N   1 
HETATM 1204 C  CA  . MSE A 1 152 ? 12.388  6.518   11.404  1.00 57.43 ? 140 MSE A CA  1 
HETATM 1205 C  C   . MSE A 1 152 ? 11.811  6.374   12.813  1.00 55.47 ? 140 MSE A C   1 
HETATM 1206 O  O   . MSE A 1 152 ? 12.108  7.186   13.687  1.00 54.78 ? 140 MSE A O   1 
HETATM 1207 C  CB  . MSE A 1 152 ? 11.352  7.146   10.467  1.00 56.52 ? 140 MSE A CB  1 
HETATM 1208 C  CG  . MSE A 1 152 ? 11.921  7.650   9.159   1.00 58.83 ? 140 MSE A CG  1 
HETATM 1209 SE SE  . MSE A 1 152 ? 10.521  8.193   7.898   1.00 69.60 ? 140 MSE A SE  1 
HETATM 1210 C  CE  . MSE A 1 152 ? 9.994   9.933   8.653   1.00 67.24 ? 140 MSE A CE  1 
ATOM   1211 N  N   . LYS A 1 153 ? 10.998  5.347   13.045  1.00 54.75 ? 141 LYS A N   1 
ATOM   1212 C  CA  . LYS A 1 153 ? 10.472  5.113   14.394  1.00 54.42 ? 141 LYS A CA  1 
ATOM   1213 C  C   . LYS A 1 153 ? 11.596  4.963   15.414  1.00 55.03 ? 141 LYS A C   1 
ATOM   1214 O  O   . LYS A 1 153 ? 11.599  5.578   16.488  1.00 54.85 ? 141 LYS A O   1 
ATOM   1215 C  CB  . LYS A 1 153 ? 9.606   3.860   14.438  1.00 53.76 ? 141 LYS A CB  1 
ATOM   1216 C  CG  . LYS A 1 153 ? 8.845   3.703   15.757  1.00 53.25 ? 141 LYS A CG  1 
ATOM   1217 C  CD  . LYS A 1 153 ? 8.064   2.387   15.825  1.00 53.81 ? 141 LYS A CD  1 
ATOM   1218 C  CE  . LYS A 1 153 ? 7.708   1.993   17.266  1.00 52.97 ? 141 LYS A CE  1 
ATOM   1219 N  NZ  . LYS A 1 153 ? 6.706   2.916   17.898  1.00 54.37 ? 141 LYS A NZ  1 
ATOM   1220 N  N   . ARG A 1 154 ? 12.543  4.103   15.069  1.00 56.05 ? 142 ARG A N   1 
ATOM   1221 C  CA  . ARG A 1 154 ? 13.617  3.713   15.962  1.00 56.62 ? 142 ARG A CA  1 
ATOM   1222 C  C   . ARG A 1 154 ? 14.523  4.896   16.258  1.00 56.48 ? 142 ARG A C   1 
ATOM   1223 O  O   . ARG A 1 154 ? 14.977  5.064   17.382  1.00 57.05 ? 142 ARG A O   1 
ATOM   1224 C  CB  . ARG A 1 154 ? 14.409  2.612   15.276  1.00 56.69 ? 142 ARG A CB  1 
ATOM   1225 C  CG  . ARG A 1 154 ? 15.297  1.754   16.153  1.00 58.02 ? 142 ARG A CG  1 
ATOM   1226 C  CD  . ARG A 1 154 ? 16.309  0.955   15.343  1.00 59.34 ? 142 ARG A CD  1 
ATOM   1227 N  NE  . ARG A 1 154 ? 17.146  1.853   14.538  1.00 61.83 ? 142 ARG A NE  1 
ATOM   1228 C  CZ  . ARG A 1 154 ? 18.337  2.349   14.921  1.00 65.47 ? 142 ARG A CZ  1 
ATOM   1229 N  NH1 . ARG A 1 154 ? 18.890  2.025   16.104  1.00 65.35 ? 142 ARG A NH1 1 
ATOM   1230 N  NH2 . ARG A 1 154 ? 18.993  3.182   14.107  1.00 66.50 ? 142 ARG A NH2 1 
ATOM   1231 N  N   . GLU A 1 155 ? 14.778  5.713   15.240  1.00 56.65 ? 143 GLU A N   1 
ATOM   1232 C  CA  . GLU A 1 155 ? 15.751  6.793   15.310  1.00 57.12 ? 143 GLU A CA  1 
ATOM   1233 C  C   . GLU A 1 155 ? 15.203  8.104   15.859  1.00 57.38 ? 143 GLU A C   1 
ATOM   1234 O  O   . GLU A 1 155 ? 15.728  8.662   16.828  1.00 57.39 ? 143 GLU A O   1 
ATOM   1235 C  CB  . GLU A 1 155 ? 16.312  7.052   13.925  1.00 56.87 ? 143 GLU A CB  1 
ATOM   1236 C  CG  . GLU A 1 155 ? 17.232  5.949   13.435  1.00 58.05 ? 143 GLU A CG  1 
ATOM   1237 C  CD  . GLU A 1 155 ? 17.775  6.218   12.035  1.00 58.61 ? 143 GLU A CD  1 
ATOM   1238 O  OE1 . GLU A 1 155 ? 17.133  7.035   11.275  1.00 58.66 ? 143 GLU A OE1 1 
ATOM   1239 O  OE2 . GLU A 1 155 ? 18.839  5.609   11.712  1.00 57.12 ? 143 GLU A OE2 1 
ATOM   1240 N  N   . SER A 1 156 ? 14.153  8.604   15.230  1.00 57.65 ? 144 SER A N   1 
ATOM   1241 C  CA  . SER A 1 156 ? 13.692  9.951   15.503  1.00 58.08 ? 144 SER A CA  1 
ATOM   1242 C  C   . SER A 1 156 ? 12.399  9.953   16.326  1.00 58.32 ? 144 SER A C   1 
ATOM   1243 O  O   . SER A 1 156 ? 11.625  10.928  16.321  1.00 58.59 ? 144 SER A O   1 
ATOM   1244 C  CB  . SER A 1 156 ? 13.569  10.717  14.179  1.00 58.19 ? 144 SER A CB  1 
ATOM   1245 O  OG  . SER A 1 156 ? 13.752  9.856   13.060  1.00 59.10 ? 144 SER A OG  1 
ATOM   1246 N  N   . THR A 1 157 ? 12.185  8.865   17.065  1.00 58.59 ? 145 THR A N   1 
ATOM   1247 C  CA  . THR A 1 157 ? 10.961  8.699   17.866  1.00 58.70 ? 145 THR A CA  1 
ATOM   1248 C  C   . THR A 1 157 ? 11.322  8.136   19.255  1.00 58.56 ? 145 THR A C   1 
ATOM   1249 O  O   . THR A 1 157 ? 10.514  8.241   20.195  1.00 58.16 ? 145 THR A O   1 
ATOM   1250 C  CB  . THR A 1 157 ? 9.921   7.815   17.078  1.00 58.71 ? 145 THR A CB  1 
ATOM   1251 O  OG1 . THR A 1 157 ? 9.078   8.652   16.275  1.00 59.03 ? 145 THR A OG1 1 
ATOM   1252 C  CG2 . THR A 1 157 ? 8.947   7.023   17.992  1.00 58.43 ? 145 THR A CG2 1 
ATOM   1253 O  OXT . THR A 1 157 ? 12.433  7.605   19.453  1.00 58.14 ? 145 THR A OXT 1 
HETATM 1254 O  O   . HOH B 2 .   ? -13.910 -10.361 -12.340 1.00 26.62 ? 146 HOH A O   1 
HETATM 1255 O  O   . HOH B 2 .   ? -4.827  -4.793  3.622   1.00 30.12 ? 147 HOH A O   1 
HETATM 1256 O  O   . HOH B 2 .   ? -5.487  8.126   2.530   1.00 32.39 ? 148 HOH A O   1 
HETATM 1257 O  O   . HOH B 2 .   ? -1.303  1.142   1.429   1.00 32.74 ? 149 HOH A O   1 
HETATM 1258 O  O   . HOH B 2 .   ? -4.005  -15.746 -2.339  1.00 34.08 ? 150 HOH A O   1 
HETATM 1259 O  O   . HOH B 2 .   ? 3.192   -16.355 -5.765  1.00 36.10 ? 151 HOH A O   1 
HETATM 1260 O  O   . HOH B 2 .   ? 12.841  -5.479  -0.066  1.00 36.25 ? 152 HOH A O   1 
HETATM 1261 O  O   . HOH B 2 .   ? 2.926   -14.370 -2.854  1.00 36.76 ? 153 HOH A O   1 
HETATM 1262 O  O   . HOH B 2 .   ? 14.986  -0.248  12.621  1.00 39.05 ? 154 HOH A O   1 
HETATM 1263 O  O   . HOH B 2 .   ? -11.165 -1.285  -1.230  1.00 39.42 ? 155 HOH A O   1 
HETATM 1264 O  O   . HOH B 2 .   ? -9.039  -11.308 -21.669 1.00 39.75 ? 156 HOH A O   1 
HETATM 1265 O  O   . HOH B 2 .   ? 1.503   3.225   5.607   1.00 40.00 ? 157 HOH A O   1 
HETATM 1266 O  O   . HOH B 2 .   ? 1.945   -0.072  14.552  1.00 40.35 ? 158 HOH A O   1 
HETATM 1267 O  O   . HOH B 2 .   ? -8.149  1.438   0.845   1.00 40.72 ? 159 HOH A O   1 
HETATM 1268 O  O   . HOH B 2 .   ? -8.624  -0.895  -0.224  1.00 40.77 ? 160 HOH A O   1 
HETATM 1269 O  O   . HOH B 2 .   ? -2.107  -17.227 -0.694  1.00 41.03 ? 161 HOH A O   1 
HETATM 1270 O  O   . HOH B 2 .   ? 0.857   0.119   0.152   1.00 41.16 ? 162 HOH A O   1 
HETATM 1271 O  O   . HOH B 2 .   ? 12.981  -13.532 -2.371  1.00 41.49 ? 163 HOH A O   1 
HETATM 1272 O  O   . HOH B 2 .   ? -9.332  -6.839  -13.434 1.00 41.67 ? 164 HOH A O   1 
HETATM 1273 O  O   . HOH B 2 .   ? 4.390   2.294   1.962   1.00 41.76 ? 165 HOH A O   1 
HETATM 1274 O  O   . HOH B 2 .   ? 11.187  0.789   15.022  1.00 42.27 ? 166 HOH A O   1 
HETATM 1275 O  O   . HOH B 2 .   ? 4.550   0.781   15.643  1.00 42.40 ? 167 HOH A O   1 
HETATM 1276 O  O   . HOH B 2 .   ? 12.248  -11.609 1.793   1.00 43.53 ? 168 HOH A O   1 
HETATM 1277 O  O   . HOH B 2 .   ? 1.439   -2.729  -15.221 1.00 44.64 ? 169 HOH A O   1 
HETATM 1278 O  O   . HOH B 2 .   ? -4.452  -2.780  11.298  1.00 45.00 ? 170 HOH A O   1 
HETATM 1279 O  O   . HOH B 2 .   ? -11.280 -15.762 -1.123  1.00 45.28 ? 171 HOH A O   1 
HETATM 1280 O  O   . HOH B 2 .   ? -0.693  6.132   16.461  1.00 45.75 ? 172 HOH A O   1 
HETATM 1281 O  O   . HOH B 2 .   ? 3.202   -7.080  -15.795 1.00 46.40 ? 173 HOH A O   1 
HETATM 1282 O  O   . HOH B 2 .   ? -4.450  -2.313  4.550   1.00 47.56 ? 174 HOH A O   1 
HETATM 1283 O  O   . HOH B 2 .   ? -5.093  -0.739  6.880   1.00 47.73 ? 175 HOH A O   1 
HETATM 1284 O  O   . HOH B 2 .   ? -2.674  17.017  6.383   1.00 48.11 ? 176 HOH A O   1 
HETATM 1285 O  O   . HOH B 2 .   ? 15.449  13.904  10.359  1.00 48.20 ? 177 HOH A O   1 
HETATM 1286 O  O   . HOH B 2 .   ? 7.461   -1.160  -8.901  1.00 48.29 ? 178 HOH A O   1 
HETATM 1287 O  O   . HOH B 2 .   ? 9.064   1.965   -4.449  1.00 48.68 ? 179 HOH A O   1 
HETATM 1288 O  O   . HOH B 2 .   ? -0.688  -4.256  10.949  1.00 49.20 ? 180 HOH A O   1 
HETATM 1289 O  O   . HOH B 2 .   ? -9.442  -9.170  6.314   1.00 49.57 ? 181 HOH A O   1 
HETATM 1290 O  O   . HOH B 2 .   ? -5.278  9.844   4.313   1.00 49.60 ? 182 HOH A O   1 
HETATM 1291 O  O   . HOH B 2 .   ? 6.856   -3.152  -10.788 1.00 49.90 ? 183 HOH A O   1 
HETATM 1292 O  O   . HOH B 2 .   ? -9.436  9.494   5.354   1.00 50.18 ? 184 HOH A O   1 
HETATM 1293 O  O   . HOH B 2 .   ? -9.912  0.537   -7.311  1.00 50.35 ? 185 HOH A O   1 
HETATM 1294 O  O   . HOH B 2 .   ? -7.095  8.979   -3.002  1.00 50.89 ? 186 HOH A O   1 
HETATM 1295 O  O   . HOH B 2 .   ? 0.702   2.093   3.428   1.00 51.36 ? 187 HOH A O   1 
HETATM 1296 O  O   . HOH B 2 .   ? 7.678   11.569  18.078  1.00 51.55 ? 188 HOH A O   1 
HETATM 1297 O  O   . HOH B 2 .   ? 14.434  -0.695  9.816   1.00 51.81 ? 189 HOH A O   1 
HETATM 1298 O  O   . HOH B 2 .   ? 7.119   -14.557 -7.481  1.00 52.11 ? 190 HOH A O   1 
HETATM 1299 O  O   . HOH B 2 .   ? -14.145 -16.182 -16.534 1.00 52.61 ? 191 HOH A O   1 
HETATM 1300 O  O   . HOH B 2 .   ? 16.983  1.332   11.504  1.00 53.44 ? 192 HOH A O   1 
HETATM 1301 O  O   . HOH B 2 .   ? 16.997  0.319   8.915   1.00 53.44 ? 193 HOH A O   1 
HETATM 1302 O  O   . HOH B 2 .   ? -11.422 -2.335  6.345   1.00 53.67 ? 194 HOH A O   1 
HETATM 1303 O  O   . HOH B 2 .   ? -11.035 4.535   4.048   1.00 54.68 ? 195 HOH A O   1 
HETATM 1304 O  O   . HOH B 2 .   ? 6.472   -16.441 -10.782 1.00 54.79 ? 196 HOH A O   1 
HETATM 1305 O  O   . HOH B 2 .   ? -11.158 10.432  10.698  1.00 55.60 ? 197 HOH A O   1 
HETATM 1306 O  O   . HOH B 2 .   ? -7.859  7.867   -7.007  1.00 56.69 ? 198 HOH A O   1 
HETATM 1307 O  O   . HOH B 2 .   ? -4.133  9.525   -4.493  1.00 57.30 ? 199 HOH A O   1 
HETATM 1308 O  O   . HOH B 2 .   ? -8.300  10.351  11.805  1.00 58.62 ? 200 HOH A O   1 
HETATM 1309 O  O   . HOH B 2 .   ? 14.649  16.339  8.992   1.00 59.02 ? 201 HOH A O   1 
HETATM 1310 O  O   . HOH B 2 .   ? -5.911  -16.728 -11.472 1.00 63.37 ? 202 HOH A O   1 
HETATM 1311 O  O   . HOH B 2 .   ? 17.545  5.435   3.707   1.00 64.02 ? 203 HOH A O   1 
HETATM 1312 O  O   . HOH B 2 .   ? -13.914 -7.476  -9.315  0.50 53.69 ? 204 HOH A O   1 
HETATM 1313 O  O   . HOH B 2 .   ? -0.838  -3.130  14.726  0.50 54.71 ? 205 HOH A O   1 
# 
